data_9CMF
#
_entry.id   9CMF
#
_cell.length_a   1.00
_cell.length_b   1.00
_cell.length_c   1.00
_cell.angle_alpha   90.00
_cell.angle_beta   90.00
_cell.angle_gamma   90.00
#
_symmetry.space_group_name_H-M   'P 1'
#
loop_
_entity.id
_entity.type
_entity.pdbx_description
1 polymer 'Oxygen sensor protein DosP'
2 non-polymer 'PROTOPORPHYRIN IX CONTAINING FE'
3 non-polymer 'OXYGEN MOLECULE'
4 non-polymer "9,9'-[(2R,3R,3aS,5S,7aR,9R,10R,10aS,12S,14aR)-3,5,10,12-tetrahydroxy-5,12-dioxidooctahydro-2H,7H-difuro[3,2-d:3',2'-j][1,3,7,9,2,8]tetraoxadiphosphacyclododecine-2,9-diyl]bis(2-amino-1,9-dihydro-6H-purin-6-one)"
5 non-polymer 'MAGNESIUM ION'
#
_entity_poly.entity_id   1
_entity_poly.type   'polypeptide(L)'
_entity_poly.pdbx_seq_one_letter_code
;GIFFPALEQNMMGAVLINENDEVMFFNPAAEKLWGYKREEVIGNNIDMLIPRDLRPAHPEYIRHNREGGKARVEGMSREL
QLEKKDGSKIWTRFALSKVSAEGKVYYLALVRDASVEMAQKEQTRQLIIAVDHLDRPVIVLDPERHIVQCNRAFTEMFGY
CISEASGMQPDTLLNTPEFPADNRIRLQQLLWKTARDQDEFLLLTRTGEKIWIKASISPVYDVLAHLQNLVMTFSDITEE
RQIRQLEGNILAAMCSSPPFHEMGEIICRNIESVLNESHVSLFALRNGMPIHWASSSHGAEIQNAQSWSATIRQRDGAPA
GILQIKTSSGAETSAFIERVADISQHMAALALEQEKSRQHIEQLIQFDPMTGLPNRNNLHNYLDDLVDKAVSPVVYLIGV
DHIQDVIDSLGYAWADQALLEVVNRFREKLKPDQYLCRIEGTQFVLVSLENDVSNITQIADELRNVVSKPIMIDDKPFPL
TLSIGISYDLGKNRDYLLSTAHNAMDYIRKNGGNGWQFFSPAMNEMVKERLVLGAALKEAISNNQLKLVYQPQIFAETGE
LYGIEALARWHDPLHGHVPPSRFIPLAEEIGEIENIGRWVIAEACRQLAEWRSQNIHIPALSVNLSALHFRSNQLPNQVS
DAMHAWGIDGHQLTVEITESMMMEHDTEIFKRIQILRDMGVGLSVDDFGTGFSGLSRLVSLPVTEIKIDKSFVDRCLTEK
RILALLEAITSIGQSLNLTVVAEGVETKEQFEMLRKIHCRVIQGYFFSRPLPAEEIPGWMSSVLPLKI
;
_entity_poly.pdbx_strand_id   A,B
#
loop_
_chem_comp.id
_chem_comp.type
_chem_comp.name
_chem_comp.formula
C2E non-polymer 9,9'-[(2R,3R,3aS,5S,7aR,9R,10R,10aS,12S,14aR)-3,5,10,12-tetrahydroxy-5,12-dioxidooctahydro-2H,7H-difuro[3,2-d:3',2'-j][1,3,7,9,2,8]tetraoxadiphosphacyclododecine-2,9-diyl]bis(2-amino-1,9-dihydro-6H-purin-6-one) 'C20 H24 N10 O14 P2'
HEM non-polymer 'PROTOPORPHYRIN IX CONTAINING FE' 'C34 H32 Fe N4 O4'
MG non-polymer 'MAGNESIUM ION' 'Mg 2'
OXY non-polymer 'OXYGEN MOLECULE' O2
#
# COMPACT_ATOMS: atom_id res chain seq x y z
N GLY A 1 -83.73 -0.96 -62.12
CA GLY A 1 -82.75 -1.24 -61.09
C GLY A 1 -82.54 -0.09 -60.13
N ILE A 2 -82.70 -0.36 -58.83
CA ILE A 2 -82.55 0.68 -57.82
C ILE A 2 -81.11 1.08 -57.59
N PHE A 3 -80.15 0.33 -58.12
CA PHE A 3 -78.74 0.61 -57.91
C PHE A 3 -78.19 1.66 -58.85
N PHE A 4 -78.95 2.05 -59.88
CA PHE A 4 -78.47 3.09 -60.80
C PHE A 4 -78.13 4.38 -60.07
N PRO A 5 -79.05 5.04 -59.36
CA PRO A 5 -78.68 6.26 -58.64
C PRO A 5 -77.67 6.01 -57.54
N ALA A 6 -77.64 4.81 -56.96
CA ALA A 6 -76.67 4.50 -55.92
C ALA A 6 -75.26 4.59 -56.46
N LEU A 7 -74.98 3.88 -57.55
CA LEU A 7 -73.67 3.98 -58.17
C LEU A 7 -73.46 5.33 -58.84
N GLU A 8 -74.54 6.07 -59.12
CA GLU A 8 -74.39 7.41 -59.67
C GLU A 8 -73.86 8.38 -58.62
N GLN A 9 -74.36 8.29 -57.40
CA GLN A 9 -73.96 9.21 -56.34
C GLN A 9 -72.92 8.63 -55.40
N ASN A 10 -72.40 7.43 -55.69
CA ASN A 10 -71.39 6.81 -54.83
C ASN A 10 -70.18 7.73 -54.66
N MET A 11 -69.40 7.46 -53.61
CA MET A 11 -68.20 8.24 -53.35
C MET A 11 -67.22 8.12 -54.50
N MET A 12 -66.91 6.90 -54.93
CA MET A 12 -65.97 6.67 -56.01
C MET A 12 -66.57 7.15 -57.32
N GLY A 13 -65.80 7.92 -58.08
CA GLY A 13 -66.21 8.26 -59.42
C GLY A 13 -66.18 7.05 -60.33
N ALA A 14 -67.26 6.80 -61.06
CA ALA A 14 -67.39 5.62 -61.91
C ALA A 14 -67.45 6.04 -63.36
N VAL A 15 -66.56 5.46 -64.18
CA VAL A 15 -66.51 5.71 -65.61
C VAL A 15 -66.71 4.38 -66.32
N LEU A 16 -67.68 4.32 -67.22
CA LEU A 16 -68.02 3.13 -67.99
C LEU A 16 -67.73 3.38 -69.46
N ILE A 17 -67.06 2.43 -70.11
CA ILE A 17 -66.74 2.52 -71.53
C ILE A 17 -67.21 1.25 -72.22
N ASN A 18 -67.73 1.41 -73.44
CA ASN A 18 -68.26 0.32 -74.24
C ASN A 18 -67.16 -0.23 -75.16
N GLU A 19 -67.55 -1.02 -76.15
CA GLU A 19 -66.59 -1.61 -77.07
C GLU A 19 -65.79 -0.56 -77.82
N ASN A 20 -66.45 0.51 -78.25
CA ASN A 20 -65.84 1.51 -79.11
C ASN A 20 -64.86 2.43 -78.38
N ASP A 21 -64.46 2.11 -77.15
CA ASP A 21 -63.54 2.93 -76.36
C ASP A 21 -64.07 4.35 -76.16
N GLU A 22 -65.40 4.48 -76.09
CA GLU A 22 -66.05 5.76 -75.87
C GLU A 22 -66.84 5.72 -74.56
N VAL A 23 -66.98 6.87 -73.93
CA VAL A 23 -67.64 6.95 -72.63
C VAL A 23 -69.14 6.95 -72.82
N MET A 24 -69.84 6.06 -72.13
CA MET A 24 -71.28 5.95 -72.21
C MET A 24 -72.01 6.29 -70.91
N PHE A 25 -71.34 6.14 -69.76
CA PHE A 25 -71.93 6.44 -68.45
C PHE A 25 -70.95 7.28 -67.66
N PHE A 26 -71.48 8.17 -66.82
CA PHE A 26 -70.63 9.11 -66.12
C PHE A 26 -71.47 9.74 -65.02
N ASN A 27 -70.84 10.13 -63.92
CA ASN A 27 -71.59 10.45 -62.72
C ASN A 27 -71.09 11.74 -62.05
N PRO A 28 -71.92 12.35 -61.19
CA PRO A 28 -71.55 13.65 -60.61
C PRO A 28 -70.25 13.66 -59.82
N ALA A 29 -69.92 12.57 -59.12
CA ALA A 29 -68.63 12.53 -58.44
C ALA A 29 -67.49 12.67 -59.44
N ALA A 30 -67.59 11.96 -60.56
CA ALA A 30 -66.57 12.11 -61.59
C ALA A 30 -66.63 13.49 -62.25
N GLU A 31 -67.81 14.11 -62.30
CA GLU A 31 -67.88 15.51 -62.74
C GLU A 31 -67.01 16.39 -61.84
N LYS A 32 -67.15 16.22 -60.53
CA LYS A 32 -66.38 17.02 -59.59
C LYS A 32 -64.89 16.73 -59.72
N LEU A 33 -64.54 15.45 -59.93
CA LEU A 33 -63.14 15.08 -60.03
C LEU A 33 -62.49 15.65 -61.29
N TRP A 34 -63.12 15.46 -62.44
CA TRP A 34 -62.51 15.87 -63.70
C TRP A 34 -62.75 17.35 -63.99
N GLY A 35 -64.00 17.75 -64.12
CA GLY A 35 -64.31 19.13 -64.44
C GLY A 35 -65.36 19.28 -65.52
N TYR A 36 -65.41 18.34 -66.45
CA TYR A 36 -66.37 18.39 -67.54
C TYR A 36 -67.72 17.88 -67.05
N LYS A 37 -68.74 18.08 -67.89
CA LYS A 37 -70.11 17.74 -67.55
C LYS A 37 -70.55 16.48 -68.29
N ARG A 38 -71.76 16.04 -67.98
CA ARG A 38 -72.31 14.86 -68.65
C ARG A 38 -72.45 15.09 -70.14
N GLU A 39 -73.00 16.25 -70.53
CA GLU A 39 -73.11 16.58 -71.95
C GLU A 39 -71.75 16.79 -72.58
N GLU A 40 -70.74 17.12 -71.76
CA GLU A 40 -69.40 17.34 -72.28
C GLU A 40 -68.59 16.06 -72.39
N VAL A 41 -69.03 14.98 -71.76
CA VAL A 41 -68.27 13.73 -71.70
C VAL A 41 -68.94 12.63 -72.50
N ILE A 42 -70.28 12.51 -72.41
CA ILE A 42 -70.97 11.35 -72.95
C ILE A 42 -70.81 11.31 -74.47
N GLY A 43 -70.52 10.12 -74.99
CA GLY A 43 -70.40 9.92 -76.42
C GLY A 43 -69.05 10.28 -77.00
N ASN A 44 -68.00 10.30 -76.19
CA ASN A 44 -66.67 10.66 -76.64
C ASN A 44 -65.69 9.57 -76.28
N ASN A 45 -64.65 9.42 -77.11
CA ASN A 45 -63.66 8.38 -76.90
C ASN A 45 -62.87 8.63 -75.61
N ILE A 46 -62.45 7.53 -74.99
CA ILE A 46 -61.65 7.62 -73.76
C ILE A 46 -60.33 8.33 -74.01
N ASP A 47 -59.96 8.53 -75.27
CA ASP A 47 -58.73 9.25 -75.59
C ASP A 47 -58.75 10.66 -75.00
N MET A 48 -59.89 11.36 -75.09
CA MET A 48 -59.96 12.70 -74.52
C MET A 48 -59.75 12.69 -73.02
N LEU A 49 -60.20 11.64 -72.33
CA LEU A 49 -60.00 11.55 -70.89
C LEU A 49 -58.58 11.15 -70.52
N ILE A 50 -57.93 10.34 -71.34
CA ILE A 50 -56.55 9.92 -71.09
C ILE A 50 -55.67 11.17 -71.12
N PRO A 51 -54.65 11.26 -70.26
CA PRO A 51 -53.66 12.34 -70.40
C PRO A 51 -52.93 12.26 -71.74
N ARG A 52 -52.27 13.36 -72.09
CA ARG A 52 -51.74 13.51 -73.44
C ARG A 52 -50.58 12.57 -73.73
N ASP A 53 -49.78 12.21 -72.72
CA ASP A 53 -48.60 11.40 -72.98
C ASP A 53 -48.97 10.00 -73.46
N LEU A 54 -49.98 9.40 -72.85
CA LEU A 54 -50.37 8.02 -73.15
C LEU A 54 -51.35 7.91 -74.31
N ARG A 55 -51.71 9.05 -74.92
CA ARG A 55 -52.75 9.06 -75.95
C ARG A 55 -52.56 8.02 -77.04
N PRO A 56 -51.36 7.83 -77.63
CA PRO A 56 -51.23 6.77 -78.63
C PRO A 56 -51.13 5.40 -78.01
N ALA A 57 -50.52 5.30 -76.82
CA ALA A 57 -50.24 4.00 -76.23
C ALA A 57 -51.49 3.35 -75.67
N HIS A 58 -52.42 4.16 -75.18
CA HIS A 58 -53.64 3.61 -74.58
C HIS A 58 -54.46 2.73 -75.52
N PRO A 59 -54.68 3.10 -76.79
CA PRO A 59 -55.47 2.22 -77.67
C PRO A 59 -54.88 0.83 -77.84
N GLU A 60 -53.57 0.69 -78.02
CA GLU A 60 -53.03 -0.67 -78.17
C GLU A 60 -53.00 -1.39 -76.84
N TYR A 61 -52.95 -0.66 -75.73
CA TYR A 61 -53.13 -1.30 -74.42
C TYR A 61 -54.50 -1.95 -74.33
N ILE A 62 -55.55 -1.20 -74.71
CA ILE A 62 -56.91 -1.74 -74.68
C ILE A 62 -57.04 -2.91 -75.67
N ARG A 63 -56.45 -2.76 -76.86
CA ARG A 63 -56.52 -3.82 -77.85
C ARG A 63 -55.84 -5.08 -77.36
N HIS A 64 -54.67 -4.95 -76.72
CA HIS A 64 -53.98 -6.09 -76.16
C HIS A 64 -54.79 -6.76 -75.07
N ASN A 65 -55.42 -5.95 -74.21
CA ASN A 65 -56.29 -6.52 -73.18
C ASN A 65 -57.44 -7.30 -73.80
N ARG A 66 -58.08 -6.73 -74.82
CA ARG A 66 -59.19 -7.41 -75.49
C ARG A 66 -58.73 -8.71 -76.14
N GLU A 67 -57.57 -8.70 -76.79
CA GLU A 67 -57.07 -9.89 -77.45
C GLU A 67 -56.70 -10.97 -76.44
N GLY A 68 -56.05 -10.58 -75.33
CA GLY A 68 -55.63 -11.56 -74.35
C GLY A 68 -56.82 -12.17 -73.61
N GLY A 69 -57.74 -11.32 -73.15
CA GLY A 69 -58.87 -11.82 -72.39
C GLY A 69 -58.49 -12.23 -70.99
N LYS A 70 -57.65 -13.26 -70.87
CA LYS A 70 -57.13 -13.75 -69.59
C LYS A 70 -58.28 -14.15 -68.65
N ALA A 71 -59.34 -14.72 -69.22
CA ALA A 71 -60.52 -15.16 -68.47
C ALA A 71 -61.10 -14.02 -67.64
N ARG A 72 -61.44 -12.94 -68.34
CA ARG A 72 -62.04 -11.75 -67.73
C ARG A 72 -61.14 -11.17 -66.65
N VAL A 73 -59.97 -10.71 -67.07
CA VAL A 73 -59.02 -10.07 -66.17
C VAL A 73 -59.46 -8.64 -65.90
N GLU A 74 -59.33 -8.21 -64.65
CA GLU A 74 -59.77 -6.87 -64.25
C GLU A 74 -58.63 -5.97 -63.78
N GLY A 75 -57.40 -6.44 -63.79
CA GLY A 75 -56.30 -5.65 -63.29
C GLY A 75 -56.29 -5.62 -61.76
N MET A 76 -55.44 -4.73 -61.24
CA MET A 76 -55.27 -4.58 -59.80
C MET A 76 -55.38 -3.10 -59.44
N SER A 77 -55.93 -2.83 -58.25
CA SER A 77 -56.04 -1.47 -57.79
C SER A 77 -54.65 -0.85 -57.60
N ARG A 78 -54.52 0.42 -57.97
CA ARG A 78 -53.21 1.06 -57.96
C ARG A 78 -53.40 2.57 -57.88
N GLU A 79 -52.33 3.31 -58.12
CA GLU A 79 -52.32 4.77 -58.04
C GLU A 79 -51.82 5.35 -59.36
N LEU A 80 -52.46 6.43 -59.80
CA LEU A 80 -52.17 7.01 -61.10
C LEU A 80 -52.40 8.52 -61.06
N GLN A 81 -52.24 9.16 -62.22
CA GLN A 81 -52.37 10.60 -62.40
C GLN A 81 -53.58 10.94 -63.26
N LEU A 82 -54.06 12.16 -63.12
CA LEU A 82 -55.11 12.70 -63.97
C LEU A 82 -54.68 14.02 -64.57
N GLU A 83 -55.35 14.41 -65.64
CA GLU A 83 -55.28 15.76 -66.19
C GLU A 83 -56.64 16.41 -66.03
N LYS A 84 -56.69 17.53 -65.31
CA LYS A 84 -57.95 18.19 -65.01
C LYS A 84 -58.34 19.10 -66.17
N LYS A 85 -59.38 19.91 -65.97
CA LYS A 85 -59.84 20.81 -67.02
C LYS A 85 -58.76 21.84 -67.38
N ASP A 86 -58.05 22.34 -66.36
CA ASP A 86 -56.97 23.28 -66.58
C ASP A 86 -55.64 22.60 -66.88
N GLY A 87 -55.62 21.26 -66.92
CA GLY A 87 -54.41 20.51 -67.18
C GLY A 87 -53.64 20.12 -65.95
N SER A 88 -54.14 20.40 -64.75
CA SER A 88 -53.43 20.07 -63.53
C SER A 88 -53.38 18.55 -63.34
N LYS A 89 -52.41 18.10 -62.55
CA LYS A 89 -52.16 16.68 -62.31
C LYS A 89 -52.40 16.35 -60.85
N ILE A 90 -53.18 15.30 -60.60
CA ILE A 90 -53.48 14.85 -59.25
C ILE A 90 -53.25 13.35 -59.15
N TRP A 91 -52.94 12.90 -57.94
CA TRP A 91 -52.78 11.48 -57.64
C TRP A 91 -54.10 10.88 -57.19
N THR A 92 -54.48 9.77 -57.80
CA THR A 92 -55.73 9.12 -57.46
C THR A 92 -55.53 7.62 -57.33
N ARG A 93 -56.43 6.99 -56.60
CA ARG A 93 -56.47 5.53 -56.46
C ARG A 93 -57.51 4.99 -57.44
N PHE A 94 -57.06 4.15 -58.36
CA PHE A 94 -57.89 3.52 -59.37
C PHE A 94 -58.14 2.06 -59.02
N ALA A 95 -59.35 1.60 -59.33
CA ALA A 95 -59.67 0.19 -59.37
C ALA A 95 -60.42 -0.08 -60.66
N LEU A 96 -59.84 -0.89 -61.53
CA LEU A 96 -60.41 -1.18 -62.84
C LEU A 96 -61.21 -2.48 -62.78
N SER A 97 -62.15 -2.62 -63.71
CA SER A 97 -62.96 -3.82 -63.80
C SER A 97 -63.39 -4.03 -65.25
N LYS A 98 -63.37 -5.28 -65.68
CA LYS A 98 -63.76 -5.68 -67.02
C LYS A 98 -65.12 -6.35 -66.99
N VAL A 99 -66.00 -5.94 -67.90
CA VAL A 99 -67.35 -6.47 -68.00
C VAL A 99 -67.58 -7.00 -69.41
N SER A 100 -68.23 -8.15 -69.51
CA SER A 100 -68.57 -8.75 -70.80
C SER A 100 -70.06 -9.08 -70.80
N ALA A 101 -70.83 -8.39 -71.64
CA ALA A 101 -72.27 -8.59 -71.70
C ALA A 101 -72.72 -8.54 -73.16
N GLU A 102 -73.67 -9.42 -73.50
CA GLU A 102 -74.23 -9.51 -74.84
C GLU A 102 -73.12 -9.75 -75.88
N GLY A 103 -72.15 -10.58 -75.52
CA GLY A 103 -71.05 -10.88 -76.41
C GLY A 103 -69.96 -9.81 -76.41
N LYS A 104 -70.35 -8.58 -76.13
CA LYS A 104 -69.42 -7.46 -76.10
C LYS A 104 -68.59 -7.48 -74.82
N VAL A 105 -67.67 -6.52 -74.72
CA VAL A 105 -66.84 -6.35 -73.54
C VAL A 105 -66.84 -4.87 -73.18
N TYR A 106 -67.26 -4.57 -71.95
CA TYR A 106 -67.26 -3.21 -71.43
C TYR A 106 -66.29 -3.11 -70.27
N TYR A 107 -66.06 -1.89 -69.80
CA TYR A 107 -65.14 -1.69 -68.69
C TYR A 107 -65.63 -0.56 -67.80
N LEU A 108 -65.26 -0.63 -66.52
CA LEU A 108 -65.54 0.47 -65.60
C LEU A 108 -64.36 0.67 -64.67
N ALA A 109 -64.02 1.94 -64.44
CA ALA A 109 -62.93 2.30 -63.55
C ALA A 109 -63.46 3.18 -62.43
N LEU A 110 -63.19 2.80 -61.18
CA LEU A 110 -63.63 3.57 -60.04
C LEU A 110 -62.44 4.31 -59.44
N VAL A 111 -62.63 5.60 -59.19
CA VAL A 111 -61.56 6.54 -58.87
C VAL A 111 -61.85 7.24 -57.56
N ARG A 112 -60.82 7.37 -56.72
CA ARG A 112 -60.90 8.17 -55.52
C ARG A 112 -59.67 9.07 -55.44
N ASP A 113 -59.81 10.19 -54.75
CA ASP A 113 -58.65 11.03 -54.49
C ASP A 113 -57.65 10.28 -53.62
N ALA A 114 -56.36 10.52 -53.88
CA ALA A 114 -55.32 9.86 -53.11
C ALA A 114 -54.27 10.84 -52.63
N SER A 115 -54.68 12.08 -52.32
CA SER A 115 -53.72 13.05 -51.81
C SER A 115 -53.13 12.61 -50.48
N VAL A 116 -53.97 12.09 -49.59
CA VAL A 116 -53.49 11.60 -48.30
C VAL A 116 -52.55 10.42 -48.51
N GLU A 117 -52.90 9.52 -49.43
CA GLU A 117 -52.07 8.34 -49.66
C GLU A 117 -50.71 8.72 -50.22
N MET A 118 -50.66 9.63 -51.19
CA MET A 118 -49.38 10.04 -51.73
C MET A 118 -48.58 10.83 -50.70
N ALA A 119 -49.25 11.60 -49.84
CA ALA A 119 -48.53 12.26 -48.76
C ALA A 119 -47.90 11.24 -47.84
N GLN A 120 -48.64 10.16 -47.56
CA GLN A 120 -48.09 9.08 -46.74
C GLN A 120 -46.88 8.45 -47.42
N LYS A 121 -46.96 8.22 -48.73
CA LYS A 121 -45.84 7.61 -49.43
C LYS A 121 -44.61 8.52 -49.39
N GLU A 122 -44.80 9.81 -49.59
CA GLU A 122 -43.68 10.75 -49.50
C GLU A 122 -43.10 10.76 -48.10
N GLN A 123 -43.95 10.71 -47.08
CA GLN A 123 -43.46 10.62 -45.72
C GLN A 123 -42.64 9.36 -45.51
N THR A 124 -43.11 8.24 -46.06
CA THR A 124 -42.38 6.98 -45.94
C THR A 124 -41.00 7.10 -46.55
N ARG A 125 -40.91 7.62 -47.78
CA ARG A 125 -39.62 7.72 -48.44
C ARG A 125 -38.67 8.63 -47.68
N GLN A 126 -39.17 9.79 -47.25
CA GLN A 126 -38.31 10.73 -46.55
C GLN A 126 -37.85 10.16 -45.22
N LEU A 127 -38.73 9.44 -44.54
CA LEU A 127 -38.35 8.80 -43.30
C LEU A 127 -37.30 7.73 -43.52
N ILE A 128 -37.42 6.97 -44.61
CA ILE A 128 -36.42 5.93 -44.90
C ILE A 128 -35.06 6.56 -45.16
N ILE A 129 -35.04 7.63 -45.96
CA ILE A 129 -33.77 8.28 -46.23
C ILE A 129 -33.23 8.96 -44.98
N ALA A 130 -34.09 9.29 -44.02
CA ALA A 130 -33.62 9.82 -42.75
C ALA A 130 -33.01 8.74 -41.88
N VAL A 131 -33.60 7.54 -41.90
CA VAL A 131 -33.02 6.41 -41.18
C VAL A 131 -31.65 6.09 -41.72
N ASP A 132 -31.54 5.96 -43.04
CA ASP A 132 -30.32 5.46 -43.65
C ASP A 132 -29.33 6.59 -43.96
N HIS A 133 -29.03 7.41 -42.96
CA HIS A 133 -28.06 8.49 -43.14
C HIS A 133 -26.92 8.43 -42.13
N LEU A 134 -27.22 8.34 -40.84
CA LEU A 134 -26.18 8.23 -39.84
C LEU A 134 -25.84 6.76 -39.60
N ASP A 135 -24.58 6.50 -39.28
CA ASP A 135 -24.08 5.13 -39.14
C ASP A 135 -24.19 4.65 -37.69
N ARG A 136 -25.39 4.77 -37.14
CA ARG A 136 -25.69 4.29 -35.79
C ARG A 136 -26.80 3.26 -35.90
N PRO A 137 -26.48 1.98 -35.84
CA PRO A 137 -27.49 0.94 -36.10
C PRO A 137 -28.57 0.90 -35.01
N VAL A 138 -29.82 0.93 -35.46
CA VAL A 138 -30.99 0.79 -34.60
C VAL A 138 -31.88 -0.30 -35.19
N ILE A 139 -32.45 -1.12 -34.32
CA ILE A 139 -33.44 -2.11 -34.75
C ILE A 139 -34.62 -2.06 -33.80
N VAL A 140 -35.74 -2.57 -34.28
CA VAL A 140 -37.01 -2.55 -33.56
C VAL A 140 -37.49 -3.98 -33.37
N LEU A 141 -38.11 -4.24 -32.22
CA LEU A 141 -38.56 -5.57 -31.85
C LEU A 141 -39.99 -5.48 -31.34
N ASP A 142 -40.77 -6.51 -31.65
CA ASP A 142 -42.15 -6.61 -31.21
C ASP A 142 -42.19 -7.03 -29.74
N PRO A 143 -43.38 -7.13 -29.13
CA PRO A 143 -43.44 -7.63 -27.75
C PRO A 143 -42.82 -9.01 -27.57
N GLU A 144 -42.89 -9.86 -28.58
CA GLU A 144 -42.31 -11.20 -28.50
C GLU A 144 -40.80 -11.21 -28.75
N ARG A 145 -40.16 -10.05 -28.75
CA ARG A 145 -38.71 -9.95 -28.92
C ARG A 145 -38.24 -10.52 -30.26
N HIS A 146 -38.98 -10.22 -31.32
CA HIS A 146 -38.60 -10.58 -32.68
C HIS A 146 -38.26 -9.32 -33.46
N ILE A 147 -37.09 -9.31 -34.09
CA ILE A 147 -36.66 -8.13 -34.84
C ILE A 147 -37.56 -7.95 -36.05
N VAL A 148 -37.94 -6.70 -36.32
CA VAL A 148 -38.91 -6.42 -37.37
C VAL A 148 -38.45 -5.32 -38.34
N GLN A 149 -37.43 -4.56 -37.96
CA GLN A 149 -36.97 -3.50 -38.85
C GLN A 149 -35.46 -3.34 -38.69
N CYS A 150 -34.82 -2.85 -39.75
CA CYS A 150 -33.36 -2.75 -39.80
C CYS A 150 -32.98 -1.44 -40.48
N ASN A 151 -31.68 -1.25 -40.69
CA ASN A 151 -31.20 -0.11 -41.45
C ASN A 151 -29.84 -0.45 -42.07
N ARG A 152 -29.35 0.46 -42.90
CA ARG A 152 -28.14 0.18 -43.67
C ARG A 152 -26.91 0.08 -42.78
N ALA A 153 -26.85 0.88 -41.72
CA ALA A 153 -25.70 0.80 -40.82
C ALA A 153 -25.63 -0.57 -40.15
N PHE A 154 -26.76 -1.06 -39.67
CA PHE A 154 -26.80 -2.38 -39.04
C PHE A 154 -26.45 -3.46 -40.04
N THR A 155 -27.06 -3.42 -41.24
CA THR A 155 -26.78 -4.48 -42.20
C THR A 155 -25.33 -4.45 -42.67
N GLU A 156 -24.71 -3.27 -42.75
CA GLU A 156 -23.32 -3.18 -43.14
C GLU A 156 -22.37 -3.60 -42.03
N MET A 157 -22.73 -3.33 -40.77
CA MET A 157 -21.83 -3.72 -39.68
C MET A 157 -21.90 -5.22 -39.40
N PHE A 158 -23.07 -5.83 -39.59
CA PHE A 158 -23.23 -7.22 -39.19
C PHE A 158 -23.48 -8.18 -40.34
N GLY A 159 -23.47 -7.74 -41.58
CA GLY A 159 -23.62 -8.63 -42.72
C GLY A 159 -25.04 -9.06 -43.04
N TYR A 160 -25.89 -9.19 -42.03
CA TYR A 160 -27.24 -9.67 -42.23
C TYR A 160 -28.08 -8.62 -42.96
N CYS A 161 -29.34 -8.97 -43.22
CA CYS A 161 -30.29 -8.08 -43.88
C CYS A 161 -31.69 -8.43 -43.42
N ILE A 162 -32.63 -7.53 -43.73
CA ILE A 162 -34.00 -7.69 -43.24
C ILE A 162 -34.63 -8.97 -43.76
N SER A 163 -34.33 -9.34 -45.00
CA SER A 163 -34.94 -10.54 -45.58
C SER A 163 -34.51 -11.79 -44.81
N GLU A 164 -33.25 -11.88 -44.43
CA GLU A 164 -32.73 -13.04 -43.73
C GLU A 164 -32.81 -12.92 -42.22
N ALA A 165 -33.31 -11.80 -41.70
CA ALA A 165 -33.41 -11.61 -40.26
C ALA A 165 -34.81 -11.28 -39.76
N SER A 166 -35.81 -11.22 -40.63
CA SER A 166 -37.14 -10.80 -40.21
C SER A 166 -37.82 -11.88 -39.39
N GLY A 167 -38.38 -11.48 -38.26
CA GLY A 167 -39.16 -12.39 -37.43
C GLY A 167 -38.41 -13.52 -36.77
N MET A 168 -37.24 -13.24 -36.19
CA MET A 168 -36.50 -14.26 -35.47
C MET A 168 -35.70 -13.61 -34.36
N GLN A 169 -35.36 -14.43 -33.35
CA GLN A 169 -34.81 -13.91 -32.12
C GLN A 169 -33.45 -13.25 -32.33
N PRO A 170 -33.14 -12.21 -31.55
CA PRO A 170 -31.86 -11.52 -31.74
C PRO A 170 -30.68 -12.32 -31.24
N ASP A 171 -30.82 -13.07 -30.14
CA ASP A 171 -29.73 -13.93 -29.70
C ASP A 171 -29.44 -15.02 -30.72
N THR A 172 -30.49 -15.60 -31.30
CA THR A 172 -30.28 -16.59 -32.36
C THR A 172 -29.69 -15.95 -33.60
N LEU A 173 -30.01 -14.69 -33.87
CA LEU A 173 -29.40 -13.98 -35.00
C LEU A 173 -27.92 -13.72 -34.76
N LEU A 174 -27.56 -13.31 -33.56
CA LEU A 174 -26.20 -12.87 -33.24
C LEU A 174 -25.47 -14.01 -32.54
N ASN A 175 -24.52 -14.63 -33.25
CA ASN A 175 -23.73 -15.70 -32.68
C ASN A 175 -22.67 -15.14 -31.75
N THR A 176 -22.56 -15.74 -30.56
CA THR A 176 -21.65 -15.30 -29.52
C THR A 176 -20.52 -16.31 -29.33
N PRO A 177 -19.35 -15.86 -28.87
CA PRO A 177 -18.24 -16.79 -28.67
C PRO A 177 -18.55 -17.82 -27.59
N GLU A 178 -17.79 -18.92 -27.62
CA GLU A 178 -18.02 -20.05 -26.73
C GLU A 178 -17.58 -19.67 -25.32
N PHE A 179 -18.55 -19.23 -24.50
CA PHE A 179 -18.40 -18.91 -23.09
C PHE A 179 -17.05 -18.28 -22.73
N PRO A 180 -16.72 -17.11 -23.31
CA PRO A 180 -15.49 -16.43 -22.87
C PRO A 180 -15.60 -15.85 -21.48
N ALA A 181 -16.70 -15.14 -21.18
CA ALA A 181 -16.95 -14.59 -19.86
C ALA A 181 -18.42 -14.73 -19.48
N ASP A 182 -19.08 -15.77 -19.97
CA ASP A 182 -20.51 -16.01 -19.72
C ASP A 182 -21.36 -14.84 -20.19
N ASN A 183 -21.14 -14.44 -21.44
CA ASN A 183 -21.88 -13.32 -22.03
C ASN A 183 -23.25 -13.72 -22.56
N ARG A 184 -23.51 -15.01 -22.74
CA ARG A 184 -24.82 -15.44 -23.21
C ARG A 184 -25.92 -15.03 -22.25
N ILE A 185 -25.75 -15.33 -20.96
CA ILE A 185 -26.76 -15.00 -19.97
C ILE A 185 -26.92 -13.48 -19.86
N ARG A 186 -25.82 -12.74 -20.00
CA ARG A 186 -25.91 -11.28 -19.99
C ARG A 186 -26.72 -10.77 -21.17
N LEU A 187 -26.53 -11.35 -22.35
CA LEU A 187 -27.29 -10.90 -23.51
C LEU A 187 -28.78 -11.20 -23.35
N GLN A 188 -29.12 -12.40 -22.85
CA GLN A 188 -30.52 -12.68 -22.58
C GLN A 188 -31.10 -11.74 -21.54
N GLN A 189 -30.34 -11.44 -20.47
CA GLN A 189 -30.89 -10.55 -19.45
C GLN A 189 -31.07 -9.14 -20.00
N LEU A 190 -30.19 -8.68 -20.90
CA LEU A 190 -30.37 -7.36 -21.49
C LEU A 190 -31.58 -7.35 -22.40
N LEU A 191 -31.80 -8.42 -23.16
CA LEU A 191 -32.99 -8.50 -23.99
C LEU A 191 -34.25 -8.51 -23.13
N TRP A 192 -34.19 -9.10 -21.95
CA TRP A 192 -35.39 -9.28 -21.14
C TRP A 192 -35.56 -8.22 -20.06
N LYS A 193 -34.67 -7.24 -19.98
CA LYS A 193 -34.89 -6.13 -19.07
C LYS A 193 -36.15 -5.36 -19.46
N THR A 194 -36.97 -5.03 -18.46
CA THR A 194 -38.24 -4.38 -18.69
C THR A 194 -38.16 -2.86 -18.68
N ALA A 195 -37.03 -2.29 -18.27
CA ALA A 195 -36.82 -0.86 -18.27
C ALA A 195 -35.64 -0.53 -19.17
N ARG A 196 -35.41 0.76 -19.36
CA ARG A 196 -34.30 1.20 -20.18
C ARG A 196 -32.99 0.66 -19.62
N ASP A 197 -32.18 0.06 -20.49
CA ASP A 197 -30.98 -0.64 -20.04
C ASP A 197 -29.95 -0.62 -21.14
N GLN A 198 -28.72 -0.97 -20.78
CA GLN A 198 -27.62 -1.06 -21.72
C GLN A 198 -26.62 -2.09 -21.20
N ASP A 199 -25.76 -2.55 -22.09
CA ASP A 199 -24.71 -3.50 -21.73
C ASP A 199 -23.68 -3.55 -22.85
N GLU A 200 -22.59 -4.26 -22.59
CA GLU A 200 -21.52 -4.46 -23.56
C GLU A 200 -21.32 -5.95 -23.77
N PHE A 201 -21.25 -6.38 -25.03
CA PHE A 201 -21.10 -7.78 -25.35
C PHE A 201 -19.99 -7.97 -26.37
N LEU A 202 -19.55 -9.22 -26.50
CA LEU A 202 -18.61 -9.63 -27.53
C LEU A 202 -19.34 -10.44 -28.58
N LEU A 203 -19.25 -10.03 -29.84
CA LEU A 203 -19.96 -10.67 -30.93
C LEU A 203 -19.02 -10.88 -32.11
N LEU A 204 -19.50 -11.64 -33.09
CA LEU A 204 -18.79 -11.91 -34.32
C LEU A 204 -19.69 -11.59 -35.50
N THR A 205 -19.11 -11.01 -36.54
CA THR A 205 -19.87 -10.61 -37.71
C THR A 205 -20.36 -11.85 -38.46
N ARG A 206 -21.08 -11.63 -39.56
CA ARG A 206 -21.52 -12.74 -40.39
C ARG A 206 -20.33 -13.51 -40.93
N THR A 207 -19.30 -12.80 -41.40
CA THR A 207 -18.04 -13.45 -41.71
C THR A 207 -17.37 -13.98 -40.45
N GLY A 208 -17.42 -13.21 -39.37
CA GLY A 208 -16.83 -13.60 -38.11
C GLY A 208 -15.57 -12.83 -37.79
N GLU A 209 -15.69 -11.82 -36.93
CA GLU A 209 -14.58 -11.01 -36.48
C GLU A 209 -14.80 -10.62 -35.03
N LYS A 210 -13.71 -10.56 -34.27
CA LYS A 210 -13.81 -10.27 -32.84
C LYS A 210 -14.13 -8.78 -32.67
N ILE A 211 -15.41 -8.48 -32.47
CA ILE A 211 -15.88 -7.12 -32.27
C ILE A 211 -16.71 -7.07 -31.00
N TRP A 212 -16.45 -6.06 -30.18
CA TRP A 212 -17.25 -5.79 -28.99
C TRP A 212 -18.22 -4.66 -29.31
N ILE A 213 -19.50 -4.87 -28.99
CA ILE A 213 -20.54 -3.91 -29.29
C ILE A 213 -21.32 -3.57 -28.02
N LYS A 214 -21.65 -2.30 -27.86
CA LYS A 214 -22.47 -1.82 -26.76
C LYS A 214 -23.90 -1.73 -27.28
N ALA A 215 -24.81 -2.43 -26.60
CA ALA A 215 -26.21 -2.48 -26.98
C ALA A 215 -27.05 -1.80 -25.92
N SER A 216 -28.13 -1.16 -26.36
CA SER A 216 -28.99 -0.40 -25.47
C SER A 216 -30.43 -0.66 -25.85
N ILE A 217 -31.22 -1.10 -24.89
CA ILE A 217 -32.62 -1.45 -25.10
C ILE A 217 -33.49 -0.43 -24.39
N SER A 218 -34.51 0.07 -25.10
CA SER A 218 -35.49 0.98 -24.51
C SER A 218 -36.89 0.53 -24.88
N PRO A 219 -37.81 0.51 -23.93
CA PRO A 219 -39.19 0.14 -24.22
C PRO A 219 -40.06 1.33 -24.59
N VAL A 220 -41.05 1.06 -25.45
CA VAL A 220 -42.01 2.06 -25.90
C VAL A 220 -43.40 1.46 -25.76
N TYR A 221 -44.28 2.15 -25.03
CA TYR A 221 -45.61 1.68 -24.69
C TYR A 221 -46.67 2.37 -25.54
N ASP A 222 -47.92 1.96 -25.34
CA ASP A 222 -49.07 2.47 -26.07
C ASP A 222 -49.86 3.45 -25.19
N VAL A 223 -51.04 3.84 -25.67
CA VAL A 223 -51.86 4.80 -24.93
C VAL A 223 -52.34 4.22 -23.61
N LEU A 224 -52.80 2.96 -23.61
CA LEU A 224 -53.36 2.33 -22.43
C LEU A 224 -52.31 1.65 -21.57
N ALA A 225 -51.04 2.07 -21.67
CA ALA A 225 -49.96 1.54 -20.84
C ALA A 225 -49.79 0.03 -21.03
N HIS A 226 -49.52 -0.37 -22.26
CA HIS A 226 -49.17 -1.73 -22.61
C HIS A 226 -47.87 -1.71 -23.40
N LEU A 227 -47.08 -2.76 -23.25
CA LEU A 227 -45.83 -2.86 -24.01
C LEU A 227 -46.15 -2.91 -25.50
N GLN A 228 -45.46 -2.06 -26.27
CA GLN A 228 -45.68 -1.97 -27.71
C GLN A 228 -44.46 -2.39 -28.51
N ASN A 229 -43.29 -1.82 -28.24
CA ASN A 229 -42.10 -2.14 -29.00
C ASN A 229 -40.87 -1.97 -28.13
N LEU A 230 -39.77 -2.58 -28.55
CA LEU A 230 -38.48 -2.38 -27.90
C LEU A 230 -37.45 -2.01 -28.96
N VAL A 231 -36.74 -0.91 -28.75
CA VAL A 231 -35.75 -0.43 -29.71
C VAL A 231 -34.36 -0.68 -29.14
N MET A 232 -33.49 -1.27 -29.97
CA MET A 232 -32.14 -1.63 -29.57
C MET A 232 -31.14 -0.90 -30.46
N THR A 233 -30.26 -0.14 -29.84
CA THR A 233 -29.23 0.61 -30.54
C THR A 233 -27.88 -0.01 -30.25
N PHE A 234 -26.99 0.00 -31.25
CA PHE A 234 -25.66 -0.55 -31.06
C PHE A 234 -24.59 0.48 -31.40
N SER A 235 -23.42 0.29 -30.79
CA SER A 235 -22.27 1.12 -31.12
C SER A 235 -21.00 0.32 -30.89
N ASP A 236 -20.06 0.42 -31.83
CA ASP A 236 -18.79 -0.28 -31.71
C ASP A 236 -17.91 0.39 -30.66
N ILE A 237 -17.32 -0.41 -29.78
CA ILE A 237 -16.56 0.10 -28.64
C ILE A 237 -15.13 -0.39 -28.64
N THR A 238 -14.67 -0.96 -29.76
CA THR A 238 -13.32 -1.48 -29.83
C THR A 238 -12.29 -0.37 -29.65
N GLU A 239 -12.54 0.80 -30.25
CA GLU A 239 -11.62 1.92 -30.13
C GLU A 239 -11.62 2.56 -28.76
N GLU A 240 -12.64 2.32 -27.95
CA GLU A 240 -12.75 2.95 -26.63
C GLU A 240 -12.33 2.02 -25.49
N ARG A 241 -12.49 0.71 -25.65
CA ARG A 241 -12.01 -0.22 -24.64
C ARG A 241 -10.50 -0.10 -24.47
N GLN A 242 -9.78 0.13 -25.57
CA GLN A 242 -8.34 0.29 -25.49
C GLN A 242 -7.96 1.56 -24.75
N ILE A 243 -8.71 2.65 -24.95
CA ILE A 243 -8.42 3.87 -24.21
C ILE A 243 -8.71 3.67 -22.73
N ARG A 244 -9.77 2.91 -22.41
CA ARG A 244 -10.05 2.57 -21.03
C ARG A 244 -8.91 1.76 -20.42
N GLN A 245 -8.34 0.83 -21.19
CA GLN A 245 -7.20 0.07 -20.73
C GLN A 245 -6.00 0.96 -20.48
N LEU A 246 -5.77 1.93 -21.37
CA LEU A 246 -4.66 2.86 -21.19
C LEU A 246 -4.82 3.67 -19.91
N GLU A 247 -5.99 4.25 -19.70
CA GLU A 247 -6.18 5.05 -18.49
C GLU A 247 -6.10 4.18 -17.24
N GLY A 248 -6.60 2.94 -17.31
CA GLY A 248 -6.47 2.05 -16.18
C GLY A 248 -5.03 1.73 -15.84
N ASN A 249 -4.21 1.44 -16.85
CA ASN A 249 -2.82 1.12 -16.60
C ASN A 249 -2.06 2.31 -16.04
N ILE A 250 -2.27 3.50 -16.61
CA ILE A 250 -1.58 4.68 -16.08
C ILE A 250 -2.01 4.95 -14.65
N LEU A 251 -3.32 4.84 -14.37
CA LEU A 251 -3.81 5.09 -13.02
C LEU A 251 -3.23 4.09 -12.02
N ALA A 252 -3.21 2.81 -12.39
CA ALA A 252 -2.66 1.79 -11.49
C ALA A 252 -1.19 2.02 -11.24
N ALA A 253 -0.43 2.35 -12.28
CA ALA A 253 0.99 2.62 -12.09
C ALA A 253 1.22 3.85 -11.21
N MET A 254 0.43 4.90 -11.43
CA MET A 254 0.64 6.14 -10.69
C MET A 254 0.23 6.01 -9.23
N CYS A 255 -0.75 5.16 -8.94
CA CYS A 255 -1.13 4.92 -7.55
C CYS A 255 0.01 4.30 -6.75
N SER A 256 0.92 3.59 -7.39
CA SER A 256 2.09 3.01 -6.72
C SER A 256 3.25 3.97 -6.60
N SER A 257 3.19 5.13 -7.26
CA SER A 257 4.21 6.17 -7.21
C SER A 257 5.58 5.64 -7.65
N PRO A 258 5.75 5.30 -8.93
CA PRO A 258 7.05 4.87 -9.41
C PRO A 258 7.94 6.07 -9.69
N PRO A 259 9.24 5.85 -9.89
CA PRO A 259 10.14 6.97 -10.22
C PRO A 259 9.73 7.66 -11.51
N PHE A 260 10.30 8.86 -11.71
CA PHE A 260 9.91 9.70 -12.83
C PHE A 260 10.17 9.02 -14.16
N HIS A 261 11.39 8.50 -14.36
CA HIS A 261 11.76 7.91 -15.64
C HIS A 261 10.90 6.70 -15.94
N GLU A 262 10.67 5.83 -14.95
CA GLU A 262 9.90 4.63 -15.22
C GLU A 262 8.43 4.94 -15.41
N MET A 263 7.90 5.96 -14.73
CA MET A 263 6.53 6.39 -15.00
C MET A 263 6.40 6.89 -16.43
N GLY A 264 7.37 7.68 -16.89
CA GLY A 264 7.35 8.12 -18.27
C GLY A 264 7.43 6.95 -19.25
N GLU A 265 8.27 5.96 -18.94
CA GLU A 265 8.37 4.78 -19.78
C GLU A 265 7.05 4.01 -19.82
N ILE A 266 6.38 3.89 -18.68
CA ILE A 266 5.09 3.20 -18.62
C ILE A 266 4.07 3.93 -19.49
N ILE A 267 4.02 5.27 -19.36
CA ILE A 267 3.09 6.04 -20.18
C ILE A 267 3.39 5.85 -21.66
N CYS A 268 4.67 5.89 -22.02
CA CYS A 268 5.04 5.78 -23.43
C CYS A 268 4.66 4.41 -23.99
N ARG A 269 4.99 3.34 -23.26
CA ARG A 269 4.66 2.01 -23.74
C ARG A 269 3.15 1.80 -23.80
N ASN A 270 2.40 2.41 -22.89
CA ASN A 270 0.95 2.26 -22.92
C ASN A 270 0.36 3.02 -24.10
N ILE A 271 0.92 4.18 -24.44
CA ILE A 271 0.48 4.88 -25.64
C ILE A 271 0.76 4.04 -26.88
N GLU A 272 1.94 3.44 -26.93
CA GLU A 272 2.26 2.58 -28.06
C GLU A 272 1.34 1.36 -28.11
N SER A 273 0.87 0.90 -26.96
CA SER A 273 -0.02 -0.25 -26.94
C SER A 273 -1.31 0.01 -27.70
N VAL A 274 -1.80 1.23 -27.70
CA VAL A 274 -3.02 1.58 -28.43
C VAL A 274 -2.72 2.13 -29.82
N LEU A 275 -1.55 2.73 -30.04
CA LEU A 275 -1.18 3.21 -31.37
C LEU A 275 -0.20 2.22 -31.98
N ASN A 276 -0.70 1.34 -32.84
CA ASN A 276 0.15 0.35 -33.48
C ASN A 276 1.14 1.03 -34.41
N GLU A 277 2.42 0.67 -34.30
CA GLU A 277 3.49 1.18 -35.15
C GLU A 277 3.58 2.70 -35.08
N SER A 278 3.92 3.19 -33.89
CA SER A 278 4.08 4.62 -33.66
C SER A 278 5.38 4.87 -32.90
N HIS A 279 5.67 6.16 -32.73
CA HIS A 279 6.81 6.63 -31.95
C HIS A 279 6.33 7.75 -31.02
N VAL A 280 6.77 7.70 -29.77
CA VAL A 280 6.29 8.64 -28.75
C VAL A 280 7.48 9.23 -28.00
N SER A 281 7.42 10.53 -27.73
CA SER A 281 8.48 11.22 -27.01
C SER A 281 7.88 12.16 -25.97
N LEU A 282 8.59 12.33 -24.87
CA LEU A 282 8.15 13.20 -23.78
C LEU A 282 9.30 14.12 -23.38
N PHE A 283 8.98 15.41 -23.24
CA PHE A 283 9.96 16.39 -22.82
C PHE A 283 9.36 17.25 -21.71
N ALA A 284 10.21 17.66 -20.78
CA ALA A 284 9.82 18.54 -19.68
C ALA A 284 10.48 19.91 -19.84
N LEU A 285 9.91 20.91 -19.20
CA LEU A 285 10.42 22.28 -19.29
C LEU A 285 11.28 22.59 -18.07
N ARG A 286 12.55 22.90 -18.31
CA ARG A 286 13.49 23.28 -17.27
C ARG A 286 13.92 24.72 -17.55
N ASN A 287 13.29 25.66 -16.86
CA ASN A 287 13.50 27.09 -17.09
C ASN A 287 13.23 27.44 -18.56
N GLY A 288 12.23 26.78 -19.13
CA GLY A 288 11.85 26.98 -20.51
C GLY A 288 12.63 26.14 -21.50
N MET A 289 13.74 25.54 -21.09
CA MET A 289 14.54 24.72 -21.98
C MET A 289 14.03 23.27 -21.92
N PRO A 290 13.67 22.66 -23.05
CA PRO A 290 13.15 21.29 -23.02
C PRO A 290 14.24 20.28 -22.72
N ILE A 291 13.89 19.27 -21.93
CA ILE A 291 14.79 18.16 -21.60
C ILE A 291 14.03 16.85 -21.80
N HIS A 292 14.79 15.78 -21.96
CA HIS A 292 14.24 14.49 -22.38
C HIS A 292 13.77 13.70 -21.17
N TRP A 293 12.47 13.42 -21.10
CA TRP A 293 11.94 12.63 -19.99
C TRP A 293 12.10 11.13 -20.26
N ALA A 294 11.44 10.63 -21.30
CA ALA A 294 11.51 9.22 -21.67
C ALA A 294 11.09 9.08 -23.12
N SER A 295 11.43 7.93 -23.70
CA SER A 295 11.08 7.68 -25.10
C SER A 295 11.11 6.17 -25.34
N SER A 296 10.50 5.78 -26.46
CA SER A 296 10.43 4.37 -26.83
C SER A 296 10.22 4.28 -28.34
N SER A 297 11.13 3.59 -29.01
CA SER A 297 11.03 3.42 -30.46
C SER A 297 11.87 2.22 -30.88
N HIS A 298 11.57 1.73 -32.08
CA HIS A 298 12.36 0.67 -32.70
C HIS A 298 13.43 1.22 -33.64
N GLY A 299 13.45 2.54 -33.87
CA GLY A 299 14.44 3.17 -34.70
C GLY A 299 14.13 3.17 -36.18
N ALA A 300 13.15 2.40 -36.63
CA ALA A 300 12.83 2.33 -38.04
C ALA A 300 12.27 3.66 -38.53
N GLU A 301 12.73 4.09 -39.70
CA GLU A 301 12.24 5.33 -40.29
C GLU A 301 10.77 5.18 -40.66
N ILE A 302 10.00 6.23 -40.39
CA ILE A 302 8.56 6.25 -40.65
C ILE A 302 8.34 7.23 -41.79
N GLN A 303 8.12 6.71 -43.00
CA GLN A 303 7.88 7.55 -44.15
C GLN A 303 6.52 8.21 -44.05
N ASN A 304 6.43 9.46 -44.52
CA ASN A 304 5.20 10.25 -44.46
C ASN A 304 4.63 10.26 -43.04
N ALA A 305 5.50 10.49 -42.07
CA ALA A 305 5.12 10.40 -40.66
C ALA A 305 4.28 11.61 -40.28
N GLN A 306 3.05 11.36 -39.85
CA GLN A 306 2.24 12.43 -39.27
C GLN A 306 2.74 12.73 -37.87
N SER A 307 3.08 13.99 -37.62
CA SER A 307 3.67 14.41 -36.36
C SER A 307 2.71 15.37 -35.65
N TRP A 308 2.40 15.05 -34.39
CA TRP A 308 1.61 15.93 -33.54
C TRP A 308 2.37 16.21 -32.26
N SER A 309 2.19 17.42 -31.75
CA SER A 309 2.88 17.89 -30.55
C SER A 309 1.84 18.44 -29.57
N ALA A 310 1.47 17.64 -28.57
CA ALA A 310 0.55 18.07 -27.54
C ALA A 310 1.30 18.76 -26.41
N THR A 311 0.64 19.73 -25.78
CA THR A 311 1.23 20.51 -24.71
C THR A 311 0.50 20.21 -23.40
N ILE A 312 1.26 19.87 -22.37
CA ILE A 312 0.69 19.59 -21.05
C ILE A 312 0.58 20.90 -20.28
N ARG A 313 -0.60 21.15 -19.72
CA ARG A 313 -0.86 22.37 -18.97
C ARG A 313 -0.95 22.07 -17.48
N GLN A 314 -0.30 22.91 -16.68
CA GLN A 314 -0.33 22.76 -15.23
C GLN A 314 -1.67 23.21 -14.69
N ARG A 315 -1.80 23.26 -13.36
CA ARG A 315 -3.05 23.67 -12.74
C ARG A 315 -3.36 25.12 -13.08
N ASP A 316 -2.36 26.01 -13.04
CA ASP A 316 -2.60 27.41 -13.35
C ASP A 316 -2.87 27.61 -14.84
N GLY A 317 -2.16 26.89 -15.70
CA GLY A 317 -2.38 26.99 -17.13
C GLY A 317 -1.09 27.07 -17.92
N ALA A 318 0.03 27.27 -17.23
CA ALA A 318 1.31 27.36 -17.92
C ALA A 318 1.70 26.01 -18.50
N PRO A 319 2.38 26.01 -19.65
CA PRO A 319 2.89 24.74 -20.20
C PRO A 319 3.99 24.17 -19.32
N ALA A 320 4.04 22.84 -19.27
CA ALA A 320 5.05 22.13 -18.50
C ALA A 320 5.79 21.07 -19.31
N GLY A 321 5.11 20.44 -20.25
CA GLY A 321 5.72 19.35 -21.00
C GLY A 321 5.18 19.27 -22.41
N ILE A 322 5.94 18.58 -23.24
CA ILE A 322 5.60 18.41 -24.65
C ILE A 322 5.60 16.92 -24.97
N LEU A 323 4.53 16.45 -25.59
CA LEU A 323 4.37 15.05 -25.96
C LEU A 323 4.30 14.96 -27.48
N GLN A 324 5.27 14.28 -28.07
CA GLN A 324 5.35 14.13 -29.51
C GLN A 324 4.85 12.75 -29.90
N ILE A 325 3.88 12.72 -30.81
CA ILE A 325 3.35 11.48 -31.36
C ILE A 325 3.62 11.48 -32.85
N LYS A 326 4.40 10.51 -33.32
CA LYS A 326 4.69 10.33 -34.73
C LYS A 326 4.10 9.01 -35.19
N THR A 327 3.25 9.06 -36.21
CA THR A 327 2.53 7.88 -36.67
C THR A 327 2.74 7.70 -38.17
N SER A 328 2.50 6.47 -38.62
CA SER A 328 2.69 6.11 -40.02
C SER A 328 1.67 6.84 -40.90
N SER A 329 1.83 6.66 -42.21
CA SER A 329 0.99 7.34 -43.19
C SER A 329 -0.43 6.79 -43.12
N GLY A 330 -1.34 7.57 -42.53
CA GLY A 330 -2.73 7.18 -42.45
C GLY A 330 -2.99 5.92 -41.65
N ALA A 331 -2.29 5.73 -40.53
CA ALA A 331 -2.50 4.53 -39.72
C ALA A 331 -3.82 4.58 -38.98
N GLU A 332 -4.15 5.72 -38.37
CA GLU A 332 -5.34 5.85 -37.54
C GLU A 332 -5.96 7.22 -37.77
N THR A 333 -7.20 7.37 -37.31
CA THR A 333 -7.89 8.65 -37.45
C THR A 333 -7.25 9.70 -36.57
N SER A 334 -7.35 10.95 -37.01
CA SER A 334 -6.75 12.06 -36.29
C SER A 334 -7.45 12.31 -34.95
N ALA A 335 -8.77 12.11 -34.91
CA ALA A 335 -9.50 12.29 -33.66
C ALA A 335 -9.04 11.30 -32.60
N PHE A 336 -8.73 10.06 -33.03
CA PHE A 336 -8.22 9.06 -32.11
C PHE A 336 -6.93 9.52 -31.45
N ILE A 337 -5.97 9.99 -32.25
CA ILE A 337 -4.69 10.42 -31.71
C ILE A 337 -4.87 11.65 -30.85
N GLU A 338 -5.77 12.55 -31.23
CA GLU A 338 -6.04 13.73 -30.41
C GLU A 338 -6.59 13.33 -29.04
N ARG A 339 -7.53 12.39 -29.01
CA ARG A 339 -8.09 11.94 -27.74
C ARG A 339 -7.02 11.27 -26.88
N VAL A 340 -6.19 10.43 -27.48
CA VAL A 340 -5.13 9.77 -26.73
C VAL A 340 -4.18 10.79 -26.14
N ALA A 341 -3.79 11.78 -26.93
CA ALA A 341 -2.88 12.82 -26.43
C ALA A 341 -3.51 13.62 -25.31
N ASP A 342 -4.81 13.93 -25.42
CA ASP A 342 -5.47 14.71 -24.38
C ASP A 342 -5.51 13.94 -23.06
N ILE A 343 -5.92 12.66 -23.12
CA ILE A 343 -5.99 11.87 -21.90
C ILE A 343 -4.60 11.67 -21.31
N SER A 344 -3.59 11.45 -22.16
CA SER A 344 -2.23 11.28 -21.68
C SER A 344 -1.73 12.55 -21.01
N GLN A 345 -2.01 13.73 -21.57
CA GLN A 345 -1.55 14.95 -20.95
C GLN A 345 -2.24 15.21 -19.62
N HIS A 346 -3.54 14.90 -19.55
CA HIS A 346 -4.23 15.01 -18.26
C HIS A 346 -3.60 14.10 -17.21
N MET A 347 -3.26 12.87 -17.59
CA MET A 347 -2.70 11.97 -16.60
C MET A 347 -1.22 12.22 -16.32
N ALA A 348 -0.52 12.94 -17.19
CA ALA A 348 0.90 13.20 -16.99
C ALA A 348 1.17 14.54 -16.33
N ALA A 349 0.18 15.43 -16.28
CA ALA A 349 0.39 16.70 -15.59
C ALA A 349 0.72 16.49 -14.12
N LEU A 350 0.02 15.55 -13.47
CA LEU A 350 0.28 15.28 -12.06
C LEU A 350 1.70 14.76 -11.85
N ALA A 351 2.16 13.86 -12.71
CA ALA A 351 3.53 13.37 -12.61
C ALA A 351 4.53 14.50 -12.77
N LEU A 352 4.32 15.37 -13.76
CA LEU A 352 5.26 16.48 -13.96
C LEU A 352 5.28 17.42 -12.77
N GLU A 353 4.11 17.77 -12.23
CA GLU A 353 4.08 18.73 -11.14
C GLU A 353 4.67 18.14 -9.86
N GLN A 354 4.37 16.86 -9.58
CA GLN A 354 4.97 16.24 -8.41
C GLN A 354 6.47 16.08 -8.56
N GLU A 355 6.95 15.83 -9.79
CA GLU A 355 8.39 15.80 -10.02
C GLU A 355 9.03 17.16 -9.77
N LYS A 356 8.37 18.23 -10.23
CA LYS A 356 8.92 19.57 -10.02
C LYS A 356 9.00 19.90 -8.53
N SER A 357 7.92 19.63 -7.80
CA SER A 357 7.93 19.89 -6.36
C SER A 357 8.97 19.03 -5.66
N ARG A 358 9.10 17.77 -6.08
CA ARG A 358 10.08 16.88 -5.49
C ARG A 358 11.50 17.40 -5.70
N GLN A 359 11.81 17.86 -6.91
CA GLN A 359 13.13 18.44 -7.15
C GLN A 359 13.37 19.65 -6.27
N HIS A 360 12.37 20.55 -6.21
CA HIS A 360 12.53 21.78 -5.43
C HIS A 360 12.80 21.48 -3.97
N ILE A 361 12.06 20.53 -3.38
CA ILE A 361 12.28 20.21 -1.98
C ILE A 361 13.59 19.44 -1.80
N GLU A 362 13.89 18.48 -2.69
CA GLU A 362 15.04 17.62 -2.50
C GLU A 362 16.36 18.34 -2.72
N GLN A 363 16.32 19.55 -3.28
CA GLN A 363 17.54 20.35 -3.32
C GLN A 363 18.15 20.50 -1.93
N LEU A 364 17.31 20.62 -0.90
CA LEU A 364 17.77 20.88 0.46
C LEU A 364 17.35 19.83 1.49
N ILE A 365 16.73 18.72 1.06
CA ILE A 365 16.27 17.73 2.01
C ILE A 365 17.44 16.93 2.57
N GLN A 366 17.47 16.77 3.89
CA GLN A 366 18.53 16.03 4.57
C GLN A 366 18.06 14.69 5.12
N PHE A 367 16.93 14.17 4.63
CA PHE A 367 16.44 12.87 5.04
C PHE A 367 15.89 12.16 3.81
N ASP A 368 15.14 11.09 4.03
CA ASP A 368 14.60 10.33 2.91
C ASP A 368 13.36 9.55 3.33
N PRO A 369 12.19 9.87 2.78
CA PRO A 369 11.04 8.98 2.96
C PRO A 369 11.34 7.62 2.35
N MET A 370 10.41 6.67 2.55
CA MET A 370 10.63 5.34 1.99
C MET A 370 11.90 4.71 2.57
N THR A 371 11.80 4.20 3.81
CA THR A 371 12.83 3.67 4.73
C THR A 371 13.48 4.70 5.63
N GLY A 372 13.04 5.97 5.62
CA GLY A 372 13.42 6.91 6.65
C GLY A 372 14.89 7.07 6.96
N LEU A 373 15.76 6.47 6.14
CA LEU A 373 17.19 6.53 6.37
C LEU A 373 17.72 7.90 5.92
N PRO A 374 18.90 8.28 6.37
CA PRO A 374 19.53 9.51 5.86
C PRO A 374 19.79 9.40 4.36
N ASN A 375 20.13 10.53 3.76
CA ASN A 375 20.24 10.66 2.32
C ASN A 375 21.64 11.13 1.93
N ARG A 376 21.81 11.48 0.66
CA ARG A 376 23.12 11.83 0.14
C ARG A 376 23.69 13.05 0.83
N ASN A 377 22.86 14.08 1.07
CA ASN A 377 23.36 15.28 1.73
C ASN A 377 23.80 14.99 3.16
N ASN A 378 23.02 14.19 3.88
CA ASN A 378 23.42 13.80 5.24
C ASN A 378 24.72 13.01 5.22
N LEU A 379 24.86 12.08 4.27
CA LEU A 379 26.09 11.32 4.16
C LEU A 379 27.28 12.21 3.84
N HIS A 380 27.09 13.18 2.95
CA HIS A 380 28.15 14.12 2.60
C HIS A 380 28.56 14.93 3.81
N ASN A 381 27.59 15.42 4.59
CA ASN A 381 27.93 16.18 5.79
C ASN A 381 28.67 15.32 6.80
N TYR A 382 28.22 14.08 7.00
CA TYR A 382 28.88 13.19 7.95
C TYR A 382 30.31 12.90 7.53
N LEU A 383 30.52 12.61 6.24
CA LEU A 383 31.85 12.30 5.75
C LEU A 383 32.76 13.53 5.80
N ASP A 384 32.21 14.72 5.50
CA ASP A 384 33.00 15.93 5.62
C ASP A 384 33.43 16.17 7.05
N ASP A 385 32.52 15.93 8.01
CA ASP A 385 32.88 16.05 9.41
C ASP A 385 34.01 15.09 9.77
N LEU A 386 33.90 13.84 9.30
CA LEU A 386 34.94 12.87 9.58
C LEU A 386 36.28 13.28 8.98
N VAL A 387 36.26 13.81 7.75
CA VAL A 387 37.49 14.23 7.09
C VAL A 387 38.14 15.39 7.85
N ASP A 388 37.35 16.39 8.23
CA ASP A 388 37.94 17.53 8.93
C ASP A 388 38.39 17.13 10.33
N LYS A 389 37.75 16.11 10.93
CA LYS A 389 38.25 15.56 12.18
C LYS A 389 39.44 14.63 11.98
N ALA A 390 39.76 14.30 10.73
CA ALA A 390 40.96 13.54 10.38
C ALA A 390 40.92 12.13 10.98
N VAL A 391 39.81 11.44 10.77
CA VAL A 391 39.65 10.04 11.14
C VAL A 391 39.19 9.31 9.88
N SER A 392 40.06 8.50 9.31
CA SER A 392 39.75 7.83 8.05
C SER A 392 38.75 6.71 8.29
N PRO A 393 37.56 6.75 7.70
CA PRO A 393 36.57 5.70 7.91
C PRO A 393 36.64 4.63 6.82
N VAL A 394 35.85 3.58 7.02
CA VAL A 394 35.67 2.53 6.03
C VAL A 394 34.28 2.67 5.45
N VAL A 395 34.19 2.72 4.12
CA VAL A 395 32.93 2.95 3.41
C VAL A 395 32.54 1.68 2.69
N TYR A 396 31.36 1.16 3.02
CA TYR A 396 30.76 0.03 2.33
C TYR A 396 29.63 0.54 1.47
N LEU A 397 29.69 0.25 0.17
CA LEU A 397 28.62 0.57 -0.76
C LEU A 397 27.91 -0.71 -1.12
N ILE A 398 26.61 -0.77 -0.85
CA ILE A 398 25.83 -2.00 -0.95
C ILE A 398 24.77 -1.79 -2.01
N GLY A 399 24.75 -2.69 -3.00
CA GLY A 399 23.73 -2.70 -4.04
C GLY A 399 22.90 -3.96 -3.94
N VAL A 400 21.59 -3.77 -3.75
CA VAL A 400 20.67 -4.89 -3.64
C VAL A 400 20.28 -5.35 -5.03
N ASP A 401 20.37 -6.66 -5.28
CA ASP A 401 20.18 -7.22 -6.61
C ASP A 401 19.03 -8.21 -6.60
N HIS A 402 18.39 -8.32 -7.78
CA HIS A 402 17.18 -9.09 -8.06
C HIS A 402 15.90 -8.41 -7.57
N ILE A 403 15.91 -7.08 -7.46
CA ILE A 403 14.68 -6.36 -7.13
C ILE A 403 13.82 -6.12 -8.35
N GLN A 404 14.40 -6.14 -9.56
CA GLN A 404 13.60 -5.98 -10.76
C GLN A 404 12.61 -7.12 -10.93
N ASP A 405 12.95 -8.31 -10.42
CA ASP A 405 12.02 -9.44 -10.50
C ASP A 405 10.73 -9.13 -9.76
N VAL A 406 10.82 -8.66 -8.52
CA VAL A 406 9.60 -8.33 -7.79
C VAL A 406 8.94 -7.09 -8.38
N ILE A 407 9.73 -6.17 -8.96
CA ILE A 407 9.14 -5.00 -9.61
C ILE A 407 8.23 -5.43 -10.75
N ASP A 408 8.69 -6.36 -11.57
CA ASP A 408 7.90 -6.81 -12.71
C ASP A 408 6.87 -7.88 -12.35
N SER A 409 6.98 -8.50 -11.18
CA SER A 409 6.05 -9.55 -10.79
C SER A 409 4.89 -9.05 -9.94
N LEU A 410 5.15 -8.19 -8.96
CA LEU A 410 4.12 -7.72 -8.04
C LEU A 410 3.85 -6.22 -8.15
N GLY A 411 4.88 -5.40 -8.33
CA GLY A 411 4.71 -3.98 -8.49
C GLY A 411 5.57 -3.19 -7.53
N TYR A 412 5.43 -1.86 -7.62
CA TYR A 412 6.26 -0.97 -6.82
C TYR A 412 5.85 -0.97 -5.35
N ALA A 413 4.55 -1.13 -5.07
CA ALA A 413 4.10 -1.20 -3.69
C ALA A 413 4.69 -2.39 -2.95
N TRP A 414 5.17 -3.40 -3.68
CA TRP A 414 5.83 -4.55 -3.06
C TRP A 414 7.35 -4.50 -3.17
N ALA A 415 7.88 -3.86 -4.21
CA ALA A 415 9.32 -3.59 -4.23
C ALA A 415 9.72 -2.73 -3.04
N ASP A 416 8.89 -1.73 -2.71
CA ASP A 416 9.16 -0.92 -1.54
C ASP A 416 9.11 -1.74 -0.25
N GLN A 417 8.17 -2.68 -0.16
CA GLN A 417 8.12 -3.54 1.02
C GLN A 417 9.37 -4.40 1.14
N ALA A 418 9.86 -4.91 0.01
CA ALA A 418 11.10 -5.69 0.04
C ALA A 418 12.27 -4.84 0.52
N LEU A 419 12.37 -3.60 0.03
CA LEU A 419 13.42 -2.70 0.48
C LEU A 419 13.30 -2.42 1.97
N LEU A 420 12.07 -2.22 2.46
CA LEU A 420 11.85 -1.99 3.88
C LEU A 420 12.28 -3.18 4.71
N GLU A 421 11.97 -4.40 4.23
CA GLU A 421 12.40 -5.60 4.95
C GLU A 421 13.92 -5.70 5.02
N VAL A 422 14.61 -5.42 3.91
CA VAL A 422 16.06 -5.48 3.92
C VAL A 422 16.64 -4.45 4.88
N VAL A 423 16.10 -3.23 4.86
CA VAL A 423 16.60 -2.18 5.74
C VAL A 423 16.35 -2.54 7.20
N ASN A 424 15.20 -3.14 7.50
CA ASN A 424 14.92 -3.56 8.87
C ASN A 424 15.89 -4.65 9.31
N ARG A 425 16.20 -5.60 8.42
CA ARG A 425 17.20 -6.61 8.76
C ARG A 425 18.55 -5.98 9.05
N PHE A 426 18.95 -4.98 8.24
CA PHE A 426 20.22 -4.30 8.50
C PHE A 426 20.18 -3.60 9.85
N ARG A 427 19.07 -2.95 10.17
CA ARG A 427 18.94 -2.24 11.45
C ARG A 427 18.98 -3.20 12.62
N GLU A 428 18.49 -4.42 12.44
CA GLU A 428 18.52 -5.42 13.50
C GLU A 428 19.92 -5.83 13.89
N LYS A 429 20.92 -5.56 13.05
CA LYS A 429 22.29 -5.98 13.31
C LYS A 429 23.30 -4.85 13.36
N LEU A 430 22.94 -3.62 12.99
CA LEU A 430 23.93 -2.54 12.98
C LEU A 430 24.43 -2.26 14.40
N LYS A 431 25.73 -2.04 14.52
CA LYS A 431 26.37 -1.73 15.79
C LYS A 431 26.23 -0.24 16.12
N PRO A 432 26.42 0.13 17.38
CA PRO A 432 26.27 1.54 17.76
C PRO A 432 27.21 2.48 17.02
N ASP A 433 28.43 2.04 16.69
CA ASP A 433 29.39 2.92 16.04
C ASP A 433 29.23 2.98 14.53
N GLN A 434 28.32 2.19 13.95
CA GLN A 434 28.13 2.17 12.51
C GLN A 434 27.07 3.18 12.09
N TYR A 435 27.20 3.67 10.86
CA TYR A 435 26.29 4.67 10.30
C TYR A 435 25.70 4.13 9.01
N LEU A 436 24.38 4.12 8.91
CA LEU A 436 23.68 3.55 7.76
C LEU A 436 22.86 4.64 7.07
N CYS A 437 22.98 4.71 5.74
CA CYS A 437 22.24 5.71 4.99
C CYS A 437 21.91 5.17 3.61
N ARG A 438 20.95 5.81 2.95
CA ARG A 438 20.54 5.44 1.60
C ARG A 438 20.87 6.58 0.66
N ILE A 439 21.52 6.26 -0.47
CA ILE A 439 21.91 7.29 -1.42
C ILE A 439 20.92 7.37 -2.58
N GLU A 440 20.79 6.29 -3.34
CA GLU A 440 19.95 6.32 -4.53
C GLU A 440 19.52 4.91 -4.88
N GLY A 441 18.26 4.77 -5.27
CA GLY A 441 17.77 3.50 -5.78
C GLY A 441 17.92 2.39 -4.76
N THR A 442 18.52 1.28 -5.19
CA THR A 442 18.78 0.12 -4.35
C THR A 442 20.20 0.11 -3.83
N GLN A 443 20.74 1.29 -3.54
CA GLN A 443 22.09 1.46 -3.05
C GLN A 443 22.07 2.09 -1.67
N PHE A 444 22.91 1.57 -0.77
CA PHE A 444 23.04 2.07 0.57
C PHE A 444 24.52 2.21 0.91
N VAL A 445 24.82 3.08 1.87
CA VAL A 445 26.19 3.35 2.29
C VAL A 445 26.29 3.14 3.80
N LEU A 446 27.29 2.36 4.21
CA LEU A 446 27.59 2.12 5.61
C LEU A 446 28.97 2.67 5.92
N VAL A 447 29.05 3.49 6.97
CA VAL A 447 30.30 4.08 7.43
C VAL A 447 30.69 3.41 8.73
N SER A 448 31.92 2.90 8.79
CA SER A 448 32.42 2.21 9.97
C SER A 448 33.77 2.78 10.35
N LEU A 449 34.16 2.53 11.61
CA LEU A 449 35.41 3.05 12.15
C LEU A 449 36.38 1.95 12.54
N GLU A 450 36.22 0.75 11.99
CA GLU A 450 37.09 -0.37 12.30
C GLU A 450 38.21 -0.43 11.27
N ASN A 451 39.41 -0.05 11.70
CA ASN A 451 40.59 -0.11 10.83
C ASN A 451 41.36 -1.40 11.08
N ASP A 452 40.79 -2.49 10.58
CA ASP A 452 41.37 -3.81 10.76
C ASP A 452 40.76 -4.75 9.74
N VAL A 453 41.61 -5.50 9.04
CA VAL A 453 41.12 -6.37 7.97
C VAL A 453 40.25 -7.48 8.54
N SER A 454 40.66 -8.05 9.69
CA SER A 454 39.93 -9.18 10.26
C SER A 454 38.53 -8.76 10.70
N ASN A 455 38.34 -7.52 11.13
CA ASN A 455 37.02 -7.02 11.48
C ASN A 455 36.23 -6.59 10.26
N ILE A 456 36.91 -6.00 9.27
CA ILE A 456 36.21 -5.59 8.05
C ILE A 456 35.62 -6.78 7.33
N THR A 457 36.38 -7.87 7.21
CA THR A 457 35.87 -9.04 6.53
C THR A 457 34.71 -9.67 7.30
N GLN A 458 34.78 -9.64 8.64
CA GLN A 458 33.67 -10.15 9.44
C GLN A 458 32.40 -9.34 9.23
N ILE A 459 32.55 -8.01 9.20
CA ILE A 459 31.39 -7.15 8.98
C ILE A 459 30.80 -7.41 7.60
N ALA A 460 31.65 -7.54 6.59
CA ALA A 460 31.15 -7.80 5.23
C ALA A 460 30.44 -9.15 5.16
N ASP A 461 31.00 -10.17 5.80
CA ASP A 461 30.35 -11.48 5.78
C ASP A 461 29.01 -11.45 6.49
N GLU A 462 28.93 -10.74 7.62
CA GLU A 462 27.65 -10.60 8.31
C GLU A 462 26.63 -9.90 7.43
N LEU A 463 27.05 -8.81 6.76
CA LEU A 463 26.13 -8.08 5.89
C LEU A 463 25.64 -8.96 4.75
N ARG A 464 26.53 -9.73 4.15
CA ARG A 464 26.11 -10.61 3.06
C ARG A 464 25.19 -11.71 3.55
N ASN A 465 25.42 -12.22 4.77
CA ASN A 465 24.57 -13.27 5.32
C ASN A 465 23.24 -12.74 5.84
N VAL A 466 23.10 -11.42 5.97
CA VAL A 466 21.82 -10.86 6.40
C VAL A 466 20.69 -11.30 5.48
N VAL A 467 20.94 -11.33 4.17
CA VAL A 467 19.91 -11.64 3.19
C VAL A 467 19.94 -13.11 2.79
N SER A 468 20.50 -13.97 3.62
CA SER A 468 20.61 -15.38 3.27
C SER A 468 19.24 -16.03 3.11
N LYS A 469 18.31 -15.74 4.03
CA LYS A 469 17.01 -16.36 3.88
C LYS A 469 16.11 -15.53 2.97
N PRO A 470 15.22 -16.17 2.23
CA PRO A 470 14.36 -15.42 1.29
C PRO A 470 13.39 -14.51 2.02
N ILE A 471 12.96 -13.45 1.33
CA ILE A 471 12.02 -12.49 1.87
C ILE A 471 10.61 -12.92 1.49
N MET A 472 9.77 -13.12 2.48
CA MET A 472 8.40 -13.60 2.28
C MET A 472 7.46 -12.40 2.24
N ILE A 473 6.98 -12.06 1.04
CA ILE A 473 6.01 -11.00 0.85
C ILE A 473 4.84 -11.54 0.05
N ASP A 474 3.62 -11.28 0.53
CA ASP A 474 2.40 -11.78 -0.12
C ASP A 474 2.44 -13.30 -0.29
N ASP A 475 2.99 -13.99 0.70
CA ASP A 475 3.14 -15.45 0.68
C ASP A 475 3.90 -15.91 -0.56
N LYS A 476 4.92 -15.16 -0.95
CA LYS A 476 5.73 -15.50 -2.12
C LYS A 476 7.21 -15.26 -1.82
N PRO A 477 8.04 -16.30 -1.91
CA PRO A 477 9.48 -16.10 -1.68
C PRO A 477 10.12 -15.28 -2.79
N PHE A 478 11.18 -14.56 -2.42
CA PHE A 478 11.90 -13.71 -3.36
C PHE A 478 13.34 -13.59 -2.89
N PRO A 479 14.25 -14.39 -3.46
CA PRO A 479 15.66 -14.34 -3.04
C PRO A 479 16.35 -13.13 -3.65
N LEU A 480 16.88 -12.26 -2.79
CA LEU A 480 17.65 -11.10 -3.20
C LEU A 480 19.10 -11.30 -2.79
N THR A 481 20.00 -10.61 -3.51
CA THR A 481 21.42 -10.72 -3.22
C THR A 481 21.99 -9.33 -2.97
N LEU A 482 23.26 -9.31 -2.57
CA LEU A 482 23.94 -8.05 -2.28
C LEU A 482 25.31 -8.03 -2.94
N SER A 483 25.69 -6.85 -3.43
CA SER A 483 27.03 -6.62 -3.96
C SER A 483 27.64 -5.46 -3.17
N ILE A 484 28.78 -5.72 -2.54
CA ILE A 484 29.38 -4.78 -1.61
C ILE A 484 30.75 -4.37 -2.13
N GLY A 485 31.01 -3.07 -2.12
CA GLY A 485 32.34 -2.55 -2.40
C GLY A 485 32.89 -1.83 -1.20
N ILE A 486 34.14 -2.10 -0.84
CA ILE A 486 34.73 -1.58 0.39
C ILE A 486 35.90 -0.68 0.02
N SER A 487 35.86 0.55 0.53
CA SER A 487 36.92 1.52 0.29
C SER A 487 37.41 2.06 1.62
N TYR A 488 38.72 2.07 1.80
CA TYR A 488 39.34 2.63 2.99
C TYR A 488 40.73 3.14 2.63
N ASP A 489 40.95 4.43 2.83
CA ASP A 489 42.24 5.04 2.55
C ASP A 489 42.44 6.22 3.48
N LEU A 490 43.68 6.71 3.54
CA LEU A 490 44.05 7.77 4.47
C LEU A 490 44.12 9.10 3.72
N GLY A 491 43.53 10.13 4.32
CA GLY A 491 43.65 11.46 3.77
C GLY A 491 42.91 11.69 2.47
N LYS A 492 41.86 10.93 2.21
CA LYS A 492 41.10 11.06 0.98
C LYS A 492 39.77 11.74 1.22
N ASN A 493 39.31 12.46 0.20
CA ASN A 493 38.07 13.23 0.28
C ASN A 493 36.86 12.29 0.21
N ARG A 494 35.68 12.88 0.27
CA ARG A 494 34.45 12.09 0.09
C ARG A 494 34.37 11.53 -1.32
N ASP A 495 34.75 12.34 -2.31
CA ASP A 495 34.60 11.94 -3.70
C ASP A 495 35.44 10.70 -4.03
N TYR A 496 36.68 10.67 -3.54
CA TYR A 496 37.55 9.52 -3.82
C TYR A 496 36.96 8.25 -3.22
N LEU A 497 36.54 8.30 -1.95
CA LEU A 497 36.00 7.12 -1.31
C LEU A 497 34.73 6.64 -2.00
N LEU A 498 33.82 7.57 -2.31
CA LEU A 498 32.58 7.18 -2.95
C LEU A 498 32.82 6.63 -4.35
N SER A 499 33.72 7.24 -5.11
CA SER A 499 34.02 6.76 -6.46
C SER A 499 34.65 5.37 -6.42
N THR A 500 35.58 5.14 -5.50
CA THR A 500 36.21 3.83 -5.41
C THR A 500 35.20 2.76 -5.00
N ALA A 501 34.35 3.07 -4.01
CA ALA A 501 33.34 2.11 -3.60
C ALA A 501 32.36 1.81 -4.74
N HIS A 502 31.97 2.85 -5.47
CA HIS A 502 31.08 2.65 -6.61
C HIS A 502 31.74 1.80 -7.69
N ASN A 503 33.03 2.03 -7.95
CA ASN A 503 33.74 1.22 -8.93
C ASN A 503 33.77 -0.25 -8.51
N ALA A 504 34.07 -0.52 -7.24
CA ALA A 504 34.10 -1.89 -6.77
C ALA A 504 32.73 -2.55 -6.88
N MET A 505 31.68 -1.87 -6.43
CA MET A 505 30.35 -2.44 -6.49
C MET A 505 29.91 -2.68 -7.94
N ASP A 506 30.21 -1.72 -8.83
CA ASP A 506 29.85 -1.88 -10.23
C ASP A 506 30.59 -3.04 -10.87
N TYR A 507 31.88 -3.22 -10.54
CA TYR A 507 32.61 -4.36 -11.07
C TYR A 507 32.00 -5.67 -10.60
N ILE A 508 31.65 -5.77 -9.31
CA ILE A 508 31.04 -7.00 -8.82
C ILE A 508 29.70 -7.25 -9.53
N ARG A 509 28.88 -6.21 -9.68
CA ARG A 509 27.59 -6.37 -10.32
C ARG A 509 27.74 -6.80 -11.78
N LYS A 510 28.68 -6.20 -12.50
CA LYS A 510 28.90 -6.58 -13.90
C LYS A 510 29.40 -8.02 -13.99
N ASN A 511 30.30 -8.42 -13.09
CA ASN A 511 30.78 -9.79 -13.11
C ASN A 511 29.71 -10.78 -12.69
N GLY A 512 28.66 -10.33 -12.00
CA GLY A 512 27.57 -11.22 -11.65
C GLY A 512 26.93 -10.95 -10.30
N GLY A 513 27.58 -10.14 -9.47
CA GLY A 513 27.02 -9.79 -8.19
C GLY A 513 27.09 -10.91 -7.18
N ASN A 514 26.33 -10.74 -6.10
CA ASN A 514 26.26 -11.69 -4.99
C ASN A 514 27.64 -11.92 -4.38
N GLY A 515 28.17 -10.85 -3.80
CA GLY A 515 29.49 -10.92 -3.19
C GLY A 515 29.95 -9.56 -2.70
N TRP A 516 31.23 -9.51 -2.35
CA TRP A 516 31.85 -8.30 -1.84
C TRP A 516 33.29 -8.24 -2.32
N GLN A 517 33.82 -7.02 -2.36
CA GLN A 517 35.18 -6.81 -2.84
C GLN A 517 35.76 -5.56 -2.20
N PHE A 518 37.09 -5.46 -2.20
CA PHE A 518 37.81 -4.26 -1.82
C PHE A 518 38.19 -3.45 -3.05
N PHE A 519 38.60 -2.21 -2.79
CA PHE A 519 39.49 -1.52 -3.72
C PHE A 519 40.93 -1.86 -3.31
N SER A 520 41.92 -1.18 -3.91
CA SER A 520 43.31 -1.35 -3.48
C SER A 520 43.79 -2.80 -3.58
N PRO A 521 44.10 -3.28 -4.80
CA PRO A 521 44.47 -4.70 -4.96
C PRO A 521 45.53 -5.20 -3.99
N ALA A 522 46.42 -4.33 -3.52
CA ALA A 522 47.38 -4.74 -2.51
C ALA A 522 46.68 -5.22 -1.25
N MET A 523 45.66 -4.48 -0.80
CA MET A 523 44.85 -4.93 0.32
C MET A 523 43.91 -6.07 -0.07
N ASN A 524 43.56 -6.17 -1.34
CA ASN A 524 42.68 -7.25 -1.79
C ASN A 524 43.37 -8.61 -1.71
N GLU A 525 44.67 -8.66 -2.03
CA GLU A 525 45.39 -9.92 -2.08
C GLU A 525 45.50 -10.61 -0.72
N MET A 526 45.42 -9.85 0.37
CA MET A 526 45.51 -10.45 1.70
C MET A 526 44.37 -11.41 1.96
N VAL A 527 43.19 -11.14 1.38
CA VAL A 527 42.07 -12.07 1.54
C VAL A 527 42.39 -13.40 0.88
N LYS A 528 42.98 -13.37 -0.31
CA LYS A 528 43.36 -14.62 -0.97
C LYS A 528 44.41 -15.36 -0.16
N GLU A 529 45.38 -14.62 0.41
CA GLU A 529 46.38 -15.26 1.26
C GLU A 529 45.74 -15.93 2.47
N ARG A 530 44.79 -15.25 3.11
CA ARG A 530 44.13 -15.82 4.27
C ARG A 530 43.33 -17.07 3.90
N LEU A 531 42.63 -17.03 2.76
CA LEU A 531 41.85 -18.20 2.35
C LEU A 531 42.75 -19.37 2.00
N VAL A 532 43.89 -19.13 1.34
CA VAL A 532 44.77 -20.25 1.03
C VAL A 532 45.39 -20.82 2.30
N LEU A 533 45.73 -19.94 3.26
CA LEU A 533 46.25 -20.42 4.54
C LEU A 533 45.21 -21.27 5.28
N GLY A 534 43.96 -20.80 5.29
CA GLY A 534 42.91 -21.55 5.97
C GLY A 534 42.62 -22.88 5.29
N ALA A 535 42.66 -22.90 3.96
CA ALA A 535 42.49 -24.16 3.24
C ALA A 535 43.61 -25.13 3.57
N ALA A 536 44.84 -24.64 3.65
CA ALA A 536 45.95 -25.50 4.03
C ALA A 536 45.77 -26.03 5.45
N LEU A 537 45.32 -25.18 6.37
CA LEU A 537 45.09 -25.63 7.74
C LEU A 537 44.02 -26.70 7.82
N LYS A 538 42.91 -26.51 7.09
CA LYS A 538 41.85 -27.51 7.08
C LYS A 538 42.34 -28.83 6.48
N GLU A 539 43.12 -28.74 5.41
CA GLU A 539 43.67 -29.96 4.81
C GLU A 539 44.59 -30.67 5.78
N ALA A 540 45.42 -29.91 6.52
CA ALA A 540 46.31 -30.53 7.50
C ALA A 540 45.53 -31.20 8.61
N ILE A 541 44.46 -30.55 9.09
CA ILE A 541 43.62 -31.15 10.12
C ILE A 541 43.01 -32.45 9.62
N SER A 542 42.49 -32.44 8.39
CA SER A 542 41.86 -33.63 7.84
C SER A 542 42.87 -34.76 7.67
N ASN A 543 44.07 -34.44 7.16
CA ASN A 543 45.08 -35.43 6.87
C ASN A 543 45.89 -35.83 8.10
N ASN A 544 45.64 -35.21 9.25
CA ASN A 544 46.32 -35.54 10.50
C ASN A 544 47.82 -35.30 10.39
N GLN A 545 48.18 -34.10 9.94
CA GLN A 545 49.62 -33.75 9.90
C GLN A 545 49.90 -32.69 10.98
N LEU A 546 49.32 -32.82 12.17
CA LEU A 546 49.53 -31.85 13.27
C LEU A 546 50.39 -32.51 14.37
N LYS A 547 50.98 -31.72 15.29
CA LYS A 547 51.94 -32.28 16.27
C LYS A 547 51.73 -31.70 17.69
N LEU A 548 52.19 -32.40 18.73
CA LEU A 548 52.09 -31.97 20.11
C LEU A 548 53.47 -31.96 20.74
N VAL A 549 53.82 -30.83 21.36
CA VAL A 549 55.10 -30.65 22.02
C VAL A 549 54.84 -30.39 23.50
N TYR A 550 55.52 -31.14 24.36
CA TYR A 550 55.22 -31.19 25.79
C TYR A 550 56.27 -30.44 26.59
N GLN A 551 55.82 -29.54 27.47
CA GLN A 551 56.69 -28.81 28.38
C GLN A 551 56.41 -29.23 29.81
N PRO A 552 57.42 -29.67 30.56
CA PRO A 552 57.17 -30.15 31.92
C PRO A 552 56.95 -29.01 32.91
N GLN A 553 56.39 -29.38 34.06
CA GLN A 553 56.23 -28.48 35.20
C GLN A 553 56.92 -29.10 36.41
N ILE A 554 57.61 -28.28 37.19
CA ILE A 554 58.51 -28.78 38.22
C ILE A 554 58.11 -28.22 39.57
N PHE A 555 58.48 -28.95 40.63
CA PHE A 555 58.13 -28.56 41.99
C PHE A 555 59.18 -27.60 42.55
N ALA A 556 58.74 -26.79 43.53
CA ALA A 556 59.63 -25.77 44.08
C ALA A 556 60.67 -26.38 45.03
N GLU A 557 60.27 -27.37 45.84
CA GLU A 557 61.13 -27.89 46.89
C GLU A 557 61.85 -29.16 46.46
N THR A 558 61.09 -30.17 46.04
CA THR A 558 61.66 -31.47 45.72
C THR A 558 62.23 -31.55 44.31
N GLY A 559 61.92 -30.59 43.45
CA GLY A 559 62.39 -30.65 42.07
C GLY A 559 61.88 -31.86 41.32
N GLU A 560 60.61 -32.22 41.54
CA GLU A 560 60.00 -33.39 40.93
C GLU A 560 58.97 -32.96 39.90
N LEU A 561 58.82 -33.75 38.85
CA LEU A 561 57.94 -33.39 37.74
C LEU A 561 56.49 -33.42 38.21
N TYR A 562 55.87 -32.24 38.29
CA TYR A 562 54.46 -32.16 38.65
C TYR A 562 53.58 -32.66 37.52
N GLY A 563 53.88 -32.25 36.29
CA GLY A 563 53.09 -32.63 35.14
C GLY A 563 53.59 -31.91 33.90
N ILE A 564 52.92 -32.16 32.78
CA ILE A 564 53.28 -31.55 31.51
C ILE A 564 52.04 -30.92 30.88
N GLU A 565 52.29 -29.96 30.01
CA GLU A 565 51.25 -29.32 29.21
C GLU A 565 51.54 -29.53 27.74
N ALA A 566 50.56 -30.05 27.01
CA ALA A 566 50.72 -30.34 25.59
C ALA A 566 50.34 -29.12 24.77
N LEU A 567 51.21 -28.74 23.84
CA LEU A 567 50.99 -27.60 22.97
C LEU A 567 50.95 -28.04 21.51
N ALA A 568 49.98 -27.54 20.77
CA ALA A 568 49.81 -27.92 19.38
C ALA A 568 50.81 -27.18 18.50
N ARG A 569 51.37 -27.90 17.52
CA ARG A 569 52.35 -27.33 16.60
C ARG A 569 52.03 -27.80 15.19
N TRP A 570 52.45 -27.01 14.20
CA TRP A 570 52.17 -27.30 12.81
C TRP A 570 53.30 -26.77 11.94
N HIS A 571 53.71 -27.60 10.97
CA HIS A 571 54.71 -27.22 9.98
C HIS A 571 54.20 -27.63 8.61
N ASP A 572 54.09 -26.65 7.71
CA ASP A 572 53.55 -26.91 6.38
C ASP A 572 54.67 -26.93 5.34
N PRO A 573 54.56 -27.77 4.31
CA PRO A 573 55.60 -27.77 3.27
C PRO A 573 55.73 -26.44 2.55
N LEU A 574 54.65 -25.69 2.41
CA LEU A 574 54.65 -24.43 1.68
C LEU A 574 54.80 -23.22 2.60
N HIS A 575 54.05 -23.18 3.70
CA HIS A 575 54.06 -22.04 4.60
C HIS A 575 55.06 -22.17 5.75
N GLY A 576 55.81 -23.27 5.81
CA GLY A 576 56.78 -23.41 6.88
C GLY A 576 56.11 -23.62 8.22
N HIS A 577 56.71 -23.06 9.26
CA HIS A 577 56.20 -23.20 10.62
C HIS A 577 55.18 -22.09 10.90
N VAL A 578 53.98 -22.49 11.30
CA VAL A 578 52.91 -21.56 11.63
C VAL A 578 52.77 -21.53 13.16
N PRO A 579 53.03 -20.40 13.80
CA PRO A 579 52.95 -20.37 15.25
C PRO A 579 51.53 -20.62 15.73
N PRO A 580 51.35 -21.25 16.89
CA PRO A 580 50.00 -21.46 17.41
C PRO A 580 49.26 -20.17 17.71
N SER A 581 49.99 -19.08 17.93
CA SER A 581 49.35 -17.78 18.10
C SER A 581 48.71 -17.28 16.81
N ARG A 582 49.02 -17.92 15.68
CA ARG A 582 48.51 -17.50 14.39
C ARG A 582 47.37 -18.38 13.89
N PHE A 583 47.54 -19.71 13.93
CA PHE A 583 46.61 -20.61 13.27
C PHE A 583 45.49 -21.11 14.18
N ILE A 584 45.55 -20.83 15.48
CA ILE A 584 44.44 -21.18 16.36
C ILE A 584 43.31 -20.16 16.22
N PRO A 585 43.58 -18.83 16.26
CA PRO A 585 42.52 -17.88 15.92
C PRO A 585 41.98 -18.04 14.52
N LEU A 586 42.83 -18.49 13.58
CA LEU A 586 42.37 -18.73 12.22
C LEU A 586 41.31 -19.83 12.19
N ALA A 587 41.49 -20.87 12.99
CA ALA A 587 40.50 -21.94 13.06
C ALA A 587 39.20 -21.44 13.69
N GLU A 588 39.28 -20.48 14.62
CA GLU A 588 38.08 -19.91 15.20
C GLU A 588 37.24 -19.21 14.15
N GLU A 589 37.87 -18.47 13.25
CA GLU A 589 37.15 -17.78 12.19
C GLU A 589 36.50 -18.77 11.22
N ILE A 590 37.21 -19.84 10.87
CA ILE A 590 36.68 -20.82 9.93
C ILE A 590 35.67 -21.72 10.61
N GLY A 591 36.05 -22.36 11.70
CA GLY A 591 35.16 -23.28 12.38
C GLY A 591 35.77 -24.66 12.56
N GLU A 592 37.09 -24.74 12.50
CA GLU A 592 37.81 -25.99 12.68
C GLU A 592 38.33 -26.17 14.10
N ILE A 593 37.92 -25.31 15.04
CA ILE A 593 38.37 -25.44 16.42
C ILE A 593 37.94 -26.77 17.02
N GLU A 594 36.70 -27.18 16.73
CA GLU A 594 36.22 -28.47 17.23
C GLU A 594 37.10 -29.60 16.72
N ASN A 595 37.46 -29.58 15.45
CA ASN A 595 38.31 -30.63 14.90
C ASN A 595 39.68 -30.64 15.55
N ILE A 596 40.20 -29.46 15.90
CA ILE A 596 41.46 -29.39 16.63
C ILE A 596 41.31 -30.05 18.00
N GLY A 597 40.20 -29.76 18.69
CA GLY A 597 40.02 -30.29 20.03
C GLY A 597 39.95 -31.80 20.07
N ARG A 598 39.22 -32.40 19.13
CA ARG A 598 39.11 -33.85 19.10
C ARG A 598 40.48 -34.49 18.83
N TRP A 599 41.26 -33.91 17.91
CA TRP A 599 42.55 -34.50 17.59
C TRP A 599 43.50 -34.43 18.78
N VAL A 600 43.53 -33.29 19.48
CA VAL A 600 44.46 -33.13 20.59
C VAL A 600 44.13 -34.10 21.72
N ILE A 601 42.84 -34.23 22.04
CA ILE A 601 42.44 -35.11 23.14
C ILE A 601 42.78 -36.56 22.80
N ALA A 602 42.46 -36.99 21.57
CA ALA A 602 42.77 -38.35 21.16
C ALA A 602 44.27 -38.60 21.11
N GLU A 603 45.03 -37.64 20.58
CA GLU A 603 46.48 -37.82 20.46
C GLU A 603 47.14 -37.82 21.83
N ALA A 604 46.74 -36.91 22.71
CA ALA A 604 47.36 -36.84 24.04
C ALA A 604 47.13 -38.11 24.83
N CYS A 605 45.90 -38.64 24.79
CA CYS A 605 45.62 -39.89 25.50
C CYS A 605 46.39 -41.05 24.88
N ARG A 606 46.46 -41.11 23.55
CA ARG A 606 47.20 -42.18 22.89
C ARG A 606 48.68 -42.13 23.24
N GLN A 607 49.25 -40.92 23.31
CA GLN A 607 50.66 -40.80 23.66
C GLN A 607 50.93 -41.31 25.06
N LEU A 608 50.01 -41.06 26.00
CA LEU A 608 50.17 -41.56 27.35
C LEU A 608 50.16 -43.09 27.37
N ALA A 609 49.35 -43.71 26.52
CA ALA A 609 49.36 -45.16 26.41
C ALA A 609 50.71 -45.66 25.89
N GLU A 610 51.28 -44.96 24.90
CA GLU A 610 52.60 -45.34 24.40
C GLU A 610 53.66 -45.19 25.48
N TRP A 611 53.63 -44.11 26.25
CA TRP A 611 54.59 -43.93 27.33
C TRP A 611 54.38 -44.95 28.44
N ARG A 612 53.15 -45.44 28.61
CA ARG A 612 52.90 -46.44 29.64
C ARG A 612 53.39 -47.82 29.23
N SER A 613 53.60 -48.04 27.93
CA SER A 613 54.12 -49.33 27.48
C SER A 613 55.48 -49.59 28.08
N GLN A 614 56.34 -48.57 28.09
CA GLN A 614 57.58 -48.61 28.85
C GLN A 614 57.35 -47.93 30.19
N ASN A 615 58.42 -47.72 30.95
CA ASN A 615 58.33 -47.27 32.33
C ASN A 615 58.44 -45.74 32.38
N ILE A 616 57.29 -45.07 32.39
CA ILE A 616 57.21 -43.63 32.60
C ILE A 616 55.96 -43.35 33.41
N HIS A 617 56.11 -42.59 34.50
CA HIS A 617 55.00 -42.36 35.42
C HIS A 617 54.07 -41.25 34.93
N ILE A 618 54.63 -40.11 34.53
CA ILE A 618 53.94 -38.96 33.95
C ILE A 618 52.64 -38.66 34.68
N PRO A 619 52.70 -38.03 35.86
CA PRO A 619 51.50 -37.92 36.70
C PRO A 619 50.31 -37.23 36.04
N ALA A 620 50.55 -36.18 35.24
CA ALA A 620 49.43 -35.41 34.72
C ALA A 620 49.78 -34.84 33.35
N LEU A 621 48.73 -34.49 32.59
CA LEU A 621 48.88 -33.92 31.27
C LEU A 621 47.79 -32.87 31.07
N SER A 622 48.19 -31.64 30.80
CA SER A 622 47.27 -30.52 30.63
C SER A 622 46.99 -30.29 29.15
N VAL A 623 45.72 -30.12 28.81
CA VAL A 623 45.29 -29.93 27.43
C VAL A 623 44.40 -28.69 27.36
N ASN A 624 44.74 -27.78 26.46
CA ASN A 624 43.98 -26.54 26.32
C ASN A 624 42.73 -26.78 25.48
N LEU A 625 41.63 -26.18 25.90
CA LEU A 625 40.38 -26.20 25.15
C LEU A 625 39.83 -24.78 25.03
N SER A 626 39.04 -24.57 23.99
CA SER A 626 38.49 -23.25 23.69
C SER A 626 37.04 -23.15 24.15
N ALA A 627 36.56 -21.90 24.25
CA ALA A 627 35.20 -21.66 24.71
C ALA A 627 34.18 -22.24 23.74
N LEU A 628 34.40 -22.04 22.43
CA LEU A 628 33.49 -22.59 21.44
C LEU A 628 33.47 -24.11 21.48
N HIS A 629 34.58 -24.73 21.87
CA HIS A 629 34.61 -26.18 22.01
C HIS A 629 33.66 -26.64 23.11
N PHE A 630 33.62 -25.92 24.23
CA PHE A 630 32.82 -26.36 25.36
C PHE A 630 31.34 -25.98 25.24
N ARG A 631 30.98 -25.19 24.23
CA ARG A 631 29.59 -24.77 24.08
C ARG A 631 28.71 -25.89 23.53
N SER A 632 29.29 -26.96 23.02
CA SER A 632 28.52 -28.06 22.45
C SER A 632 28.24 -29.12 23.51
N ASN A 633 27.10 -29.79 23.37
CA ASN A 633 26.71 -30.87 24.28
C ASN A 633 27.20 -32.23 23.77
N GLN A 634 28.50 -32.30 23.46
CA GLN A 634 29.09 -33.53 22.97
C GLN A 634 30.44 -33.88 23.59
N LEU A 635 30.96 -33.05 24.49
CA LEU A 635 32.30 -33.28 25.05
C LEU A 635 32.45 -34.62 25.77
N PRO A 636 31.58 -35.00 26.71
CA PRO A 636 31.84 -36.25 27.45
C PRO A 636 31.87 -37.47 26.57
N ASN A 637 31.26 -37.42 25.38
CA ASN A 637 31.26 -38.58 24.50
C ASN A 637 32.67 -38.93 24.05
N GLN A 638 33.40 -37.96 23.51
CA GLN A 638 34.73 -38.24 22.98
C GLN A 638 35.76 -38.38 24.09
N VAL A 639 35.62 -37.63 25.17
CA VAL A 639 36.61 -37.70 26.25
C VAL A 639 36.51 -39.05 26.96
N SER A 640 35.29 -39.52 27.22
CA SER A 640 35.12 -40.84 27.81
C SER A 640 35.64 -41.92 26.86
N ASP A 641 35.44 -41.74 25.55
CA ASP A 641 35.98 -42.68 24.58
C ASP A 641 37.50 -42.72 24.66
N ALA A 642 38.13 -41.56 24.90
CA ALA A 642 39.58 -41.52 25.00
C ALA A 642 40.08 -42.32 26.20
N MET A 643 39.40 -42.21 27.34
CA MET A 643 39.90 -42.86 28.55
C MET A 643 39.78 -44.38 28.47
N HIS A 644 38.61 -44.88 28.07
CA HIS A 644 38.38 -46.32 28.14
C HIS A 644 38.91 -47.08 26.93
N ALA A 645 39.36 -46.38 25.90
CA ALA A 645 40.01 -47.04 24.77
C ALA A 645 41.51 -47.21 24.96
N TRP A 646 42.09 -46.60 25.98
CA TRP A 646 43.53 -46.72 26.21
C TRP A 646 43.89 -46.85 27.68
N GLY A 647 42.93 -46.98 28.58
CA GLY A 647 43.21 -47.13 30.00
C GLY A 647 43.91 -45.93 30.60
N ILE A 648 43.39 -44.74 30.32
CA ILE A 648 44.01 -43.49 30.75
C ILE A 648 43.01 -42.70 31.60
N ASP A 649 42.24 -43.43 32.42
CA ASP A 649 41.17 -42.87 33.24
C ASP A 649 41.56 -41.54 33.88
N GLY A 650 40.55 -40.67 34.02
CA GLY A 650 40.72 -39.24 34.20
C GLY A 650 41.63 -38.72 35.29
N HIS A 651 42.11 -39.57 36.19
CA HIS A 651 42.96 -39.06 37.26
C HIS A 651 44.30 -38.57 36.75
N GLN A 652 44.68 -38.93 35.52
CA GLN A 652 45.90 -38.47 34.88
C GLN A 652 45.65 -37.31 33.90
N LEU A 653 44.57 -37.37 33.14
CA LEU A 653 44.25 -36.29 32.21
C LEU A 653 43.86 -35.02 32.97
N THR A 654 44.09 -33.89 32.32
CA THR A 654 43.76 -32.59 32.91
C THR A 654 43.35 -31.64 31.80
N VAL A 655 42.39 -30.78 32.11
CA VAL A 655 41.85 -29.82 31.14
C VAL A 655 41.88 -28.43 31.76
N GLU A 656 42.40 -27.47 31.03
CA GLU A 656 42.46 -26.08 31.45
C GLU A 656 41.56 -25.23 30.57
N ILE A 657 40.86 -24.27 31.19
CA ILE A 657 39.89 -23.46 30.48
C ILE A 657 40.34 -22.00 30.52
N THR A 658 39.88 -21.25 29.54
CA THR A 658 40.23 -19.84 29.41
C THR A 658 39.49 -19.03 30.47
N GLU A 659 40.10 -17.90 30.86
CA GLU A 659 39.48 -17.02 31.84
C GLU A 659 38.13 -16.49 31.37
N SER A 660 38.01 -16.17 30.08
CA SER A 660 36.75 -15.63 29.58
C SER A 660 35.61 -16.63 29.72
N MET A 661 35.93 -17.93 29.79
CA MET A 661 34.90 -18.94 29.94
C MET A 661 34.19 -18.81 31.29
N MET A 662 34.96 -18.56 32.36
CA MET A 662 34.33 -18.34 33.66
C MET A 662 33.61 -17.00 33.72
N MET A 663 34.01 -16.03 32.89
CA MET A 663 33.29 -14.78 32.82
C MET A 663 31.87 -14.98 32.31
N GLU A 664 31.71 -15.85 31.30
CA GLU A 664 30.38 -16.18 30.81
C GLU A 664 29.63 -17.01 31.83
N HIS A 665 28.31 -16.87 31.82
CA HIS A 665 27.42 -17.57 32.75
C HIS A 665 26.43 -18.41 31.95
N ASP A 666 26.73 -19.68 31.77
CA ASP A 666 25.86 -20.61 31.07
C ASP A 666 25.62 -21.82 31.96
N THR A 667 24.35 -22.11 32.25
CA THR A 667 24.02 -23.23 33.12
C THR A 667 24.41 -24.56 32.48
N GLU A 668 24.14 -24.71 31.18
CA GLU A 668 24.45 -25.96 30.50
C GLU A 668 25.96 -26.23 30.46
N ILE A 669 26.75 -25.19 30.21
CA ILE A 669 28.21 -25.35 30.18
C ILE A 669 28.72 -25.75 31.56
N PHE A 670 28.24 -25.08 32.61
CA PHE A 670 28.70 -25.38 33.96
C PHE A 670 28.33 -26.80 34.36
N LYS A 671 27.12 -27.24 34.01
CA LYS A 671 26.71 -28.61 34.33
C LYS A 671 27.60 -29.62 33.63
N ARG A 672 27.95 -29.35 32.37
CA ARG A 672 28.86 -30.24 31.65
C ARG A 672 30.23 -30.27 32.32
N ILE A 673 30.69 -29.12 32.82
CA ILE A 673 31.94 -29.07 33.57
C ILE A 673 31.84 -29.92 34.82
N GLN A 674 30.73 -29.78 35.56
CA GLN A 674 30.55 -30.55 36.79
C GLN A 674 30.49 -32.04 36.50
N ILE A 675 29.81 -32.43 35.42
CA ILE A 675 29.81 -33.83 35.00
C ILE A 675 31.22 -34.27 34.64
N LEU A 676 31.94 -33.43 33.90
CA LEU A 676 33.32 -33.75 33.53
C LEU A 676 34.22 -33.77 34.77
N ARG A 677 34.02 -32.83 35.69
CA ARG A 677 34.84 -32.79 36.90
C ARG A 677 34.64 -34.04 37.75
N ASP A 678 33.40 -34.53 37.83
CA ASP A 678 33.13 -35.71 38.64
C ASP A 678 33.76 -36.98 38.05
N MET A 679 34.05 -36.97 36.74
CA MET A 679 34.63 -38.15 36.13
C MET A 679 36.05 -38.42 36.61
N GLY A 680 36.75 -37.38 37.05
CA GLY A 680 38.10 -37.55 37.55
C GLY A 680 39.09 -36.54 37.00
N VAL A 681 38.85 -36.09 35.77
CA VAL A 681 39.74 -35.13 35.13
C VAL A 681 39.65 -33.80 35.87
N GLY A 682 40.81 -33.18 36.11
CA GLY A 682 40.86 -31.93 36.83
C GLY A 682 40.49 -30.75 35.96
N LEU A 683 40.46 -29.58 36.60
CA LEU A 683 40.18 -28.33 35.92
C LEU A 683 41.17 -27.27 36.36
N SER A 684 41.64 -26.47 35.41
CA SER A 684 42.59 -25.41 35.67
C SER A 684 42.11 -24.13 35.02
N VAL A 685 42.37 -23.01 35.67
CA VAL A 685 41.96 -21.69 35.19
C VAL A 685 43.20 -20.83 35.07
N ASP A 686 43.41 -20.28 33.87
CA ASP A 686 44.53 -19.38 33.61
C ASP A 686 44.13 -17.94 33.86
N ASP A 687 45.13 -17.09 34.03
CA ASP A 687 44.96 -15.65 34.25
C ASP A 687 44.26 -15.33 35.56
N PHE A 688 44.17 -16.30 36.47
CA PHE A 688 43.60 -16.11 37.81
C PHE A 688 42.16 -15.62 37.74
N GLY A 689 41.44 -16.08 36.72
CA GLY A 689 40.04 -15.70 36.58
C GLY A 689 39.87 -14.20 36.44
N THR A 690 38.82 -13.67 37.06
CA THR A 690 38.54 -12.24 36.97
C THR A 690 38.41 -11.59 38.33
N GLY A 691 37.96 -12.33 39.33
CA GLY A 691 37.74 -11.79 40.67
C GLY A 691 37.58 -12.89 41.71
N PHE A 692 37.77 -12.50 42.98
CA PHE A 692 37.65 -13.46 44.07
C PHE A 692 36.25 -14.05 44.15
N SER A 693 35.22 -13.21 44.00
CA SER A 693 33.85 -13.71 44.06
C SER A 693 33.59 -14.71 42.93
N GLY A 694 34.07 -14.41 41.73
CA GLY A 694 33.97 -15.37 40.64
C GLY A 694 34.76 -16.63 40.91
N LEU A 695 35.96 -16.49 41.46
CA LEU A 695 36.74 -17.66 41.84
C LEU A 695 36.11 -18.39 43.02
N SER A 696 35.39 -17.66 43.89
CA SER A 696 34.63 -18.32 44.95
C SER A 696 33.53 -19.19 44.35
N ARG A 697 32.86 -18.71 43.30
CA ARG A 697 31.97 -19.57 42.55
C ARG A 697 32.75 -20.69 41.87
N LEU A 698 33.97 -20.39 41.42
CA LEU A 698 34.84 -21.44 40.89
C LEU A 698 35.24 -22.41 41.98
N VAL A 699 35.22 -21.99 43.24
CA VAL A 699 35.35 -22.94 44.34
C VAL A 699 34.10 -23.80 44.45
N SER A 700 32.92 -23.19 44.25
CA SER A 700 31.68 -23.96 44.25
C SER A 700 31.65 -24.97 43.11
N LEU A 701 32.13 -24.57 41.93
CA LEU A 701 32.28 -25.48 40.81
C LEU A 701 33.72 -25.97 40.79
N PRO A 702 34.01 -27.09 41.43
CA PRO A 702 35.38 -27.35 41.91
C PRO A 702 36.41 -27.39 40.80
N VAL A 703 37.61 -26.90 41.11
CA VAL A 703 38.77 -26.95 40.25
C VAL A 703 39.94 -27.48 41.06
N THR A 704 41.10 -27.54 40.42
CA THR A 704 42.28 -28.05 41.09
C THR A 704 43.46 -27.10 41.07
N GLU A 705 43.64 -26.32 40.00
CA GLU A 705 44.83 -25.52 39.80
C GLU A 705 44.47 -24.08 39.48
N ILE A 706 45.41 -23.18 39.75
CA ILE A 706 45.34 -21.79 39.32
C ILE A 706 46.69 -21.41 38.74
N LYS A 707 46.69 -20.80 37.57
CA LYS A 707 47.91 -20.46 36.85
C LYS A 707 48.11 -18.95 36.84
N ILE A 708 49.29 -18.51 37.26
CA ILE A 708 49.68 -17.11 37.18
C ILE A 708 50.29 -16.85 35.81
N ASP A 709 49.79 -15.83 35.13
CA ASP A 709 50.19 -15.57 33.75
C ASP A 709 51.65 -15.11 33.69
N LYS A 710 52.23 -15.23 32.49
CA LYS A 710 53.62 -14.83 32.31
C LYS A 710 53.80 -13.34 32.52
N SER A 711 52.85 -12.54 32.06
CA SER A 711 52.98 -11.08 32.17
C SER A 711 53.08 -10.65 33.62
N PHE A 712 52.27 -11.26 34.50
CA PHE A 712 52.35 -10.93 35.92
C PHE A 712 53.71 -11.33 36.50
N VAL A 713 54.22 -12.49 36.09
CA VAL A 713 55.50 -12.97 36.63
C VAL A 713 56.64 -12.04 36.20
N ASP A 714 56.64 -11.63 34.93
CA ASP A 714 57.72 -10.76 34.44
C ASP A 714 57.70 -9.41 35.14
N ARG A 715 56.51 -8.83 35.34
CA ARG A 715 56.39 -7.55 36.01
C ARG A 715 56.70 -7.61 37.50
N CYS A 716 56.82 -8.81 38.06
CA CYS A 716 57.08 -8.95 39.49
C CYS A 716 58.45 -8.41 39.86
N LEU A 717 59.38 -8.34 38.90
CA LEU A 717 60.73 -7.86 39.19
C LEU A 717 60.72 -6.39 39.58
N THR A 718 59.93 -5.57 38.87
CA THR A 718 59.94 -4.12 39.07
C THR A 718 58.78 -3.66 39.94
N GLU A 719 57.55 -3.98 39.55
CA GLU A 719 56.36 -3.54 40.28
C GLU A 719 56.30 -4.29 41.61
N LYS A 720 56.63 -3.59 42.70
CA LYS A 720 56.61 -4.20 44.02
C LYS A 720 55.20 -4.26 44.62
N ARG A 721 54.24 -3.56 44.04
CA ARG A 721 52.88 -3.61 44.54
C ARG A 721 52.17 -4.91 44.17
N ILE A 722 52.55 -5.51 43.03
CA ILE A 722 51.91 -6.76 42.60
C ILE A 722 52.46 -7.99 43.29
N LEU A 723 53.39 -7.81 44.23
CA LEU A 723 53.86 -8.95 45.01
C LEU A 723 52.73 -9.55 45.84
N ALA A 724 51.88 -8.69 46.41
CA ALA A 724 50.76 -9.17 47.20
C ALA A 724 49.73 -9.92 46.36
N LEU A 725 49.73 -9.69 45.05
CA LEU A 725 48.87 -10.49 44.17
C LEU A 725 49.24 -11.96 44.28
N LEU A 726 50.52 -12.28 44.10
CA LEU A 726 50.95 -13.67 44.21
C LEU A 726 50.79 -14.20 45.63
N GLU A 727 51.03 -13.35 46.63
CA GLU A 727 50.84 -13.76 48.02
C GLU A 727 49.37 -14.10 48.29
N ALA A 728 48.46 -13.28 47.77
CA ALA A 728 47.04 -13.60 47.92
C ALA A 728 46.63 -14.77 47.05
N ILE A 729 47.22 -14.90 45.86
CA ILE A 729 46.94 -16.05 45.01
C ILE A 729 47.39 -17.32 45.69
N THR A 730 48.59 -17.31 46.26
CA THR A 730 49.10 -18.49 46.95
C THR A 730 48.33 -18.77 48.23
N SER A 731 47.84 -17.72 48.89
CA SER A 731 47.12 -17.89 50.14
C SER A 731 45.87 -18.74 49.94
N ILE A 732 45.14 -18.49 48.85
CA ILE A 732 44.00 -19.34 48.52
C ILE A 732 44.47 -20.74 48.18
N GLY A 733 45.73 -20.88 47.75
CA GLY A 733 46.28 -22.16 47.41
C GLY A 733 46.29 -23.16 48.55
N GLN A 734 46.76 -22.75 49.73
CA GLN A 734 46.68 -23.63 50.89
C GLN A 734 45.41 -23.42 51.71
N SER A 735 44.64 -22.37 51.42
CA SER A 735 43.40 -22.14 52.17
C SER A 735 42.36 -23.20 51.87
N LEU A 736 42.20 -23.57 50.59
CA LEU A 736 41.21 -24.56 50.21
C LEU A 736 41.80 -25.61 49.28
N ASN A 737 43.10 -25.87 49.40
CA ASN A 737 43.78 -26.95 48.70
C ASN A 737 43.73 -26.76 47.17
N LEU A 738 44.35 -25.67 46.73
CA LEU A 738 44.54 -25.40 45.31
C LEU A 738 46.03 -25.42 44.98
N THR A 739 46.35 -25.86 43.77
CA THR A 739 47.72 -25.88 43.30
C THR A 739 47.97 -24.65 42.43
N VAL A 740 48.94 -23.83 42.83
CA VAL A 740 49.28 -22.62 42.10
C VAL A 740 50.45 -22.91 41.19
N VAL A 741 50.42 -22.38 39.97
CA VAL A 741 51.42 -22.64 38.95
C VAL A 741 52.03 -21.31 38.54
N ALA A 742 53.36 -21.26 38.50
CA ALA A 742 54.08 -20.09 38.03
C ALA A 742 54.56 -20.34 36.61
N GLU A 743 54.25 -19.43 35.70
CA GLU A 743 54.54 -19.61 34.29
C GLU A 743 55.58 -18.62 33.80
N GLY A 744 56.40 -19.06 32.87
CA GLY A 744 57.35 -18.17 32.21
C GLY A 744 58.47 -17.63 33.08
N VAL A 745 59.08 -18.48 33.90
CA VAL A 745 60.29 -18.10 34.62
C VAL A 745 61.48 -18.27 33.68
N GLU A 746 62.48 -17.39 33.82
CA GLU A 746 63.61 -17.38 32.91
C GLU A 746 64.97 -17.31 33.59
N THR A 747 65.06 -16.83 34.83
CA THR A 747 66.34 -16.66 35.49
C THR A 747 66.28 -17.24 36.89
N LYS A 748 67.46 -17.52 37.44
CA LYS A 748 67.55 -18.10 38.78
C LYS A 748 66.98 -17.14 39.82
N GLU A 749 67.26 -15.85 39.70
CA GLU A 749 66.77 -14.88 40.67
C GLU A 749 65.25 -14.85 40.70
N GLN A 750 64.60 -15.16 39.58
CA GLN A 750 63.15 -15.23 39.56
C GLN A 750 62.64 -16.44 40.34
N PHE A 751 63.31 -17.58 40.17
CA PHE A 751 62.88 -18.78 40.88
C PHE A 751 63.01 -18.63 42.39
N GLU A 752 64.11 -18.02 42.85
CA GLU A 752 64.31 -17.83 44.27
C GLU A 752 63.37 -16.78 44.84
N MET A 753 63.00 -15.77 44.05
CA MET A 753 62.13 -14.73 44.55
C MET A 753 60.67 -15.19 44.65
N LEU A 754 60.26 -16.14 43.81
CA LEU A 754 58.93 -16.74 43.96
C LEU A 754 58.90 -17.89 44.94
N ARG A 755 60.06 -18.29 45.47
CA ARG A 755 60.09 -19.41 46.40
C ARG A 755 59.55 -19.01 47.77
N LYS A 756 59.86 -17.80 48.23
CA LYS A 756 59.42 -17.36 49.55
C LYS A 756 57.91 -17.21 49.65
N ILE A 757 57.22 -16.90 48.55
CA ILE A 757 55.76 -16.88 48.55
C ILE A 757 55.19 -18.29 48.54
N HIS A 758 56.04 -19.31 48.37
CA HIS A 758 55.64 -20.71 48.38
C HIS A 758 54.72 -21.04 47.21
N CYS A 759 55.21 -20.76 46.00
CA CYS A 759 54.55 -21.24 44.80
C CYS A 759 54.72 -22.75 44.71
N ARG A 760 53.60 -23.46 44.48
CA ARG A 760 53.64 -24.92 44.52
C ARG A 760 54.51 -25.49 43.42
N VAL A 761 54.28 -25.09 42.18
CA VAL A 761 55.02 -25.61 41.03
C VAL A 761 55.47 -24.45 40.15
N ILE A 762 56.49 -24.73 39.35
CA ILE A 762 57.09 -23.73 38.45
C ILE A 762 57.22 -24.35 37.07
N GLN A 763 56.77 -23.61 36.05
CA GLN A 763 56.85 -24.03 34.66
C GLN A 763 57.41 -22.89 33.83
N GLY A 764 58.55 -23.12 33.19
CA GLY A 764 59.18 -22.05 32.44
C GLY A 764 60.40 -22.53 31.69
N TYR A 765 61.08 -21.57 31.06
CA TYR A 765 62.29 -21.84 30.28
C TYR A 765 63.52 -21.97 31.16
N PHE A 766 63.46 -21.56 32.43
CA PHE A 766 64.59 -21.76 33.33
C PHE A 766 64.85 -23.24 33.55
N PHE A 767 63.83 -24.07 33.41
CA PHE A 767 63.95 -25.51 33.63
C PHE A 767 64.02 -26.30 32.33
N SER A 768 63.08 -26.08 31.41
CA SER A 768 63.06 -26.85 30.17
C SER A 768 62.16 -26.16 29.16
N ARG A 769 62.64 -26.07 27.92
CA ARG A 769 61.79 -25.69 26.80
C ARG A 769 60.88 -26.87 26.46
N PRO A 770 59.78 -26.62 25.77
CA PRO A 770 58.91 -27.73 25.32
C PRO A 770 59.70 -28.68 24.42
N LEU A 771 59.40 -29.97 24.54
CA LEU A 771 60.19 -30.98 23.86
C LEU A 771 59.32 -31.95 23.09
N PRO A 772 59.78 -32.42 21.94
CA PRO A 772 59.06 -33.47 21.21
C PRO A 772 58.98 -34.75 22.02
N ALA A 773 57.93 -35.53 21.74
CA ALA A 773 57.65 -36.73 22.53
C ALA A 773 58.75 -37.78 22.44
N GLU A 774 59.54 -37.77 21.37
CA GLU A 774 60.55 -38.81 21.22
C GLU A 774 61.71 -38.67 22.20
N GLU A 775 61.86 -37.54 22.89
CA GLU A 775 62.87 -37.42 23.93
C GLU A 775 62.29 -36.97 25.26
N ILE A 776 60.96 -37.03 25.41
CA ILE A 776 60.37 -36.90 26.75
C ILE A 776 60.87 -38.00 27.68
N PRO A 777 60.87 -39.29 27.30
CA PRO A 777 61.42 -40.31 28.20
C PRO A 777 62.90 -40.09 28.51
N GLY A 778 63.67 -39.58 27.55
CA GLY A 778 65.07 -39.31 27.82
C GLY A 778 65.27 -38.24 28.86
N TRP A 779 64.44 -37.18 28.79
CA TRP A 779 64.55 -36.09 29.75
C TRP A 779 64.22 -36.56 31.16
N MET A 780 63.21 -37.42 31.30
CA MET A 780 62.80 -37.91 32.61
C MET A 780 63.92 -38.70 33.28
N SER A 781 64.56 -39.59 32.53
CA SER A 781 65.58 -40.46 33.10
C SER A 781 66.94 -39.79 33.22
N SER A 782 67.11 -38.59 32.67
CA SER A 782 68.39 -37.91 32.68
C SER A 782 68.53 -36.87 33.78
N VAL A 783 67.63 -35.91 33.87
CA VAL A 783 67.74 -34.85 34.87
C VAL A 783 66.54 -34.88 35.79
N LEU A 784 66.63 -35.64 36.88
CA LEU A 784 65.61 -35.72 37.92
C LEU A 784 66.26 -36.17 39.22
N PRO A 785 66.26 -35.34 40.27
CA PRO A 785 65.66 -34.01 40.31
C PRO A 785 66.58 -32.92 39.76
N LEU A 786 66.24 -31.68 40.02
CA LEU A 786 67.00 -30.53 39.52
C LEU A 786 67.47 -29.69 40.70
N LYS A 787 68.24 -28.66 40.38
CA LYS A 787 68.76 -27.76 41.40
C LYS A 787 67.62 -27.02 42.08
N ILE A 788 67.65 -26.97 43.41
CA ILE A 788 66.60 -26.34 44.17
C ILE A 788 67.17 -25.22 45.04
N GLY B 1 -81.39 -4.89 -66.94
CA GLY B 1 -80.36 -3.89 -66.87
C GLY B 1 -78.99 -4.43 -67.26
N ILE B 2 -78.00 -3.53 -67.29
CA ILE B 2 -76.63 -3.90 -67.66
C ILE B 2 -75.63 -3.58 -66.56
N PHE B 3 -76.03 -2.91 -65.49
CA PHE B 3 -75.10 -2.52 -64.44
C PHE B 3 -75.04 -3.51 -63.29
N PHE B 4 -76.08 -4.32 -63.09
CA PHE B 4 -76.04 -5.33 -62.04
C PHE B 4 -74.90 -6.33 -62.24
N PRO B 5 -74.70 -6.94 -63.42
CA PRO B 5 -73.52 -7.79 -63.59
C PRO B 5 -72.21 -7.03 -63.41
N ALA B 6 -72.16 -5.76 -63.82
CA ALA B 6 -70.96 -4.97 -63.58
C ALA B 6 -70.71 -4.79 -62.09
N LEU B 7 -71.77 -4.52 -61.32
CA LEU B 7 -71.61 -4.41 -59.88
C LEU B 7 -71.15 -5.73 -59.28
N GLU B 8 -71.67 -6.85 -59.78
CA GLU B 8 -71.19 -8.15 -59.31
C GLU B 8 -69.71 -8.34 -59.61
N GLN B 9 -69.27 -7.95 -60.80
CA GLN B 9 -67.90 -8.15 -61.23
C GLN B 9 -66.94 -7.10 -60.68
N ASN B 10 -67.44 -6.09 -59.98
CA ASN B 10 -66.56 -5.17 -59.28
C ASN B 10 -65.65 -5.95 -58.34
N MET B 11 -64.34 -5.73 -58.44
CA MET B 11 -63.40 -6.48 -57.63
C MET B 11 -63.37 -6.02 -56.18
N MET B 12 -64.05 -4.93 -55.85
CA MET B 12 -64.22 -4.49 -54.47
C MET B 12 -65.58 -4.95 -53.97
N GLY B 13 -65.61 -5.45 -52.74
CA GLY B 13 -66.86 -5.96 -52.19
C GLY B 13 -67.89 -4.87 -52.03
N ALA B 14 -69.11 -5.11 -52.51
CA ALA B 14 -70.15 -4.08 -52.48
C ALA B 14 -71.38 -4.62 -51.76
N VAL B 15 -71.92 -3.81 -50.83
CA VAL B 15 -73.15 -4.15 -50.13
C VAL B 15 -74.05 -2.92 -50.07
N LEU B 16 -75.35 -3.17 -49.91
CA LEU B 16 -76.35 -2.12 -49.88
C LEU B 16 -77.46 -2.53 -48.93
N ILE B 17 -77.89 -1.61 -48.07
CA ILE B 17 -78.93 -1.87 -47.09
C ILE B 17 -80.00 -0.77 -47.15
N ASN B 18 -81.16 -1.09 -46.60
CA ASN B 18 -82.34 -0.23 -46.57
C ASN B 18 -82.71 0.07 -45.12
N GLU B 19 -83.91 0.66 -44.94
CA GLU B 19 -84.43 0.90 -43.60
C GLU B 19 -84.46 -0.38 -42.77
N ASN B 20 -84.81 -1.51 -43.39
CA ASN B 20 -84.84 -2.78 -42.69
C ASN B 20 -83.44 -3.30 -42.36
N ASP B 21 -82.39 -2.67 -42.89
CA ASP B 21 -81.01 -3.05 -42.61
C ASP B 21 -80.71 -4.49 -43.03
N GLU B 22 -81.25 -4.90 -44.17
CA GLU B 22 -80.94 -6.18 -44.77
C GLU B 22 -79.88 -6.02 -45.85
N VAL B 23 -79.17 -7.10 -46.15
CA VAL B 23 -78.16 -7.10 -47.20
C VAL B 23 -78.76 -7.72 -48.46
N MET B 24 -78.78 -6.96 -49.55
CA MET B 24 -79.36 -7.40 -50.81
C MET B 24 -78.33 -7.60 -51.90
N PHE B 25 -77.08 -7.22 -51.67
CA PHE B 25 -76.03 -7.34 -52.68
C PHE B 25 -74.74 -7.75 -51.99
N PHE B 26 -74.24 -8.94 -52.35
CA PHE B 26 -73.04 -9.50 -51.71
C PHE B 26 -72.23 -10.17 -52.82
N ASN B 27 -71.33 -9.40 -53.43
CA ASN B 27 -70.63 -9.85 -54.62
C ASN B 27 -69.53 -10.85 -54.27
N PRO B 28 -69.03 -11.60 -55.27
CA PRO B 28 -67.96 -12.58 -54.98
C PRO B 28 -66.74 -11.97 -54.33
N ALA B 29 -66.44 -10.70 -54.58
CA ALA B 29 -65.36 -10.04 -53.85
C ALA B 29 -65.67 -10.01 -52.35
N ALA B 30 -66.92 -9.68 -52.00
CA ALA B 30 -67.31 -9.72 -50.60
C ALA B 30 -67.31 -11.15 -50.07
N GLU B 31 -67.63 -12.12 -50.92
CA GLU B 31 -67.55 -13.52 -50.51
C GLU B 31 -66.12 -13.87 -50.12
N LYS B 32 -65.16 -13.49 -50.96
CA LYS B 32 -63.75 -13.79 -50.68
C LYS B 32 -63.26 -13.04 -49.45
N LEU B 33 -63.76 -11.81 -49.24
CA LEU B 33 -63.36 -11.07 -48.05
C LEU B 33 -63.92 -11.70 -46.78
N TRP B 34 -65.25 -11.75 -46.65
CA TRP B 34 -65.86 -12.25 -45.43
C TRP B 34 -65.69 -13.76 -45.29
N GLY B 35 -66.26 -14.52 -46.23
CA GLY B 35 -66.23 -15.96 -46.13
C GLY B 35 -67.62 -16.55 -46.08
N TYR B 36 -68.63 -15.71 -45.84
CA TYR B 36 -69.99 -16.16 -45.77
C TYR B 36 -70.53 -16.49 -47.15
N LYS B 37 -71.60 -17.29 -47.18
CA LYS B 37 -72.26 -17.69 -48.41
C LYS B 37 -73.31 -16.66 -48.81
N ARG B 38 -73.57 -16.60 -50.12
CA ARG B 38 -74.55 -15.63 -50.62
C ARG B 38 -75.93 -15.91 -50.05
N GLU B 39 -76.33 -17.17 -49.97
CA GLU B 39 -77.62 -17.51 -49.38
C GLU B 39 -77.66 -17.15 -47.90
N GLU B 40 -76.56 -17.41 -47.18
CA GLU B 40 -76.50 -17.07 -45.76
C GLU B 40 -76.52 -15.57 -45.53
N VAL B 41 -76.11 -14.78 -46.50
CA VAL B 41 -76.03 -13.32 -46.36
C VAL B 41 -77.33 -12.64 -46.77
N ILE B 42 -77.89 -13.05 -47.92
CA ILE B 42 -79.06 -12.37 -48.45
C ILE B 42 -80.26 -12.60 -47.53
N GLY B 43 -80.92 -11.51 -47.14
CA GLY B 43 -82.04 -11.57 -46.24
C GLY B 43 -81.70 -11.43 -44.78
N ASN B 44 -80.44 -11.65 -44.41
CA ASN B 44 -80.02 -11.50 -43.02
C ASN B 44 -79.97 -10.03 -42.63
N ASN B 45 -80.03 -9.80 -41.32
CA ASN B 45 -79.77 -8.48 -40.79
C ASN B 45 -78.27 -8.21 -40.74
N ILE B 46 -77.90 -6.96 -40.48
CA ILE B 46 -76.50 -6.60 -40.40
C ILE B 46 -75.80 -7.26 -39.22
N ASP B 47 -76.57 -7.78 -38.26
CA ASP B 47 -75.98 -8.30 -37.03
C ASP B 47 -75.02 -9.46 -37.28
N MET B 48 -75.24 -10.25 -38.32
CA MET B 48 -74.30 -11.31 -38.66
C MET B 48 -73.05 -10.78 -39.34
N LEU B 49 -72.89 -9.45 -39.43
CA LEU B 49 -71.70 -8.83 -39.98
C LEU B 49 -71.09 -7.79 -39.05
N ILE B 50 -71.89 -7.14 -38.21
CA ILE B 50 -71.36 -6.12 -37.29
C ILE B 50 -70.41 -6.80 -36.31
N PRO B 51 -69.28 -6.19 -35.95
CA PRO B 51 -68.42 -6.77 -34.91
C PRO B 51 -69.15 -6.95 -33.59
N ARG B 52 -68.80 -8.01 -32.88
CA ARG B 52 -69.52 -8.38 -31.67
C ARG B 52 -69.39 -7.29 -30.60
N ASP B 53 -68.17 -6.76 -30.41
CA ASP B 53 -67.96 -5.80 -29.33
C ASP B 53 -68.59 -4.45 -29.65
N LEU B 54 -68.70 -4.10 -30.93
CA LEU B 54 -69.34 -2.86 -31.32
C LEU B 54 -70.83 -3.00 -31.58
N ARG B 55 -71.37 -4.20 -31.40
CA ARG B 55 -72.82 -4.42 -31.54
C ARG B 55 -73.65 -3.57 -30.59
N PRO B 56 -73.32 -3.44 -29.29
CA PRO B 56 -74.13 -2.54 -28.44
C PRO B 56 -74.07 -1.08 -28.86
N ALA B 57 -73.02 -0.68 -29.58
CA ALA B 57 -72.85 0.72 -29.96
C ALA B 57 -73.44 1.05 -31.33
N HIS B 58 -73.52 0.07 -32.23
CA HIS B 58 -73.93 0.36 -33.60
C HIS B 58 -75.32 0.97 -33.73
N PRO B 59 -76.37 0.49 -33.05
CA PRO B 59 -77.70 1.07 -33.25
C PRO B 59 -77.78 2.54 -32.91
N GLU B 60 -76.94 3.03 -31.99
CA GLU B 60 -76.93 4.46 -31.68
C GLU B 60 -76.51 5.27 -32.90
N TYR B 61 -75.44 4.84 -33.58
CA TYR B 61 -75.04 5.49 -34.83
C TYR B 61 -76.10 5.34 -35.89
N ILE B 62 -76.76 4.18 -35.94
CA ILE B 62 -77.83 3.97 -36.91
C ILE B 62 -78.92 5.00 -36.69
N ARG B 63 -79.34 5.19 -35.44
CA ARG B 63 -80.38 6.16 -35.14
C ARG B 63 -79.93 7.57 -35.45
N HIS B 64 -78.68 7.91 -35.13
CA HIS B 64 -78.17 9.23 -35.43
C HIS B 64 -78.24 9.53 -36.92
N ASN B 65 -77.79 8.59 -37.75
CA ASN B 65 -77.79 8.82 -39.19
C ASN B 65 -79.21 8.82 -39.75
N ARG B 66 -80.08 7.95 -39.22
CA ARG B 66 -81.41 7.83 -39.78
C ARG B 66 -82.33 8.96 -39.38
N GLU B 67 -82.06 9.61 -38.24
CA GLU B 67 -82.88 10.73 -37.79
C GLU B 67 -82.24 12.08 -38.14
N GLY B 68 -81.01 12.31 -37.66
CA GLY B 68 -80.32 13.54 -37.98
C GLY B 68 -79.95 13.59 -39.45
N GLY B 69 -80.23 14.73 -40.09
CA GLY B 69 -79.90 14.91 -41.49
C GLY B 69 -78.56 15.59 -41.65
N LYS B 70 -77.67 14.96 -42.42
CA LYS B 70 -76.33 15.47 -42.68
C LYS B 70 -76.20 15.96 -44.12
N ALA B 71 -77.26 16.58 -44.63
CA ALA B 71 -77.33 17.07 -46.01
C ALA B 71 -77.09 15.96 -47.02
N ARG B 72 -77.52 14.74 -46.67
CA ARG B 72 -77.37 13.56 -47.53
C ARG B 72 -75.91 13.34 -47.92
N VAL B 73 -75.02 13.52 -46.96
CA VAL B 73 -73.59 13.33 -47.20
C VAL B 73 -73.29 11.84 -47.30
N GLU B 74 -72.29 11.50 -48.12
CA GLU B 74 -71.91 10.10 -48.28
C GLU B 74 -71.33 9.53 -46.98
N GLY B 75 -70.47 10.29 -46.33
CA GLY B 75 -69.86 9.84 -45.09
C GLY B 75 -68.35 9.99 -45.08
N MET B 76 -67.63 8.88 -44.90
CA MET B 76 -66.18 8.90 -44.86
C MET B 76 -65.65 7.53 -45.28
N SER B 77 -64.47 7.53 -45.89
CA SER B 77 -63.80 6.31 -46.29
C SER B 77 -62.49 6.17 -45.52
N ARG B 78 -62.34 5.05 -44.82
CA ARG B 78 -61.19 4.87 -43.94
C ARG B 78 -60.95 3.38 -43.71
N GLU B 79 -59.94 3.10 -42.89
CA GLU B 79 -59.62 1.72 -42.54
C GLU B 79 -60.46 1.26 -41.36
N LEU B 80 -60.84 -0.02 -41.37
CA LEU B 80 -61.68 -0.59 -40.33
C LEU B 80 -61.31 -2.06 -40.13
N GLN B 81 -61.90 -2.66 -39.10
CA GLN B 81 -61.58 -4.00 -38.66
C GLN B 81 -62.64 -4.97 -39.13
N LEU B 82 -62.22 -6.11 -39.67
CA LEU B 82 -63.12 -7.20 -40.02
C LEU B 82 -62.69 -8.48 -39.32
N GLU B 83 -63.67 -9.23 -38.85
CA GLU B 83 -63.47 -10.54 -38.24
C GLU B 83 -63.93 -11.61 -39.21
N LYS B 84 -63.06 -12.59 -39.48
CA LYS B 84 -63.41 -13.66 -40.41
C LYS B 84 -64.28 -14.69 -39.71
N LYS B 85 -64.70 -15.70 -40.47
CA LYS B 85 -65.57 -16.74 -39.91
C LYS B 85 -64.84 -17.53 -38.82
N ASP B 86 -63.55 -17.81 -39.02
CA ASP B 86 -62.77 -18.47 -37.99
C ASP B 86 -62.56 -17.59 -36.77
N GLY B 87 -62.60 -16.28 -36.94
CA GLY B 87 -62.40 -15.34 -35.85
C GLY B 87 -61.18 -14.43 -36.01
N SER B 88 -60.40 -14.60 -37.07
CA SER B 88 -59.22 -13.77 -37.27
C SER B 88 -59.62 -12.33 -37.59
N LYS B 89 -58.74 -11.39 -37.27
CA LYS B 89 -58.99 -9.97 -37.44
C LYS B 89 -58.04 -9.40 -38.48
N ILE B 90 -58.61 -8.74 -39.49
CA ILE B 90 -57.84 -8.06 -40.54
C ILE B 90 -58.36 -6.63 -40.65
N TRP B 91 -57.64 -5.81 -41.41
CA TRP B 91 -58.04 -4.43 -41.64
C TRP B 91 -58.33 -4.25 -43.12
N THR B 92 -59.47 -3.62 -43.42
CA THR B 92 -59.86 -3.35 -44.79
C THR B 92 -60.19 -1.88 -44.95
N ARG B 93 -60.45 -1.48 -46.20
CA ARG B 93 -60.76 -0.11 -46.54
C ARG B 93 -62.24 -0.01 -46.90
N PHE B 94 -62.94 0.92 -46.25
CA PHE B 94 -64.37 1.11 -46.37
C PHE B 94 -64.67 2.47 -46.98
N ALA B 95 -65.57 2.49 -47.95
CA ALA B 95 -66.15 3.72 -48.48
C ALA B 95 -67.66 3.60 -48.41
N LEU B 96 -68.29 4.52 -47.69
CA LEU B 96 -69.72 4.46 -47.40
C LEU B 96 -70.42 5.68 -47.99
N SER B 97 -71.64 5.46 -48.47
CA SER B 97 -72.41 6.52 -49.12
C SER B 97 -73.87 6.39 -48.72
N LYS B 98 -74.56 7.51 -48.71
CA LYS B 98 -75.99 7.57 -48.44
C LYS B 98 -76.71 7.94 -49.74
N VAL B 99 -77.56 7.05 -50.23
CA VAL B 99 -78.32 7.27 -51.45
C VAL B 99 -79.81 7.15 -51.13
N SER B 100 -80.59 8.05 -51.73
CA SER B 100 -82.04 8.05 -51.60
C SER B 100 -82.65 7.52 -52.90
N ALA B 101 -83.49 6.49 -52.78
CA ALA B 101 -84.15 5.90 -53.93
C ALA B 101 -85.62 5.66 -53.60
N GLU B 102 -86.50 6.06 -54.52
CA GLU B 102 -87.94 5.89 -54.36
C GLU B 102 -88.45 6.56 -53.09
N GLY B 103 -87.77 7.61 -52.64
CA GLY B 103 -88.13 8.29 -51.42
C GLY B 103 -87.67 7.61 -50.15
N LYS B 104 -86.94 6.50 -50.25
CA LYS B 104 -86.48 5.76 -49.09
C LYS B 104 -85.02 6.09 -48.80
N VAL B 105 -84.45 5.43 -47.80
CA VAL B 105 -83.08 5.66 -47.37
C VAL B 105 -82.27 4.40 -47.62
N TYR B 106 -81.17 4.53 -48.34
CA TYR B 106 -80.31 3.40 -48.68
C TYR B 106 -78.86 3.75 -48.37
N TYR B 107 -78.13 2.75 -47.87
CA TYR B 107 -76.73 2.90 -47.51
C TYR B 107 -75.91 1.94 -48.35
N LEU B 108 -74.79 2.42 -48.89
CA LEU B 108 -73.95 1.67 -49.81
C LEU B 108 -72.53 1.61 -49.27
N ALA B 109 -71.89 0.45 -49.38
CA ALA B 109 -70.55 0.28 -48.84
C ALA B 109 -69.69 -0.52 -49.80
N LEU B 110 -68.47 -0.02 -50.03
CA LEU B 110 -67.44 -0.69 -50.83
C LEU B 110 -66.21 -0.96 -49.97
N VAL B 111 -65.71 -2.18 -50.06
CA VAL B 111 -64.65 -2.69 -49.18
C VAL B 111 -63.53 -3.28 -50.03
N ARG B 112 -62.29 -3.01 -49.63
CA ARG B 112 -61.12 -3.53 -50.34
C ARG B 112 -60.41 -4.61 -49.52
N ASP B 113 -59.25 -5.05 -50.01
CA ASP B 113 -58.38 -5.98 -49.30
C ASP B 113 -57.53 -5.28 -48.26
N ALA B 114 -56.78 -4.26 -48.68
CA ALA B 114 -56.05 -3.34 -47.81
C ALA B 114 -54.93 -4.03 -47.03
N SER B 115 -54.50 -5.21 -47.45
CA SER B 115 -53.36 -5.86 -46.82
C SER B 115 -52.11 -5.00 -46.94
N VAL B 116 -51.83 -4.52 -48.16
CA VAL B 116 -50.69 -3.64 -48.38
C VAL B 116 -50.86 -2.34 -47.61
N GLU B 117 -52.10 -1.87 -47.47
CA GLU B 117 -52.34 -0.68 -46.66
C GLU B 117 -51.92 -0.91 -45.22
N MET B 118 -52.28 -2.07 -44.66
CA MET B 118 -51.84 -2.43 -43.31
C MET B 118 -50.32 -2.45 -43.24
N ALA B 119 -49.68 -3.08 -44.21
CA ALA B 119 -48.23 -3.19 -44.19
C ALA B 119 -47.59 -1.81 -44.23
N GLN B 120 -48.08 -0.95 -45.11
CA GLN B 120 -47.50 0.39 -45.25
C GLN B 120 -47.69 1.20 -43.97
N LYS B 121 -48.88 1.17 -43.39
CA LYS B 121 -49.11 1.97 -42.19
C LYS B 121 -48.29 1.45 -41.03
N GLU B 122 -48.22 0.13 -40.86
CA GLU B 122 -47.45 -0.42 -39.75
C GLU B 122 -45.96 -0.15 -39.91
N GLN B 123 -45.45 -0.16 -41.15
CA GLN B 123 -44.03 0.15 -41.30
C GLN B 123 -43.77 1.63 -41.08
N THR B 124 -44.71 2.50 -41.46
CA THR B 124 -44.53 3.92 -41.14
C THR B 124 -44.48 4.12 -39.63
N ARG B 125 -45.36 3.46 -38.90
CA ARG B 125 -45.35 3.57 -37.44
C ARG B 125 -44.06 3.03 -36.87
N GLN B 126 -43.61 1.87 -37.34
CA GLN B 126 -42.37 1.28 -36.86
C GLN B 126 -41.17 2.12 -37.23
N LEU B 127 -41.28 2.98 -38.22
CA LEU B 127 -40.11 3.67 -38.71
C LEU B 127 -39.99 5.10 -38.21
N ILE B 128 -41.12 5.74 -37.84
CA ILE B 128 -41.02 7.04 -37.19
C ILE B 128 -40.27 6.90 -35.87
N ILE B 129 -40.51 5.80 -35.15
CA ILE B 129 -39.64 5.41 -34.06
C ILE B 129 -38.38 4.79 -34.66
N ALA B 130 -37.26 4.99 -33.98
CA ALA B 130 -35.89 4.75 -34.42
C ALA B 130 -35.44 5.84 -35.40
N VAL B 131 -36.33 6.71 -35.86
CA VAL B 131 -35.94 8.05 -36.26
C VAL B 131 -35.95 8.96 -35.05
N ASP B 132 -36.99 8.81 -34.22
CA ASP B 132 -37.07 9.54 -32.96
C ASP B 132 -36.00 9.12 -31.96
N HIS B 133 -35.28 8.02 -32.22
CA HIS B 133 -34.27 7.52 -31.29
C HIS B 133 -32.85 7.73 -31.77
N LEU B 134 -32.64 8.27 -32.97
CA LEU B 134 -31.29 8.58 -33.40
C LEU B 134 -30.70 9.66 -32.51
N ASP B 135 -29.43 9.49 -32.13
CA ASP B 135 -28.86 10.36 -31.11
C ASP B 135 -28.53 11.75 -31.63
N ARG B 136 -28.62 11.98 -32.93
CA ARG B 136 -28.22 13.28 -33.42
C ARG B 136 -29.33 13.93 -34.24
N PRO B 137 -29.40 15.25 -34.26
CA PRO B 137 -30.48 15.94 -34.97
C PRO B 137 -30.28 15.87 -36.48
N VAL B 138 -31.21 15.19 -37.15
CA VAL B 138 -31.19 15.09 -38.60
C VAL B 138 -32.52 15.59 -39.14
N ILE B 139 -32.48 16.44 -40.16
CA ILE B 139 -33.67 16.99 -40.79
C ILE B 139 -33.55 16.82 -42.29
N VAL B 140 -34.66 16.50 -42.95
CA VAL B 140 -34.71 16.30 -44.39
C VAL B 140 -35.36 17.50 -45.04
N LEU B 141 -34.73 18.01 -46.09
CA LEU B 141 -35.18 19.20 -46.81
C LEU B 141 -35.62 18.83 -48.22
N ASP B 142 -36.73 19.41 -48.64
CA ASP B 142 -37.19 19.31 -50.02
C ASP B 142 -36.31 20.17 -50.93
N PRO B 143 -36.37 19.95 -52.25
CA PRO B 143 -35.50 20.75 -53.14
C PRO B 143 -35.69 22.25 -52.99
N GLU B 144 -36.92 22.71 -52.84
CA GLU B 144 -37.18 24.14 -52.71
C GLU B 144 -36.87 24.68 -51.32
N ARG B 145 -36.16 23.91 -50.50
CA ARG B 145 -35.66 24.33 -49.20
C ARG B 145 -36.81 24.72 -48.25
N HIS B 146 -37.62 23.71 -47.95
CA HIS B 146 -38.59 23.80 -46.88
C HIS B 146 -38.49 22.55 -46.03
N ILE B 147 -38.40 22.71 -44.71
CA ILE B 147 -38.25 21.57 -43.81
C ILE B 147 -39.48 20.70 -43.92
N VAL B 148 -39.26 19.40 -44.13
CA VAL B 148 -40.35 18.43 -44.19
C VAL B 148 -40.33 17.50 -42.98
N GLN B 149 -39.16 17.02 -42.58
CA GLN B 149 -39.05 16.07 -41.48
C GLN B 149 -38.01 16.56 -40.48
N CYS B 150 -38.39 16.57 -39.21
CA CYS B 150 -37.49 16.92 -38.13
C CYS B 150 -37.63 15.87 -37.03
N ASN B 151 -36.49 15.36 -36.55
CA ASN B 151 -36.52 14.28 -35.59
C ASN B 151 -36.61 14.83 -34.16
N ARG B 152 -36.91 13.92 -33.23
CA ARG B 152 -37.15 14.32 -31.85
C ARG B 152 -35.91 14.95 -31.22
N ALA B 153 -34.72 14.49 -31.61
CA ALA B 153 -33.50 15.09 -31.07
C ALA B 153 -33.41 16.56 -31.42
N PHE B 154 -33.64 16.90 -32.70
CA PHE B 154 -33.64 18.30 -33.09
C PHE B 154 -34.76 19.06 -32.40
N THR B 155 -35.93 18.43 -32.31
CA THR B 155 -37.08 19.10 -31.69
C THR B 155 -36.74 19.53 -30.27
N GLU B 156 -36.25 18.60 -29.45
CA GLU B 156 -35.93 18.95 -28.08
C GLU B 156 -34.64 19.76 -27.95
N MET B 157 -33.75 19.69 -28.94
CA MET B 157 -32.51 20.46 -28.86
C MET B 157 -32.74 21.93 -29.13
N PHE B 158 -33.55 22.26 -30.13
CA PHE B 158 -33.73 23.65 -30.51
C PHE B 158 -35.04 24.27 -30.03
N GLY B 159 -36.09 23.46 -29.85
CA GLY B 159 -37.34 24.01 -29.36
C GLY B 159 -38.30 24.45 -30.44
N TYR B 160 -38.15 23.95 -31.66
CA TYR B 160 -39.05 24.26 -32.76
C TYR B 160 -39.69 22.96 -33.21
N CYS B 161 -40.98 22.79 -32.91
CA CYS B 161 -41.67 21.55 -33.18
C CYS B 161 -41.92 21.38 -34.68
N ILE B 162 -42.50 20.22 -35.03
CA ILE B 162 -42.78 19.93 -36.43
C ILE B 162 -43.86 20.86 -36.98
N SER B 163 -44.87 21.19 -36.16
CA SER B 163 -45.93 22.08 -36.64
C SER B 163 -45.38 23.45 -36.98
N GLU B 164 -44.47 23.97 -36.14
CA GLU B 164 -43.86 25.26 -36.41
C GLU B 164 -42.82 25.22 -37.50
N ALA B 165 -42.18 24.07 -37.72
CA ALA B 165 -41.09 23.95 -38.69
C ALA B 165 -41.52 23.29 -39.99
N SER B 166 -42.81 23.04 -40.19
CA SER B 166 -43.28 22.38 -41.40
C SER B 166 -43.43 23.40 -42.53
N GLY B 167 -42.82 23.08 -43.67
CA GLY B 167 -42.99 23.90 -44.86
C GLY B 167 -42.50 25.33 -44.72
N MET B 168 -41.32 25.52 -44.14
CA MET B 168 -40.77 26.86 -43.99
C MET B 168 -39.26 26.77 -43.91
N GLN B 169 -38.60 27.88 -44.24
CA GLN B 169 -37.18 27.86 -44.52
C GLN B 169 -36.33 27.72 -43.25
N PRO B 170 -35.21 27.00 -43.34
CA PRO B 170 -34.34 26.84 -42.16
C PRO B 170 -33.77 28.14 -41.62
N ASP B 171 -33.43 29.11 -42.49
CA ASP B 171 -32.92 30.37 -41.98
C ASP B 171 -34.00 31.13 -41.22
N THR B 172 -35.21 31.19 -41.79
CA THR B 172 -36.32 31.85 -41.12
C THR B 172 -36.67 31.16 -39.80
N LEU B 173 -36.47 29.85 -39.72
CA LEU B 173 -36.72 29.15 -38.46
C LEU B 173 -35.64 29.47 -37.45
N LEU B 174 -34.40 29.10 -37.75
CA LEU B 174 -33.26 29.31 -36.87
C LEU B 174 -32.53 30.61 -37.19
N ASN B 175 -33.28 31.72 -37.21
CA ASN B 175 -32.71 33.05 -37.39
C ASN B 175 -31.50 33.27 -36.52
N THR B 176 -30.35 33.49 -37.16
CA THR B 176 -29.08 33.71 -36.49
C THR B 176 -28.97 35.17 -36.04
N PRO B 177 -28.14 35.46 -35.04
CA PRO B 177 -27.99 36.84 -34.58
C PRO B 177 -27.43 37.74 -35.67
N GLU B 178 -27.90 38.98 -35.68
CA GLU B 178 -27.44 39.94 -36.66
C GLU B 178 -25.94 40.19 -36.55
N PHE B 179 -25.36 39.95 -35.38
CA PHE B 179 -23.93 40.14 -35.16
C PHE B 179 -23.26 38.79 -35.02
N PRO B 180 -22.25 38.46 -35.84
CA PRO B 180 -21.75 39.31 -36.93
C PRO B 180 -22.56 39.17 -38.22
N ALA B 181 -22.17 39.93 -39.24
CA ALA B 181 -22.91 39.96 -40.49
C ALA B 181 -22.64 38.73 -41.36
N ASP B 182 -21.44 38.18 -41.31
CA ASP B 182 -21.05 37.11 -42.23
C ASP B 182 -21.83 35.83 -42.01
N ASN B 183 -22.52 35.70 -40.87
CA ASN B 183 -23.25 34.47 -40.59
C ASN B 183 -24.31 34.20 -41.65
N ARG B 184 -25.04 35.25 -42.06
CA ARG B 184 -26.11 35.06 -43.03
C ARG B 184 -25.56 34.60 -44.37
N ILE B 185 -24.48 35.24 -44.83
CA ILE B 185 -23.88 34.85 -46.10
C ILE B 185 -23.39 33.42 -46.03
N ARG B 186 -22.71 33.06 -44.94
CA ARG B 186 -22.21 31.70 -44.79
C ARG B 186 -23.36 30.69 -44.81
N LEU B 187 -24.45 30.98 -44.11
CA LEU B 187 -25.51 29.98 -44.01
C LEU B 187 -26.30 29.88 -45.31
N GLN B 188 -26.52 30.99 -46.03
CA GLN B 188 -27.12 30.87 -47.35
C GLN B 188 -26.24 30.05 -48.29
N GLN B 189 -24.93 30.29 -48.29
CA GLN B 189 -24.08 29.53 -49.20
C GLN B 189 -24.07 28.05 -48.83
N LEU B 190 -24.13 27.75 -47.53
CA LEU B 190 -24.22 26.35 -47.11
C LEU B 190 -25.53 25.72 -47.55
N LEU B 191 -26.64 26.40 -47.28
CA LEU B 191 -27.96 25.84 -47.59
C LEU B 191 -28.13 25.61 -49.08
N TRP B 192 -27.66 26.53 -49.90
CA TRP B 192 -27.83 26.40 -51.34
C TRP B 192 -26.65 25.74 -52.02
N LYS B 193 -25.64 25.32 -51.27
CA LYS B 193 -24.56 24.51 -51.84
C LYS B 193 -25.08 23.15 -52.26
N THR B 194 -24.57 22.65 -53.39
CA THR B 194 -25.00 21.37 -53.92
C THR B 194 -24.09 20.21 -53.52
N ALA B 195 -22.91 20.49 -52.97
CA ALA B 195 -21.98 19.44 -52.58
C ALA B 195 -22.05 19.22 -51.07
N ARG B 196 -21.56 18.07 -50.63
CA ARG B 196 -21.47 17.78 -49.21
C ARG B 196 -20.60 18.83 -48.54
N ASP B 197 -21.11 19.43 -47.47
CA ASP B 197 -20.41 20.54 -46.86
C ASP B 197 -20.63 20.56 -45.35
N GLN B 198 -19.65 21.09 -44.64
CA GLN B 198 -19.71 21.21 -43.20
C GLN B 198 -19.22 22.59 -42.81
N ASP B 199 -19.69 23.08 -41.68
CA ASP B 199 -19.22 24.37 -41.16
C ASP B 199 -19.70 24.53 -39.72
N GLU B 200 -19.39 25.68 -39.14
CA GLU B 200 -19.82 26.04 -37.79
C GLU B 200 -20.63 27.33 -37.85
N PHE B 201 -21.64 27.44 -37.00
CA PHE B 201 -22.58 28.54 -37.06
C PHE B 201 -23.08 28.86 -35.64
N LEU B 202 -23.88 29.92 -35.57
CA LEU B 202 -24.35 30.48 -34.30
C LEU B 202 -25.87 30.52 -34.25
N LEU B 203 -26.53 29.42 -34.59
CA LEU B 203 -27.98 29.34 -34.65
C LEU B 203 -28.62 29.77 -33.33
N LEU B 204 -29.92 30.09 -33.37
CA LEU B 204 -30.62 30.59 -32.21
C LEU B 204 -31.89 29.78 -31.97
N THR B 205 -32.29 29.69 -30.71
CA THR B 205 -33.42 28.87 -30.30
C THR B 205 -34.64 29.71 -29.95
N ARG B 206 -35.77 29.02 -29.78
CA ARG B 206 -37.04 29.69 -29.55
C ARG B 206 -37.00 30.50 -28.25
N THR B 207 -36.42 29.95 -27.20
CA THR B 207 -36.53 30.53 -25.87
C THR B 207 -35.42 31.53 -25.55
N GLY B 208 -34.36 31.61 -26.37
CA GLY B 208 -33.24 32.40 -25.92
C GLY B 208 -31.85 31.93 -26.33
N GLU B 209 -31.05 31.60 -25.31
CA GLU B 209 -29.59 31.53 -25.34
C GLU B 209 -28.99 30.90 -26.59
N LYS B 210 -27.81 31.41 -26.97
CA LYS B 210 -27.07 30.97 -28.14
C LYS B 210 -26.60 29.53 -28.00
N ILE B 211 -26.57 28.83 -29.14
CA ILE B 211 -25.92 27.53 -29.26
C ILE B 211 -25.04 27.54 -30.51
N TRP B 212 -23.77 27.18 -30.33
CA TRP B 212 -22.84 26.99 -31.43
C TRP B 212 -23.09 25.62 -32.03
N ILE B 213 -23.24 25.55 -33.35
CA ILE B 213 -23.65 24.31 -34.01
C ILE B 213 -22.69 23.99 -35.15
N LYS B 214 -22.22 22.75 -35.19
CA LYS B 214 -21.55 22.20 -36.36
C LYS B 214 -22.62 21.61 -37.27
N ALA B 215 -22.69 22.13 -38.49
CA ALA B 215 -23.74 21.78 -39.44
C ALA B 215 -23.15 21.05 -40.63
N SER B 216 -23.81 19.96 -41.03
CA SER B 216 -23.40 19.17 -42.17
C SER B 216 -24.59 19.02 -43.10
N ILE B 217 -24.34 19.17 -44.40
CA ILE B 217 -25.36 19.03 -45.43
C ILE B 217 -24.88 18.04 -46.47
N SER B 218 -25.74 17.10 -46.84
CA SER B 218 -25.47 16.10 -47.86
C SER B 218 -26.65 15.99 -48.79
N PRO B 219 -26.42 15.67 -50.07
CA PRO B 219 -27.55 15.55 -51.00
C PRO B 219 -28.03 14.11 -51.17
N VAL B 220 -29.22 13.95 -51.75
CA VAL B 220 -29.76 12.64 -52.09
C VAL B 220 -30.49 12.79 -53.41
N TYR B 221 -29.93 12.20 -54.48
CA TYR B 221 -30.48 12.31 -55.82
C TYR B 221 -31.50 11.20 -56.06
N ASP B 222 -31.89 11.01 -57.32
CA ASP B 222 -32.89 10.02 -57.68
C ASP B 222 -32.37 9.09 -58.77
N VAL B 223 -33.26 8.28 -59.34
CA VAL B 223 -32.86 7.40 -60.43
C VAL B 223 -32.39 8.20 -61.64
N LEU B 224 -33.11 9.28 -61.96
CA LEU B 224 -32.78 10.11 -63.11
C LEU B 224 -31.67 11.12 -62.82
N ALA B 225 -30.99 10.99 -61.69
CA ALA B 225 -29.87 11.87 -61.32
C ALA B 225 -30.32 13.33 -61.24
N HIS B 226 -31.24 13.59 -60.31
CA HIS B 226 -31.67 14.95 -59.99
C HIS B 226 -31.85 15.03 -58.49
N LEU B 227 -31.64 16.24 -57.95
CA LEU B 227 -31.73 16.43 -56.51
C LEU B 227 -33.13 16.12 -56.02
N GLN B 228 -33.28 15.01 -55.30
CA GLN B 228 -34.58 14.59 -54.81
C GLN B 228 -34.85 15.12 -53.41
N ASN B 229 -33.87 14.99 -52.51
CA ASN B 229 -33.98 15.56 -51.17
C ASN B 229 -32.58 15.86 -50.67
N LEU B 230 -32.49 16.52 -49.53
CA LEU B 230 -31.20 16.72 -48.88
C LEU B 230 -31.32 16.41 -47.39
N VAL B 231 -30.21 16.03 -46.77
CA VAL B 231 -30.19 15.70 -45.36
C VAL B 231 -29.23 16.65 -44.66
N MET B 232 -29.61 17.12 -43.49
CA MET B 232 -28.78 18.02 -42.70
C MET B 232 -28.70 17.51 -41.27
N THR B 233 -27.48 17.38 -40.77
CA THR B 233 -27.23 16.92 -39.41
C THR B 233 -26.54 18.02 -38.61
N PHE B 234 -26.88 18.08 -37.33
CA PHE B 234 -26.34 19.09 -36.44
C PHE B 234 -25.65 18.42 -35.26
N SER B 235 -24.58 19.06 -34.78
CA SER B 235 -23.90 18.62 -33.57
C SER B 235 -23.53 19.85 -32.75
N ASP B 236 -23.34 19.66 -31.45
CA ASP B 236 -22.98 20.79 -30.61
C ASP B 236 -21.51 20.71 -30.21
N ILE B 237 -20.93 21.88 -29.96
CA ILE B 237 -19.51 22.00 -29.64
C ILE B 237 -19.28 22.19 -28.15
N THR B 238 -20.13 22.99 -27.51
CA THR B 238 -20.02 23.18 -26.07
C THR B 238 -20.20 21.86 -25.32
N GLU B 239 -21.11 21.02 -25.79
CA GLU B 239 -21.36 19.75 -25.12
C GLU B 239 -20.15 18.83 -25.20
N GLU B 240 -19.53 18.72 -26.39
CA GLU B 240 -18.36 17.85 -26.51
C GLU B 240 -17.17 18.39 -25.72
N ARG B 241 -16.99 19.72 -25.71
CA ARG B 241 -15.94 20.29 -24.87
C ARG B 241 -16.19 19.98 -23.41
N GLN B 242 -17.44 20.08 -22.96
CA GLN B 242 -17.77 19.79 -21.57
C GLN B 242 -17.50 18.34 -21.22
N ILE B 243 -17.85 17.41 -22.13
CA ILE B 243 -17.57 16.00 -21.86
C ILE B 243 -16.07 15.78 -21.71
N ARG B 244 -15.27 16.38 -22.59
CA ARG B 244 -13.83 16.20 -22.50
C ARG B 244 -13.30 16.74 -21.18
N GLN B 245 -13.77 17.93 -20.77
CA GLN B 245 -13.32 18.49 -19.50
C GLN B 245 -13.74 17.61 -18.32
N LEU B 246 -14.95 17.05 -18.37
CA LEU B 246 -15.42 16.19 -17.29
C LEU B 246 -14.54 14.95 -17.16
N GLU B 247 -14.25 14.29 -18.28
CA GLU B 247 -13.39 13.11 -18.24
C GLU B 247 -12.01 13.45 -17.71
N GLY B 248 -11.42 14.55 -18.20
CA GLY B 248 -10.12 14.95 -17.72
C GLY B 248 -10.09 15.26 -16.24
N ASN B 249 -11.11 15.98 -15.74
CA ASN B 249 -11.13 16.35 -14.34
C ASN B 249 -11.30 15.14 -13.44
N ILE B 250 -12.16 14.19 -13.82
CA ILE B 250 -12.33 13.01 -12.98
C ILE B 250 -11.06 12.15 -13.00
N LEU B 251 -10.39 12.06 -14.16
CA LEU B 251 -9.13 11.32 -14.20
C LEU B 251 -8.07 11.97 -13.33
N ALA B 252 -7.99 13.30 -13.36
CA ALA B 252 -7.03 14.01 -12.52
C ALA B 252 -7.36 13.83 -11.04
N ALA B 253 -8.65 13.77 -10.71
CA ALA B 253 -9.04 13.51 -9.32
C ALA B 253 -8.61 12.12 -8.88
N MET B 254 -8.87 11.10 -9.72
CA MET B 254 -8.47 9.74 -9.35
C MET B 254 -6.96 9.62 -9.20
N CYS B 255 -6.21 10.24 -10.09
CA CYS B 255 -4.76 10.07 -10.06
C CYS B 255 -4.13 10.56 -8.77
N SER B 256 -4.81 11.45 -8.04
CA SER B 256 -4.27 11.99 -6.80
C SER B 256 -4.52 11.09 -5.59
N SER B 257 -5.22 9.98 -5.79
CA SER B 257 -5.53 9.00 -4.74
C SER B 257 -6.27 9.62 -3.56
N PRO B 258 -7.52 10.02 -3.73
CA PRO B 258 -8.31 10.48 -2.59
C PRO B 258 -9.09 9.32 -1.98
N PRO B 259 -9.62 9.50 -0.76
CA PRO B 259 -10.42 8.43 -0.15
C PRO B 259 -11.68 8.14 -0.95
N PHE B 260 -12.40 7.12 -0.50
CA PHE B 260 -13.57 6.64 -1.23
C PHE B 260 -14.68 7.69 -1.27
N HIS B 261 -15.04 8.24 -0.10
CA HIS B 261 -16.12 9.20 -0.04
C HIS B 261 -15.72 10.51 -0.71
N GLU B 262 -14.46 10.91 -0.58
CA GLU B 262 -13.98 12.10 -1.27
C GLU B 262 -14.04 11.92 -2.78
N MET B 263 -13.68 10.73 -3.27
CA MET B 263 -13.76 10.44 -4.69
C MET B 263 -15.21 10.51 -5.18
N GLY B 264 -16.12 9.91 -4.43
CA GLY B 264 -17.53 10.01 -4.78
C GLY B 264 -18.01 11.45 -4.81
N GLU B 265 -17.56 12.25 -3.84
CA GLU B 265 -17.98 13.64 -3.76
C GLU B 265 -17.47 14.44 -4.95
N ILE B 266 -16.22 14.22 -5.36
CA ILE B 266 -15.68 14.98 -6.47
C ILE B 266 -16.36 14.58 -7.78
N ILE B 267 -16.67 13.28 -7.94
CA ILE B 267 -17.45 12.86 -9.11
C ILE B 267 -18.82 13.53 -9.11
N CYS B 268 -19.47 13.57 -7.94
CA CYS B 268 -20.80 14.15 -7.84
C CYS B 268 -20.80 15.62 -8.20
N ARG B 269 -19.83 16.37 -7.69
CA ARG B 269 -19.81 17.80 -8.00
C ARG B 269 -19.38 18.05 -9.44
N ASN B 270 -18.57 17.18 -10.03
CA ASN B 270 -18.24 17.33 -11.44
C ASN B 270 -19.48 17.15 -12.31
N ILE B 271 -20.28 16.12 -12.03
CA ILE B 271 -21.53 15.94 -12.78
C ILE B 271 -22.48 17.11 -12.54
N GLU B 272 -22.50 17.64 -11.31
CA GLU B 272 -23.31 18.81 -11.04
C GLU B 272 -22.87 20.00 -11.89
N SER B 273 -21.55 20.21 -12.01
CA SER B 273 -21.05 21.34 -12.79
C SER B 273 -21.35 21.16 -14.28
N VAL B 274 -21.25 19.94 -14.78
CA VAL B 274 -21.50 19.74 -16.22
C VAL B 274 -22.99 19.71 -16.53
N LEU B 275 -23.85 19.45 -15.55
CA LEU B 275 -25.29 19.33 -15.77
C LEU B 275 -26.00 20.15 -14.71
N ASN B 276 -26.65 21.24 -15.13
CA ASN B 276 -27.19 22.21 -14.18
C ASN B 276 -28.49 21.73 -13.55
N GLU B 277 -28.69 22.13 -12.29
CA GLU B 277 -29.84 21.78 -11.45
C GLU B 277 -30.18 20.28 -11.54
N SER B 278 -29.25 19.46 -11.06
CA SER B 278 -29.44 18.03 -11.02
C SER B 278 -29.09 17.48 -9.64
N HIS B 279 -29.50 16.25 -9.41
CA HIS B 279 -29.20 15.52 -8.18
C HIS B 279 -28.64 14.15 -8.54
N VAL B 280 -27.50 13.80 -7.95
CA VAL B 280 -26.79 12.57 -8.31
C VAL B 280 -26.57 11.74 -7.05
N SER B 281 -26.80 10.43 -7.18
CA SER B 281 -26.63 9.49 -6.08
C SER B 281 -25.89 8.25 -6.56
N LEU B 282 -25.02 7.74 -5.70
CA LEU B 282 -24.18 6.58 -5.97
C LEU B 282 -24.34 5.56 -4.87
N PHE B 283 -24.46 4.29 -5.26
CA PHE B 283 -24.49 3.19 -4.32
C PHE B 283 -23.51 2.12 -4.77
N ALA B 284 -22.84 1.51 -3.80
CA ALA B 284 -21.88 0.45 -4.05
C ALA B 284 -22.41 -0.86 -3.50
N LEU B 285 -22.28 -1.93 -4.28
CA LEU B 285 -22.78 -3.25 -3.91
C LEU B 285 -21.72 -3.96 -3.07
N ARG B 286 -21.98 -4.10 -1.78
CA ARG B 286 -21.16 -4.91 -0.88
C ARG B 286 -21.96 -6.13 -0.47
N ASN B 287 -21.40 -7.31 -0.74
CA ASN B 287 -22.08 -8.59 -0.46
C ASN B 287 -23.47 -8.63 -1.09
N GLY B 288 -23.61 -7.99 -2.25
CA GLY B 288 -24.89 -7.93 -2.93
C GLY B 288 -25.83 -6.87 -2.43
N MET B 289 -25.47 -6.14 -1.40
CA MET B 289 -26.37 -5.12 -0.87
C MET B 289 -25.80 -3.73 -1.15
N PRO B 290 -26.63 -2.81 -1.64
CA PRO B 290 -26.14 -1.45 -1.88
C PRO B 290 -25.94 -0.67 -0.60
N ILE B 291 -24.89 0.16 -0.59
CA ILE B 291 -24.62 1.10 0.48
C ILE B 291 -24.33 2.45 -0.15
N HIS B 292 -24.83 3.51 0.49
CA HIS B 292 -24.63 4.87 0.01
C HIS B 292 -23.14 5.19 -0.12
N TRP B 293 -22.79 5.88 -1.20
CA TRP B 293 -21.40 6.22 -1.49
C TRP B 293 -21.17 7.72 -1.55
N ALA B 294 -22.01 8.46 -2.27
CA ALA B 294 -21.92 9.92 -2.27
C ALA B 294 -23.25 10.46 -2.78
N SER B 295 -23.48 11.74 -2.52
CA SER B 295 -24.74 12.37 -2.88
C SER B 295 -24.53 13.87 -3.05
N SER B 296 -25.52 14.51 -3.64
CA SER B 296 -25.47 15.95 -3.88
C SER B 296 -25.50 16.73 -2.58
N SER B 297 -24.76 17.85 -2.57
CA SER B 297 -24.79 18.73 -1.41
C SER B 297 -26.17 19.34 -1.21
N HIS B 298 -26.84 19.70 -2.30
CA HIS B 298 -28.22 20.20 -2.24
C HIS B 298 -29.13 19.00 -2.04
N GLY B 299 -29.46 18.73 -0.77
CA GLY B 299 -30.26 17.57 -0.43
C GLY B 299 -31.74 17.71 -0.73
N ALA B 300 -32.18 18.88 -1.18
CA ALA B 300 -33.58 19.09 -1.48
C ALA B 300 -33.93 18.45 -2.83
N GLU B 301 -35.14 18.74 -3.30
CA GLU B 301 -35.66 18.20 -4.54
C GLU B 301 -36.11 19.32 -5.48
N ILE B 302 -36.04 19.04 -6.77
CA ILE B 302 -36.44 19.98 -7.81
C ILE B 302 -37.57 19.34 -8.62
N GLN B 303 -38.55 20.16 -8.98
CA GLN B 303 -39.77 19.65 -9.60
C GLN B 303 -39.49 19.09 -11.00
N ASN B 304 -40.41 18.24 -11.45
CA ASN B 304 -40.32 17.51 -12.72
C ASN B 304 -39.06 16.64 -12.75
N ALA B 305 -39.06 15.67 -11.85
CA ALA B 305 -37.91 14.80 -11.66
C ALA B 305 -37.87 13.74 -12.75
N GLN B 306 -36.86 13.83 -13.62
CA GLN B 306 -36.55 12.78 -14.59
C GLN B 306 -35.28 12.08 -14.12
N SER B 307 -35.33 10.75 -14.06
CA SER B 307 -34.27 9.95 -13.46
C SER B 307 -33.67 9.00 -14.49
N TRP B 308 -32.35 8.86 -14.44
CA TRP B 308 -31.59 7.99 -15.32
C TRP B 308 -30.74 7.09 -14.45
N SER B 309 -30.78 5.79 -14.71
CA SER B 309 -30.12 4.79 -13.87
C SER B 309 -29.09 4.03 -14.68
N ALA B 310 -27.89 3.87 -14.11
CA ALA B 310 -26.82 3.13 -14.75
C ALA B 310 -26.25 2.12 -13.77
N THR B 311 -25.83 0.98 -14.30
CA THR B 311 -25.28 -0.11 -13.50
C THR B 311 -23.77 -0.11 -13.68
N ILE B 312 -23.05 0.23 -12.61
CA ILE B 312 -21.60 0.23 -12.65
C ILE B 312 -21.10 -1.21 -12.58
N ARG B 313 -20.48 -1.67 -13.67
CA ARG B 313 -19.89 -2.99 -13.76
C ARG B 313 -18.37 -2.87 -13.66
N GLN B 314 -17.71 -4.00 -13.44
CA GLN B 314 -16.25 -4.04 -13.26
C GLN B 314 -15.65 -5.20 -14.06
N ARG B 315 -15.29 -4.92 -15.31
CA ARG B 315 -14.53 -5.83 -16.16
C ARG B 315 -15.16 -7.21 -16.28
N ASP B 316 -16.42 -7.35 -15.87
CA ASP B 316 -17.10 -8.64 -15.87
C ASP B 316 -18.60 -8.37 -15.89
N GLY B 317 -19.39 -9.45 -15.79
CA GLY B 317 -20.82 -9.32 -15.72
C GLY B 317 -21.37 -9.09 -14.34
N ALA B 318 -20.52 -9.03 -13.33
CA ALA B 318 -20.98 -8.85 -11.96
C ALA B 318 -21.24 -7.38 -11.68
N PRO B 319 -22.48 -7.00 -11.39
CA PRO B 319 -22.74 -5.59 -11.08
C PRO B 319 -21.95 -5.14 -9.87
N ALA B 320 -21.47 -3.89 -9.92
CA ALA B 320 -20.65 -3.35 -8.85
C ALA B 320 -21.26 -2.12 -8.20
N GLY B 321 -22.26 -1.50 -8.80
CA GLY B 321 -22.88 -0.35 -8.17
C GLY B 321 -24.02 0.19 -9.00
N ILE B 322 -24.65 1.23 -8.45
CA ILE B 322 -25.82 1.87 -9.06
C ILE B 322 -25.61 3.38 -9.05
N LEU B 323 -25.84 4.01 -10.21
CA LEU B 323 -25.81 5.46 -10.35
C LEU B 323 -27.19 5.95 -10.72
N GLN B 324 -27.68 6.97 -10.01
CA GLN B 324 -28.94 7.62 -10.32
C GLN B 324 -28.70 9.10 -10.53
N ILE B 325 -29.16 9.62 -11.67
CA ILE B 325 -28.99 11.03 -11.99
C ILE B 325 -30.34 11.62 -12.37
N LYS B 326 -30.74 12.69 -11.69
CA LYS B 326 -32.06 13.27 -11.86
C LYS B 326 -31.92 14.73 -12.26
N THR B 327 -32.70 15.13 -13.26
CA THR B 327 -32.69 16.50 -13.76
C THR B 327 -34.09 16.89 -14.20
N SER B 328 -34.39 18.18 -14.11
CA SER B 328 -35.70 18.67 -14.49
C SER B 328 -35.94 18.49 -15.98
N SER B 329 -37.17 18.15 -16.34
CA SER B 329 -37.51 17.96 -17.74
C SER B 329 -37.40 19.27 -18.50
N GLY B 330 -36.78 19.21 -19.68
CA GLY B 330 -36.59 20.38 -20.51
C GLY B 330 -35.34 21.18 -20.22
N ALA B 331 -34.59 20.84 -19.16
CA ALA B 331 -33.38 21.58 -18.85
C ALA B 331 -32.26 21.26 -19.84
N GLU B 332 -32.07 19.99 -20.15
CA GLU B 332 -30.99 19.55 -21.03
C GLU B 332 -31.50 18.45 -21.94
N THR B 333 -30.59 17.87 -22.71
CA THR B 333 -30.98 16.94 -23.77
C THR B 333 -30.60 15.50 -23.45
N SER B 334 -31.37 14.58 -24.05
CA SER B 334 -31.24 13.16 -23.76
C SER B 334 -29.87 12.61 -24.14
N ALA B 335 -29.33 13.07 -25.26
CA ALA B 335 -28.00 12.61 -25.66
C ALA B 335 -26.93 13.07 -24.68
N PHE B 336 -27.05 14.30 -24.19
CA PHE B 336 -26.10 14.80 -23.20
C PHE B 336 -26.19 13.97 -21.92
N ILE B 337 -27.41 13.63 -21.50
CA ILE B 337 -27.57 12.79 -20.31
C ILE B 337 -26.95 11.41 -20.55
N GLU B 338 -27.21 10.83 -21.73
CA GLU B 338 -26.58 9.55 -22.09
C GLU B 338 -25.08 9.62 -21.94
N ARG B 339 -24.46 10.64 -22.52
CA ARG B 339 -23.01 10.69 -22.56
C ARG B 339 -22.42 10.91 -21.18
N VAL B 340 -23.01 11.82 -20.39
CA VAL B 340 -22.51 12.05 -19.05
C VAL B 340 -22.66 10.80 -18.20
N ALA B 341 -23.80 10.12 -18.28
CA ALA B 341 -24.00 8.91 -17.51
C ALA B 341 -23.01 7.82 -17.89
N ASP B 342 -22.78 7.64 -19.18
CA ASP B 342 -21.86 6.58 -19.62
C ASP B 342 -20.43 6.86 -19.15
N ILE B 343 -19.96 8.11 -19.31
CA ILE B 343 -18.60 8.41 -18.89
C ILE B 343 -18.48 8.32 -17.37
N SER B 344 -19.53 8.70 -16.63
CA SER B 344 -19.49 8.59 -15.19
C SER B 344 -19.40 7.13 -14.75
N GLN B 345 -20.14 6.25 -15.42
CA GLN B 345 -20.04 4.82 -15.11
C GLN B 345 -18.63 4.31 -15.37
N HIS B 346 -18.08 4.64 -16.54
CA HIS B 346 -16.77 4.12 -16.90
C HIS B 346 -15.65 4.68 -16.02
N MET B 347 -15.85 5.84 -15.38
CA MET B 347 -14.85 6.33 -14.43
C MET B 347 -15.06 5.77 -13.03
N ALA B 348 -16.31 5.62 -12.61
CA ALA B 348 -16.59 5.05 -11.31
C ALA B 348 -16.13 3.61 -11.23
N ALA B 349 -16.12 2.89 -12.35
CA ALA B 349 -15.56 1.54 -12.34
C ALA B 349 -14.09 1.56 -11.94
N LEU B 350 -13.31 2.49 -12.51
CA LEU B 350 -11.91 2.61 -12.12
C LEU B 350 -11.78 2.99 -10.66
N ALA B 351 -12.64 3.88 -10.18
CA ALA B 351 -12.58 4.26 -8.77
C ALA B 351 -12.80 3.05 -7.86
N LEU B 352 -13.80 2.22 -8.18
CA LEU B 352 -14.07 1.03 -7.38
C LEU B 352 -12.90 0.05 -7.44
N GLU B 353 -12.31 -0.14 -8.62
CA GLU B 353 -11.17 -1.04 -8.73
C GLU B 353 -10.00 -0.55 -7.88
N GLN B 354 -9.72 0.76 -7.93
CA GLN B 354 -8.62 1.30 -7.13
C GLN B 354 -8.87 1.14 -5.64
N GLU B 355 -10.11 1.37 -5.20
CA GLU B 355 -10.42 1.18 -3.79
C GLU B 355 -10.20 -0.27 -3.37
N LYS B 356 -10.66 -1.21 -4.19
CA LYS B 356 -10.49 -2.63 -3.85
C LYS B 356 -9.02 -3.00 -3.78
N SER B 357 -8.23 -2.54 -4.75
CA SER B 357 -6.80 -2.87 -4.75
C SER B 357 -6.11 -2.28 -3.53
N ARG B 358 -6.42 -1.03 -3.20
CA ARG B 358 -5.79 -0.39 -2.04
C ARG B 358 -6.15 -1.13 -0.76
N GLN B 359 -7.42 -1.51 -0.60
CA GLN B 359 -7.82 -2.25 0.59
C GLN B 359 -7.10 -3.59 0.68
N HIS B 360 -7.00 -4.30 -0.45
CA HIS B 360 -6.33 -5.59 -0.45
C HIS B 360 -4.86 -5.45 -0.06
N ILE B 361 -4.20 -4.40 -0.57
CA ILE B 361 -2.79 -4.20 -0.24
C ILE B 361 -2.64 -3.85 1.24
N GLU B 362 -3.46 -2.92 1.73
CA GLU B 362 -3.34 -2.48 3.12
C GLU B 362 -3.70 -3.57 4.11
N GLN B 363 -4.50 -4.56 3.71
CA GLN B 363 -4.79 -5.68 4.60
C GLN B 363 -3.54 -6.50 4.91
N LEU B 364 -2.52 -6.46 4.06
CA LEU B 364 -1.35 -7.31 4.22
C LEU B 364 -0.04 -6.54 4.33
N ILE B 365 -0.05 -5.22 4.18
CA ILE B 365 1.18 -4.45 4.35
C ILE B 365 1.70 -4.63 5.77
N GLN B 366 3.00 -4.88 5.90
CA GLN B 366 3.63 -5.12 7.20
C GLN B 366 4.56 -4.00 7.65
N PHE B 367 4.86 -3.03 6.80
CA PHE B 367 5.74 -1.94 7.17
C PHE B 367 5.12 -0.60 6.83
N ASP B 368 5.90 0.47 6.92
CA ASP B 368 5.42 1.79 6.59
C ASP B 368 6.27 2.39 5.48
N PRO B 369 5.67 2.82 4.36
CA PRO B 369 6.46 3.49 3.32
C PRO B 369 6.92 4.87 3.74
N MET B 370 6.61 5.24 4.98
CA MET B 370 7.03 6.50 5.56
C MET B 370 7.64 6.21 6.92
N THR B 371 8.84 6.76 7.17
CA THR B 371 9.59 6.59 8.42
C THR B 371 10.10 5.17 8.60
N GLY B 372 9.72 4.25 7.70
CA GLY B 372 10.22 2.89 7.73
C GLY B 372 9.85 2.06 8.94
N LEU B 373 9.18 2.64 9.93
CA LEU B 373 8.86 1.90 11.14
C LEU B 373 7.80 0.84 10.86
N PRO B 374 7.68 -0.17 11.73
CA PRO B 374 6.56 -1.10 11.63
C PRO B 374 5.23 -0.38 11.79
N ASN B 375 4.16 -1.05 11.38
CA ASN B 375 2.84 -0.45 11.33
C ASN B 375 1.90 -1.20 12.28
N ARG B 376 0.61 -0.82 12.22
CA ARG B 376 -0.36 -1.32 13.17
C ARG B 376 -0.50 -2.84 13.10
N ASN B 377 -0.41 -3.42 11.91
CA ASN B 377 -0.51 -4.87 11.79
C ASN B 377 0.63 -5.56 12.52
N ASN B 378 1.86 -5.07 12.34
CA ASN B 378 3.00 -5.66 13.03
C ASN B 378 2.88 -5.47 14.53
N LEU B 379 2.41 -4.30 14.98
CA LEU B 379 2.20 -4.09 16.41
C LEU B 379 1.16 -5.05 16.96
N HIS B 380 0.07 -5.28 16.22
CA HIS B 380 -0.94 -6.23 16.65
C HIS B 380 -0.37 -7.63 16.77
N ASN B 381 0.44 -8.04 15.79
CA ASN B 381 1.04 -9.36 15.86
C ASN B 381 1.98 -9.49 17.06
N TYR B 382 2.77 -8.46 17.32
CA TYR B 382 3.69 -8.47 18.46
C TYR B 382 2.92 -8.60 19.76
N LEU B 383 1.88 -7.79 19.94
CA LEU B 383 1.11 -7.84 21.18
C LEU B 383 0.39 -9.16 21.33
N ASP B 384 -0.14 -9.71 20.25
CA ASP B 384 -0.80 -11.02 20.32
C ASP B 384 0.17 -12.10 20.73
N ASP B 385 1.38 -12.09 20.16
CA ASP B 385 2.39 -13.08 20.54
C ASP B 385 2.77 -12.93 22.01
N LEU B 386 2.93 -11.70 22.49
CA LEU B 386 3.28 -11.50 23.89
C LEU B 386 2.16 -11.99 24.81
N VAL B 387 0.91 -11.70 24.47
CA VAL B 387 -0.21 -12.15 25.30
C VAL B 387 -0.29 -13.67 25.31
N ASP B 388 -0.08 -14.30 24.15
CA ASP B 388 -0.06 -15.76 24.10
C ASP B 388 1.05 -16.33 24.96
N LYS B 389 2.23 -15.70 24.92
CA LYS B 389 3.32 -16.09 25.80
C LYS B 389 3.05 -15.76 27.26
N ALA B 390 2.02 -14.97 27.54
CA ALA B 390 1.58 -14.64 28.90
C ALA B 390 2.64 -13.83 29.65
N VAL B 391 3.11 -12.77 29.00
CA VAL B 391 3.97 -11.77 29.62
C VAL B 391 3.31 -10.42 29.43
N SER B 392 3.12 -9.69 30.53
CA SER B 392 2.40 -8.42 30.48
C SER B 392 3.35 -7.30 30.10
N PRO B 393 3.15 -6.65 28.95
CA PRO B 393 4.01 -5.53 28.57
C PRO B 393 3.43 -4.18 28.98
N VAL B 394 4.31 -3.19 29.06
CA VAL B 394 3.92 -1.81 29.29
C VAL B 394 3.81 -1.13 27.94
N VAL B 395 2.68 -0.48 27.69
CA VAL B 395 2.37 0.13 26.40
C VAL B 395 2.35 1.63 26.56
N TYR B 396 3.26 2.31 25.86
CA TYR B 396 3.28 3.77 25.79
C TYR B 396 2.67 4.19 24.46
N LEU B 397 1.67 5.05 24.51
CA LEU B 397 1.08 5.62 23.31
C LEU B 397 1.48 7.08 23.26
N ILE B 398 2.20 7.47 22.20
CA ILE B 398 2.82 8.77 22.07
C ILE B 398 2.12 9.53 20.96
N GLY B 399 1.65 10.73 21.29
CA GLY B 399 1.07 11.61 20.29
C GLY B 399 1.89 12.88 20.16
N VAL B 400 2.37 13.15 18.95
CA VAL B 400 3.18 14.33 18.69
C VAL B 400 2.25 15.45 18.23
N ASP B 401 2.21 16.55 18.98
CA ASP B 401 1.36 17.67 18.60
C ASP B 401 2.21 18.93 18.48
N HIS B 402 1.54 20.01 18.06
CA HIS B 402 2.17 21.24 17.56
C HIS B 402 2.83 20.99 16.20
N ILE B 403 2.16 20.22 15.34
CA ILE B 403 2.66 19.94 14.01
C ILE B 403 1.92 20.70 12.92
N GLN B 404 0.78 21.31 13.24
CA GLN B 404 0.02 22.03 12.22
C GLN B 404 0.69 23.34 11.85
N ASP B 405 1.48 23.92 12.75
CA ASP B 405 2.18 25.16 12.43
C ASP B 405 3.20 24.94 11.31
N VAL B 406 3.89 23.79 11.34
CA VAL B 406 4.85 23.48 10.28
C VAL B 406 4.14 23.35 8.93
N ILE B 407 2.98 22.67 8.93
CA ILE B 407 2.22 22.53 7.68
C ILE B 407 1.77 23.89 7.18
N ASP B 408 1.28 24.74 8.09
CA ASP B 408 0.80 26.05 7.68
C ASP B 408 1.93 26.92 7.14
N SER B 409 3.11 26.83 7.75
CA SER B 409 4.22 27.69 7.35
C SER B 409 4.89 27.18 6.07
N LEU B 410 5.42 25.96 6.11
CA LEU B 410 6.24 25.44 5.01
C LEU B 410 5.47 24.51 4.09
N GLY B 411 4.94 23.41 4.60
CA GLY B 411 4.15 22.53 3.77
C GLY B 411 4.30 21.08 4.21
N TYR B 412 3.67 20.21 3.41
CA TYR B 412 3.57 18.80 3.73
C TYR B 412 4.95 18.12 3.71
N ALA B 413 5.79 18.47 2.73
CA ALA B 413 7.11 17.85 2.66
C ALA B 413 7.94 18.17 3.90
N TRP B 414 7.90 19.42 4.34
CA TRP B 414 8.67 19.79 5.53
C TRP B 414 8.04 19.19 6.79
N ALA B 415 6.72 19.03 6.82
CA ALA B 415 6.11 18.31 7.94
C ALA B 415 6.61 16.88 8.00
N ASP B 416 6.70 16.22 6.85
CA ASP B 416 7.23 14.86 6.80
C ASP B 416 8.68 14.83 7.24
N GLN B 417 9.47 15.84 6.86
CA GLN B 417 10.85 15.91 7.31
C GLN B 417 10.94 16.04 8.83
N ALA B 418 10.07 16.86 9.42
CA ALA B 418 10.05 16.99 10.87
C ALA B 418 9.68 15.67 11.54
N LEU B 419 8.70 14.97 10.98
CA LEU B 419 8.31 13.67 11.54
C LEU B 419 9.47 12.68 11.45
N LEU B 420 10.19 12.69 10.33
CA LEU B 420 11.37 11.84 10.19
C LEU B 420 12.42 12.17 11.23
N GLU B 421 12.64 13.47 11.48
CA GLU B 421 13.61 13.87 12.49
C GLU B 421 13.21 13.35 13.87
N VAL B 422 11.93 13.46 14.22
CA VAL B 422 11.46 12.98 15.51
C VAL B 422 11.65 11.46 15.63
N VAL B 423 11.31 10.73 14.57
CA VAL B 423 11.46 9.28 14.60
C VAL B 423 12.92 8.89 14.74
N ASN B 424 13.82 9.62 14.06
CA ASN B 424 15.25 9.37 14.20
C ASN B 424 15.71 9.63 15.62
N ARG B 425 15.16 10.67 16.26
CA ARG B 425 15.51 10.94 17.65
C ARG B 425 15.07 9.80 18.56
N PHE B 426 13.87 9.26 18.34
CA PHE B 426 13.45 8.08 19.11
C PHE B 426 14.38 6.90 18.87
N ARG B 427 14.77 6.66 17.61
CA ARG B 427 15.63 5.53 17.30
C ARG B 427 17.00 5.67 17.94
N GLU B 428 17.54 6.88 18.00
CA GLU B 428 18.84 7.08 18.62
C GLU B 428 18.82 6.89 20.12
N LYS B 429 17.70 6.52 20.74
CA LYS B 429 17.63 6.31 22.17
C LYS B 429 16.96 5.02 22.60
N LEU B 430 16.14 4.39 21.75
CA LEU B 430 15.43 3.19 22.18
C LEU B 430 16.42 2.08 22.52
N LYS B 431 16.13 1.37 23.60
CA LYS B 431 16.95 0.27 24.09
C LYS B 431 16.75 -0.98 23.25
N PRO B 432 17.68 -1.94 23.32
CA PRO B 432 17.54 -3.16 22.52
C PRO B 432 16.27 -3.94 22.82
N ASP B 433 15.79 -3.95 24.06
CA ASP B 433 14.59 -4.71 24.41
C ASP B 433 13.30 -4.03 23.95
N GLN B 434 13.27 -2.71 23.93
CA GLN B 434 12.05 -1.99 23.61
C GLN B 434 11.68 -2.15 22.14
N TYR B 435 10.40 -1.96 21.84
CA TYR B 435 9.89 -2.11 20.48
C TYR B 435 9.12 -0.85 20.08
N LEU B 436 9.43 -0.31 18.90
CA LEU B 436 8.84 0.92 18.42
C LEU B 436 8.01 0.67 17.18
N CYS B 437 6.83 1.30 17.11
CA CYS B 437 5.97 1.16 15.95
C CYS B 437 5.20 2.45 15.73
N ARG B 438 4.79 2.68 14.48
CA ARG B 438 3.93 3.80 14.13
C ARG B 438 2.57 3.27 13.74
N ILE B 439 1.54 3.74 14.43
CA ILE B 439 0.19 3.25 14.17
C ILE B 439 -0.46 4.05 13.05
N GLU B 440 -0.61 5.36 13.24
CA GLU B 440 -1.25 6.20 12.23
C GLU B 440 -1.08 7.67 12.62
N GLY B 441 -1.00 8.51 11.60
CA GLY B 441 -0.91 9.94 11.84
C GLY B 441 0.33 10.30 12.63
N THR B 442 0.19 11.26 13.53
CA THR B 442 1.27 11.63 14.43
C THR B 442 1.18 10.88 15.76
N GLN B 443 1.06 9.56 15.65
CA GLN B 443 0.93 8.67 16.81
C GLN B 443 1.86 7.49 16.66
N PHE B 444 2.44 7.06 17.77
CA PHE B 444 3.34 5.92 17.80
C PHE B 444 3.08 5.11 19.07
N VAL B 445 3.56 3.87 19.07
CA VAL B 445 3.39 2.96 20.20
C VAL B 445 4.74 2.34 20.54
N LEU B 446 5.10 2.38 21.81
CA LEU B 446 6.31 1.76 22.34
C LEU B 446 5.91 0.64 23.29
N VAL B 447 6.53 -0.52 23.12
CA VAL B 447 6.27 -1.69 23.95
C VAL B 447 7.52 -1.98 24.76
N SER B 448 7.38 -2.01 26.08
CA SER B 448 8.50 -2.27 26.98
C SER B 448 8.13 -3.43 27.91
N LEU B 449 9.16 -4.04 28.51
CA LEU B 449 8.95 -5.19 29.37
C LEU B 449 9.12 -4.89 30.85
N GLU B 450 9.80 -3.81 31.20
CA GLU B 450 10.02 -3.49 32.61
C GLU B 450 8.74 -2.94 33.23
N ASN B 451 8.30 -3.55 34.33
CA ASN B 451 7.06 -3.17 35.01
C ASN B 451 7.32 -2.48 36.34
N ASP B 452 8.53 -1.96 36.56
CA ASP B 452 8.81 -1.17 37.74
C ASP B 452 8.29 0.24 37.55
N VAL B 453 7.71 0.80 38.61
CA VAL B 453 7.15 2.15 38.53
C VAL B 453 8.26 3.17 38.29
N SER B 454 9.36 3.05 39.02
CA SER B 454 10.47 3.98 38.84
C SER B 454 11.09 3.86 37.45
N ASN B 455 11.25 2.62 36.95
CA ASN B 455 11.78 2.42 35.62
C ASN B 455 10.84 3.01 34.56
N ILE B 456 9.53 2.83 34.75
CA ILE B 456 8.56 3.37 33.80
C ILE B 456 8.62 4.90 33.80
N THR B 457 8.71 5.51 34.98
CA THR B 457 8.81 6.95 35.06
C THR B 457 10.08 7.45 34.40
N GLN B 458 11.20 6.74 34.59
CA GLN B 458 12.44 7.13 33.95
C GLN B 458 12.32 7.04 32.42
N ILE B 459 11.72 5.97 31.93
CA ILE B 459 11.54 5.81 30.48
C ILE B 459 10.66 6.91 29.92
N ALA B 460 9.56 7.23 30.63
CA ALA B 460 8.66 8.27 30.16
C ALA B 460 9.34 9.63 30.15
N ASP B 461 10.13 9.94 31.19
CA ASP B 461 10.85 11.20 31.21
C ASP B 461 11.87 11.28 30.08
N GLU B 462 12.57 10.18 29.81
CA GLU B 462 13.52 10.16 28.70
C GLU B 462 12.80 10.37 27.36
N LEU B 463 11.64 9.73 27.19
CA LEU B 463 10.88 9.92 25.96
C LEU B 463 10.42 11.35 25.80
N ARG B 464 9.97 11.98 26.88
CA ARG B 464 9.45 13.34 26.80
C ARG B 464 10.58 14.36 26.62
N ASN B 465 11.78 14.05 27.11
CA ASN B 465 12.89 14.99 27.06
C ASN B 465 13.50 15.15 25.67
N VAL B 466 13.30 14.18 24.77
CA VAL B 466 13.99 14.22 23.48
C VAL B 466 13.48 15.35 22.59
N VAL B 467 12.27 15.86 22.84
CA VAL B 467 11.68 16.90 22.01
C VAL B 467 12.04 18.29 22.51
N SER B 468 12.83 18.39 23.58
CA SER B 468 13.13 19.68 24.18
C SER B 468 13.84 20.60 23.19
N LYS B 469 14.80 20.08 22.45
CA LYS B 469 15.46 20.88 21.42
C LYS B 469 14.55 21.05 20.22
N PRO B 470 14.29 22.28 19.78
CA PRO B 470 13.36 22.48 18.66
C PRO B 470 13.88 21.88 17.37
N ILE B 471 12.94 21.46 16.53
CA ILE B 471 13.28 20.86 15.24
C ILE B 471 13.80 21.95 14.31
N MET B 472 15.04 21.80 13.85
CA MET B 472 15.65 22.79 12.96
C MET B 472 15.37 22.38 11.52
N ILE B 473 14.42 23.06 10.89
CA ILE B 473 14.07 22.83 9.50
C ILE B 473 14.32 24.12 8.73
N ASP B 474 15.18 24.04 7.72
CA ASP B 474 15.53 25.19 6.89
C ASP B 474 15.99 26.37 7.74
N ASP B 475 16.79 26.07 8.76
CA ASP B 475 17.28 27.08 9.71
C ASP B 475 16.14 27.83 10.36
N LYS B 476 15.09 27.11 10.76
CA LYS B 476 13.94 27.70 11.43
C LYS B 476 13.44 26.79 12.54
N PRO B 477 13.38 27.26 13.77
CA PRO B 477 12.91 26.40 14.87
C PRO B 477 11.43 26.10 14.75
N PHE B 478 11.05 24.95 15.30
CA PHE B 478 9.65 24.49 15.28
C PHE B 478 9.41 23.60 16.48
N PRO B 479 8.97 24.17 17.60
CA PRO B 479 8.75 23.36 18.80
C PRO B 479 7.59 22.39 18.64
N LEU B 480 7.72 21.22 19.26
CA LEU B 480 6.68 20.20 19.27
C LEU B 480 6.50 19.71 20.70
N THR B 481 5.43 18.94 20.92
CA THR B 481 5.15 18.40 22.24
C THR B 481 4.69 16.95 22.13
N LEU B 482 4.81 16.24 23.25
CA LEU B 482 4.47 14.82 23.35
C LEU B 482 3.40 14.61 24.41
N SER B 483 2.39 13.82 24.07
CA SER B 483 1.39 13.36 25.03
C SER B 483 1.49 11.84 25.11
N ILE B 484 1.81 11.32 26.29
CA ILE B 484 2.13 9.92 26.47
C ILE B 484 1.16 9.29 27.46
N GLY B 485 0.51 8.20 27.04
CA GLY B 485 -0.35 7.42 27.91
C GLY B 485 0.27 6.06 28.16
N ILE B 486 0.36 5.68 29.43
CA ILE B 486 0.99 4.43 29.84
C ILE B 486 -0.07 3.47 30.32
N SER B 487 -0.11 2.28 29.73
CA SER B 487 -1.05 1.24 30.11
C SER B 487 -0.29 -0.02 30.49
N TYR B 488 -0.65 -0.60 31.62
CA TYR B 488 0.03 -1.78 32.13
C TYR B 488 -0.94 -2.54 33.03
N ASP B 489 -1.29 -3.76 32.62
CA ASP B 489 -2.20 -4.59 33.41
C ASP B 489 -1.80 -6.05 33.22
N LEU B 490 -2.24 -6.89 34.16
CA LEU B 490 -1.90 -8.30 34.18
C LEU B 490 -3.05 -9.11 33.60
N GLY B 491 -2.75 -9.93 32.59
CA GLY B 491 -3.73 -10.80 31.99
C GLY B 491 -4.70 -10.15 31.04
N LYS B 492 -4.50 -8.88 30.70
CA LYS B 492 -5.38 -8.19 29.77
C LYS B 492 -4.89 -8.37 28.34
N ASN B 493 -5.78 -8.09 27.40
CA ASN B 493 -5.50 -8.29 25.98
C ASN B 493 -5.13 -6.97 25.30
N ARG B 494 -4.71 -7.09 24.04
CA ARG B 494 -4.20 -5.93 23.32
C ARG B 494 -5.28 -4.89 23.08
N ASP B 495 -6.52 -5.31 22.86
CA ASP B 495 -7.60 -4.35 22.67
C ASP B 495 -7.77 -3.48 23.92
N TYR B 496 -7.82 -4.11 25.09
CA TYR B 496 -7.94 -3.37 26.34
C TYR B 496 -6.75 -2.45 26.55
N LEU B 497 -5.53 -2.96 26.30
CA LEU B 497 -4.34 -2.15 26.50
C LEU B 497 -4.36 -0.91 25.60
N LEU B 498 -4.66 -1.10 24.32
CA LEU B 498 -4.65 0.01 23.38
C LEU B 498 -5.76 1.01 23.69
N SER B 499 -6.95 0.52 24.08
CA SER B 499 -8.03 1.43 24.43
C SER B 499 -7.67 2.28 25.64
N THR B 500 -7.08 1.66 26.67
CA THR B 500 -6.69 2.42 27.86
C THR B 500 -5.60 3.44 27.53
N ALA B 501 -4.60 3.04 26.75
CA ALA B 501 -3.54 3.96 26.37
C ALA B 501 -4.09 5.14 25.57
N HIS B 502 -5.01 4.87 24.63
CA HIS B 502 -5.57 5.94 23.85
C HIS B 502 -6.44 6.86 24.70
N ASN B 503 -7.15 6.30 25.69
CA ASN B 503 -7.91 7.14 26.60
C ASN B 503 -6.99 8.09 27.36
N ALA B 504 -5.87 7.59 27.86
CA ALA B 504 -4.94 8.46 28.57
C ALA B 504 -4.36 9.54 27.66
N MET B 505 -3.97 9.14 26.44
CA MET B 505 -3.39 10.10 25.52
C MET B 505 -4.40 11.19 25.13
N ASP B 506 -5.65 10.79 24.88
CA ASP B 506 -6.68 11.76 24.55
C ASP B 506 -6.96 12.69 25.72
N TYR B 507 -6.96 12.16 26.96
CA TYR B 507 -7.13 13.01 28.13
C TYR B 507 -6.05 14.08 28.19
N ILE B 508 -4.79 13.67 28.00
CA ILE B 508 -3.69 14.63 28.06
C ILE B 508 -3.81 15.66 26.94
N ARG B 509 -4.10 15.19 25.72
CA ARG B 509 -4.18 16.09 24.58
C ARG B 509 -5.31 17.11 24.76
N LYS B 510 -6.46 16.66 25.24
CA LYS B 510 -7.58 17.58 25.46
C LYS B 510 -7.27 18.57 26.57
N ASN B 511 -6.63 18.11 27.66
CA ASN B 511 -6.27 19.03 28.72
C ASN B 511 -5.17 19.98 28.31
N GLY B 512 -4.44 19.68 27.24
CA GLY B 512 -3.47 20.63 26.73
C GLY B 512 -2.18 20.01 26.21
N GLY B 513 -2.03 18.71 26.37
CA GLY B 513 -0.85 18.04 25.89
C GLY B 513 0.39 18.37 26.71
N ASN B 514 1.53 17.98 26.14
CA ASN B 514 2.84 18.18 26.77
C ASN B 514 2.89 17.52 28.15
N GLY B 515 2.75 16.19 28.15
CA GLY B 515 2.77 15.48 29.42
C GLY B 515 2.58 14.00 29.22
N TRP B 516 2.56 13.28 30.33
CA TRP B 516 2.39 11.84 30.32
C TRP B 516 1.66 11.41 31.59
N GLN B 517 0.89 10.33 31.48
CA GLN B 517 0.23 9.80 32.67
C GLN B 517 -0.10 8.33 32.47
N PHE B 518 -0.36 7.67 33.59
CA PHE B 518 -0.86 6.30 33.59
C PHE B 518 -2.37 6.30 33.34
N PHE B 519 -2.88 5.16 32.88
CA PHE B 519 -4.31 5.01 32.80
C PHE B 519 -4.94 4.78 34.17
N SER B 520 -4.19 4.20 35.12
CA SER B 520 -4.74 3.72 36.39
C SER B 520 -4.69 4.81 37.45
N PRO B 521 -5.82 5.11 38.09
CA PRO B 521 -5.82 6.11 39.17
C PRO B 521 -4.91 5.72 40.33
N ALA B 522 -4.79 4.43 40.63
CA ALA B 522 -3.89 3.99 41.69
C ALA B 522 -2.44 4.32 41.35
N MET B 523 -2.03 4.07 40.11
CA MET B 523 -0.68 4.43 39.70
C MET B 523 -0.47 5.93 39.71
N ASN B 524 -1.48 6.70 39.31
CA ASN B 524 -1.37 8.15 39.41
C ASN B 524 -1.18 8.60 40.85
N GLU B 525 -1.92 7.99 41.77
CA GLU B 525 -1.78 8.32 43.18
C GLU B 525 -0.39 7.97 43.69
N MET B 526 0.15 6.82 43.26
CA MET B 526 1.50 6.45 43.65
C MET B 526 2.52 7.48 43.17
N VAL B 527 2.38 7.93 41.93
CA VAL B 527 3.29 8.94 41.39
C VAL B 527 3.19 10.23 42.19
N LYS B 528 1.95 10.64 42.51
CA LYS B 528 1.77 11.87 43.28
C LYS B 528 2.40 11.76 44.66
N GLU B 529 2.22 10.62 45.32
CA GLU B 529 2.82 10.44 46.65
C GLU B 529 4.34 10.48 46.57
N ARG B 530 4.93 9.84 45.56
CA ARG B 530 6.38 9.87 45.43
C ARG B 530 6.88 11.29 45.19
N LEU B 531 6.17 12.06 44.36
CA LEU B 531 6.58 13.44 44.12
C LEU B 531 6.47 14.28 45.39
N VAL B 532 5.41 14.05 46.17
CA VAL B 532 5.24 14.77 47.44
C VAL B 532 6.40 14.45 48.38
N LEU B 533 6.76 13.18 48.48
CA LEU B 533 7.87 12.78 49.34
C LEU B 533 9.18 13.41 48.88
N GLY B 534 9.41 13.45 47.57
CA GLY B 534 10.62 14.07 47.07
C GLY B 534 10.68 15.56 47.36
N ALA B 535 9.57 16.25 47.21
CA ALA B 535 9.52 17.67 47.55
C ALA B 535 9.78 17.88 49.03
N ALA B 536 9.23 17.01 49.88
CA ALA B 536 9.49 17.10 51.32
C ALA B 536 10.97 16.89 51.61
N LEU B 537 11.60 15.93 50.93
CA LEU B 537 13.03 15.70 51.12
C LEU B 537 13.84 16.93 50.74
N LYS B 538 13.52 17.54 49.59
CA LYS B 538 14.24 18.73 49.17
C LYS B 538 14.06 19.87 50.17
N GLU B 539 12.83 20.05 50.65
CA GLU B 539 12.57 21.09 51.63
C GLU B 539 13.35 20.86 52.91
N ALA B 540 13.40 19.61 53.38
CA ALA B 540 14.15 19.30 54.60
C ALA B 540 15.64 19.54 54.41
N ILE B 541 16.19 19.14 53.28
CA ILE B 541 17.61 19.35 53.02
C ILE B 541 17.92 20.84 52.99
N SER B 542 17.08 21.62 52.32
CA SER B 542 17.29 23.07 52.28
C SER B 542 17.18 23.68 53.68
N ASN B 543 16.28 23.14 54.50
CA ASN B 543 16.08 23.72 55.85
C ASN B 543 16.96 23.03 56.89
N ASN B 544 18.13 22.50 56.50
CA ASN B 544 19.08 21.85 57.45
C ASN B 544 18.35 21.18 58.61
N GLN B 545 17.68 20.05 58.35
CA GLN B 545 16.94 19.34 59.41
C GLN B 545 17.31 17.85 59.36
N LEU B 546 18.33 17.49 58.60
CA LEU B 546 18.78 16.07 58.60
C LEU B 546 19.59 15.85 59.88
N LYS B 547 19.89 14.60 60.23
CA LYS B 547 20.73 14.33 61.41
C LYS B 547 21.65 13.13 61.13
N LEU B 548 22.78 13.05 61.84
CA LEU B 548 23.73 11.92 61.64
C LEU B 548 23.77 11.03 62.89
N VAL B 549 24.03 9.74 62.71
CA VAL B 549 24.15 8.78 63.86
C VAL B 549 25.54 8.12 63.73
N TYR B 550 26.14 7.64 64.83
CA TYR B 550 27.50 7.13 64.82
C TYR B 550 27.53 5.73 65.40
N GLN B 551 28.05 4.77 64.65
CA GLN B 551 28.19 3.39 65.10
C GLN B 551 29.64 3.08 65.38
N PRO B 552 30.02 2.77 66.62
CA PRO B 552 31.43 2.52 66.94
C PRO B 552 31.96 1.30 66.22
N GLN B 553 33.26 1.34 65.91
CA GLN B 553 34.00 0.20 65.39
C GLN B 553 35.09 -0.14 66.40
N ILE B 554 35.21 -1.42 66.73
CA ILE B 554 36.03 -1.86 67.84
C ILE B 554 37.19 -2.70 67.34
N PHE B 555 38.30 -2.66 68.07
CA PHE B 555 39.43 -3.53 67.80
C PHE B 555 39.12 -4.95 68.24
N ALA B 556 39.62 -5.93 67.49
CA ALA B 556 39.36 -7.32 67.82
C ALA B 556 39.99 -7.71 69.15
N GLU B 557 41.25 -7.32 69.37
CA GLU B 557 42.01 -7.79 70.52
C GLU B 557 41.95 -6.85 71.71
N THR B 558 42.41 -5.61 71.53
CA THR B 558 42.52 -4.69 72.67
C THR B 558 41.17 -4.18 73.15
N GLY B 559 40.10 -4.38 72.39
CA GLY B 559 38.81 -3.83 72.77
C GLY B 559 38.80 -2.32 72.83
N GLU B 560 39.58 -1.66 71.98
CA GLU B 560 39.66 -0.22 71.91
C GLU B 560 39.00 0.28 70.63
N LEU B 561 38.36 1.44 70.72
CA LEU B 561 37.59 1.96 69.59
C LEU B 561 38.52 2.36 68.46
N TYR B 562 38.43 1.64 67.34
CA TYR B 562 39.20 2.00 66.15
C TYR B 562 38.66 3.28 65.52
N GLY B 563 37.35 3.37 65.36
CA GLY B 563 36.73 4.53 64.75
C GLY B 563 35.23 4.40 64.80
N ILE B 564 34.55 5.43 64.29
CA ILE B 564 33.10 5.45 64.20
C ILE B 564 32.70 5.86 62.79
N GLU B 565 31.47 5.54 62.43
CA GLU B 565 30.94 5.83 61.11
C GLU B 565 29.69 6.68 61.24
N ALA B 566 29.60 7.72 60.41
CA ALA B 566 28.46 8.63 60.42
C ALA B 566 27.43 8.19 59.40
N LEU B 567 26.19 8.01 59.84
CA LEU B 567 25.08 7.63 58.98
C LEU B 567 23.98 8.67 59.07
N ALA B 568 23.37 9.00 57.93
CA ALA B 568 22.35 10.04 57.87
C ALA B 568 20.96 9.45 58.08
N ARG B 569 20.17 10.13 58.90
CA ARG B 569 18.80 9.75 59.19
C ARG B 569 17.90 10.96 59.05
N TRP B 570 16.68 10.74 58.55
CA TRP B 570 15.71 11.80 58.30
C TRP B 570 14.42 11.49 59.03
N HIS B 571 13.89 12.47 59.75
CA HIS B 571 12.62 12.34 60.46
C HIS B 571 11.67 13.42 59.98
N ASP B 572 10.44 13.02 59.65
CA ASP B 572 9.46 13.97 59.14
C ASP B 572 8.18 13.88 59.96
N PRO B 573 7.58 15.03 60.30
CA PRO B 573 6.31 15.00 61.05
C PRO B 573 5.19 14.28 60.33
N LEU B 574 5.16 14.33 59.00
CA LEU B 574 4.07 13.73 58.24
C LEU B 574 4.38 12.30 57.83
N HIS B 575 5.59 12.02 57.37
CA HIS B 575 5.96 10.71 56.87
C HIS B 575 6.67 9.84 57.90
N GLY B 576 6.81 10.32 59.13
CA GLY B 576 7.48 9.51 60.14
C GLY B 576 8.96 9.38 59.88
N HIS B 577 9.51 8.21 60.16
CA HIS B 577 10.93 7.92 59.97
C HIS B 577 11.12 7.23 58.63
N VAL B 578 11.92 7.85 57.77
CA VAL B 578 12.22 7.31 56.45
C VAL B 578 13.59 6.66 56.50
N PRO B 579 13.71 5.35 56.27
CA PRO B 579 15.02 4.71 56.33
C PRO B 579 15.92 5.24 55.22
N PRO B 580 17.24 5.26 55.44
CA PRO B 580 18.15 5.67 54.36
C PRO B 580 18.04 4.80 53.12
N SER B 581 17.67 3.53 53.28
CA SER B 581 17.52 2.66 52.13
C SER B 581 16.37 3.09 51.23
N ARG B 582 15.50 3.99 51.70
CA ARG B 582 14.37 4.48 50.94
C ARG B 582 14.60 5.87 50.36
N PHE B 583 15.17 6.80 51.13
CA PHE B 583 15.29 8.18 50.68
C PHE B 583 16.63 8.52 50.05
N ILE B 584 17.61 7.61 50.09
CA ILE B 584 18.88 7.86 49.43
C ILE B 584 18.75 7.61 47.92
N PRO B 585 18.15 6.50 47.47
CA PRO B 585 17.87 6.38 46.04
C PRO B 585 16.98 7.49 45.50
N LEU B 586 16.04 7.98 46.32
CA LEU B 586 15.21 9.09 45.90
C LEU B 586 16.03 10.35 45.67
N ALA B 587 17.02 10.59 46.52
CA ALA B 587 17.90 11.74 46.32
C ALA B 587 18.72 11.60 45.05
N GLU B 588 19.12 10.36 44.71
CA GLU B 588 19.85 10.13 43.46
C GLU B 588 18.98 10.47 42.25
N GLU B 589 17.71 10.08 42.29
CA GLU B 589 16.83 10.33 41.16
C GLU B 589 16.52 11.81 41.00
N ILE B 590 16.38 12.53 42.12
CA ILE B 590 16.01 13.94 42.05
C ILE B 590 17.23 14.79 41.69
N GLY B 591 18.32 14.63 42.43
CA GLY B 591 19.50 15.45 42.20
C GLY B 591 19.99 16.15 43.44
N GLU B 592 19.58 15.67 44.61
CA GLU B 592 19.97 16.25 45.89
C GLU B 592 21.17 15.57 46.50
N ILE B 593 21.80 14.64 45.78
CA ILE B 593 22.95 13.91 46.33
C ILE B 593 24.07 14.86 46.68
N GLU B 594 24.34 15.84 45.80
CA GLU B 594 25.38 16.82 46.08
C GLU B 594 25.07 17.58 47.36
N ASN B 595 23.82 18.03 47.51
CA ASN B 595 23.43 18.78 48.70
C ASN B 595 23.58 17.92 49.95
N ILE B 596 23.23 16.65 49.86
CA ILE B 596 23.43 15.73 50.98
C ILE B 596 24.92 15.60 51.28
N GLY B 597 25.75 15.52 50.25
CA GLY B 597 27.18 15.36 50.46
C GLY B 597 27.80 16.53 51.20
N ARG B 598 27.47 17.75 50.80
CA ARG B 598 28.00 18.92 51.49
C ARG B 598 27.53 18.96 52.94
N TRP B 599 26.25 18.67 53.18
CA TRP B 599 25.73 18.74 54.54
C TRP B 599 26.40 17.72 55.46
N VAL B 600 26.58 16.49 54.98
CA VAL B 600 27.17 15.45 55.81
C VAL B 600 28.61 15.81 56.16
N ILE B 601 29.39 16.24 55.17
CA ILE B 601 30.79 16.58 55.41
C ILE B 601 30.90 17.78 56.32
N ALA B 602 30.10 18.82 56.07
CA ALA B 602 30.15 20.02 56.89
C ALA B 602 29.71 19.73 58.32
N GLU B 603 28.63 18.96 58.49
CA GLU B 603 28.16 18.64 59.83
C GLU B 603 29.14 17.76 60.58
N ALA B 604 29.72 16.77 59.89
CA ALA B 604 30.66 15.86 60.54
C ALA B 604 31.87 16.60 61.09
N CYS B 605 32.44 17.50 60.30
CA CYS B 605 33.57 18.29 60.76
C CYS B 605 33.17 19.20 61.92
N ARG B 606 32.00 19.82 61.82
CA ARG B 606 31.50 20.64 62.92
C ARG B 606 31.27 19.80 64.18
N GLN B 607 30.70 18.61 64.02
CA GLN B 607 30.53 17.71 65.16
C GLN B 607 31.88 17.26 65.70
N LEU B 608 32.85 17.04 64.82
CA LEU B 608 34.19 16.67 65.28
C LEU B 608 34.80 17.76 66.14
N ALA B 609 34.61 19.02 65.77
CA ALA B 609 35.10 20.12 66.59
C ALA B 609 34.38 20.17 67.93
N GLU B 610 33.07 19.92 67.94
CA GLU B 610 32.31 19.96 69.18
C GLU B 610 32.80 18.91 70.16
N TRP B 611 33.09 17.70 69.67
CA TRP B 611 33.66 16.68 70.54
C TRP B 611 35.06 17.06 71.00
N ARG B 612 35.83 17.70 70.12
CA ARG B 612 37.19 18.12 70.48
C ARG B 612 37.20 19.33 71.40
N SER B 613 36.09 20.08 71.47
CA SER B 613 36.02 21.20 72.41
C SER B 613 36.24 20.73 73.83
N GLN B 614 35.51 19.70 74.24
CA GLN B 614 35.84 18.95 75.44
C GLN B 614 36.76 17.79 75.06
N ASN B 615 36.99 16.86 75.99
CA ASN B 615 38.03 15.85 75.81
C ASN B 615 37.45 14.59 75.21
N ILE B 616 37.49 14.49 73.89
CA ILE B 616 37.20 13.26 73.15
C ILE B 616 38.26 13.09 72.06
N HIS B 617 38.82 11.89 71.97
CA HIS B 617 39.93 11.66 71.05
C HIS B 617 39.47 11.39 69.63
N ILE B 618 38.43 10.57 69.47
CA ILE B 618 37.77 10.25 68.20
C ILE B 618 38.80 10.02 67.09
N PRO B 619 39.46 8.85 67.06
CA PRO B 619 40.58 8.65 66.14
C PRO B 619 40.25 8.88 64.68
N ALA B 620 39.06 8.47 64.24
CA ALA B 620 38.71 8.59 62.83
C ALA B 620 37.20 8.64 62.70
N LEU B 621 36.73 9.10 61.53
CA LEU B 621 35.31 9.17 61.21
C LEU B 621 35.11 8.73 59.77
N SER B 622 34.16 7.82 59.56
CA SER B 622 33.85 7.31 58.23
C SER B 622 32.61 8.01 57.70
N VAL B 623 32.73 8.60 56.52
CA VAL B 623 31.65 9.36 55.89
C VAL B 623 31.38 8.76 54.52
N ASN B 624 30.12 8.44 54.25
CA ASN B 624 29.74 7.82 52.99
C ASN B 624 29.58 8.87 51.89
N LEU B 625 30.14 8.58 50.72
CA LEU B 625 30.01 9.44 49.56
C LEU B 625 29.49 8.63 48.39
N SER B 626 28.83 9.31 47.46
CA SER B 626 28.22 8.69 46.30
C SER B 626 29.06 8.93 45.06
N ALA B 627 28.89 8.06 44.06
CA ALA B 627 29.64 8.17 42.82
C ALA B 627 29.30 9.45 42.07
N LEU B 628 28.01 9.79 42.00
CA LEU B 628 27.62 11.02 41.32
C LEU B 628 28.21 12.25 42.00
N HIS B 629 28.40 12.19 43.32
CA HIS B 629 29.07 13.28 44.01
C HIS B 629 30.51 13.43 43.54
N PHE B 630 31.21 12.31 43.33
CA PHE B 630 32.62 12.36 43.00
C PHE B 630 32.86 12.73 41.53
N ARG B 631 31.85 12.59 40.68
CA ARG B 631 32.04 12.91 39.27
C ARG B 631 32.14 14.40 39.00
N SER B 632 31.78 15.24 39.96
CA SER B 632 31.86 16.68 39.80
C SER B 632 33.26 17.18 40.15
N ASN B 633 33.77 18.09 39.35
CA ASN B 633 35.12 18.63 39.53
C ASN B 633 35.13 19.77 40.55
N GLN B 634 34.58 19.50 41.74
CA GLN B 634 34.56 20.51 42.79
C GLN B 634 34.89 19.97 44.18
N LEU B 635 35.14 18.67 44.34
CA LEU B 635 35.27 18.08 45.67
C LEU B 635 36.34 18.72 46.55
N PRO B 636 37.58 18.92 46.10
CA PRO B 636 38.60 19.44 47.03
C PRO B 636 38.28 20.82 47.57
N ASN B 637 37.42 21.58 46.89
CA ASN B 637 37.12 22.93 47.36
C ASN B 637 36.41 22.93 48.71
N GLN B 638 35.31 22.16 48.82
CA GLN B 638 34.56 22.18 50.08
C GLN B 638 35.25 21.34 51.15
N VAL B 639 35.89 20.24 50.77
CA VAL B 639 36.54 19.39 51.75
C VAL B 639 37.71 20.11 52.40
N SER B 640 38.57 20.73 51.58
CA SER B 640 39.67 21.51 52.12
C SER B 640 39.16 22.69 52.94
N ASP B 641 38.01 23.25 52.55
CA ASP B 641 37.38 24.28 53.38
C ASP B 641 37.01 23.73 54.74
N ALA B 642 36.55 22.47 54.79
CA ALA B 642 36.16 21.87 56.06
C ALA B 642 37.34 21.74 57.00
N MET B 643 38.50 21.30 56.49
CA MET B 643 39.64 21.07 57.38
C MET B 643 40.16 22.38 57.97
N HIS B 644 40.39 23.39 57.13
CA HIS B 644 41.01 24.62 57.59
C HIS B 644 40.05 25.53 58.32
N ALA B 645 38.75 25.20 58.35
CA ALA B 645 37.78 25.97 59.12
C ALA B 645 37.50 25.38 60.48
N TRP B 646 37.98 24.17 60.78
CA TRP B 646 37.75 23.56 62.08
C TRP B 646 38.99 22.83 62.62
N GLY B 647 40.12 22.88 61.93
CA GLY B 647 41.30 22.17 62.38
C GLY B 647 41.12 20.68 62.43
N ILE B 648 40.57 20.11 61.36
CA ILE B 648 40.16 18.71 61.32
C ILE B 648 40.92 17.99 60.21
N ASP B 649 42.19 18.36 60.04
CA ASP B 649 43.05 17.85 58.97
C ASP B 649 42.85 16.35 58.73
N GLY B 650 42.91 15.98 57.46
CA GLY B 650 42.46 14.69 56.97
C GLY B 650 43.02 13.44 57.63
N HIS B 651 43.97 13.59 58.54
CA HIS B 651 44.49 12.42 59.24
C HIS B 651 43.41 11.73 60.08
N GLN B 652 42.31 12.42 60.35
CA GLN B 652 41.19 11.86 61.09
C GLN B 652 40.03 11.44 60.19
N LEU B 653 39.64 12.30 59.25
CA LEU B 653 38.51 12.01 58.37
C LEU B 653 38.81 10.82 57.48
N THR B 654 37.74 10.15 57.06
CA THR B 654 37.86 8.99 56.17
C THR B 654 36.62 8.94 55.30
N VAL B 655 36.82 8.64 54.02
CA VAL B 655 35.76 8.60 53.02
C VAL B 655 35.68 7.19 52.46
N GLU B 656 34.48 6.60 52.49
CA GLU B 656 34.24 5.28 51.93
C GLU B 656 33.46 5.42 50.64
N ILE B 657 33.83 4.63 49.63
CA ILE B 657 33.25 4.73 48.31
C ILE B 657 32.58 3.42 47.94
N THR B 658 31.60 3.52 47.06
CA THR B 658 30.85 2.36 46.61
C THR B 658 31.73 1.47 45.74
N GLU B 659 31.43 0.16 45.77
CA GLU B 659 32.16 -0.80 44.94
C GLU B 659 32.14 -0.42 43.46
N SER B 660 30.99 0.06 42.96
CA SER B 660 30.87 0.36 41.54
C SER B 660 31.78 1.52 41.13
N MET B 661 32.22 2.33 42.09
CA MET B 661 33.10 3.46 41.76
C MET B 661 34.41 2.98 41.17
N MET B 662 35.00 1.93 41.76
CA MET B 662 36.24 1.39 41.21
C MET B 662 35.99 0.60 39.94
N MET B 663 34.76 0.12 39.74
CA MET B 663 34.43 -0.56 38.49
C MET B 663 34.54 0.39 37.30
N GLU B 664 34.08 1.63 37.48
CA GLU B 664 34.21 2.63 36.43
C GLU B 664 35.67 3.05 36.26
N HIS B 665 36.02 3.44 35.04
CA HIS B 665 37.38 3.83 34.68
C HIS B 665 37.36 5.24 34.14
N ASP B 666 37.61 6.23 35.01
CA ASP B 666 37.66 7.63 34.62
C ASP B 666 38.98 8.20 35.10
N THR B 667 39.75 8.80 34.17
CA THR B 667 41.04 9.38 34.54
C THR B 667 40.86 10.55 35.49
N GLU B 668 39.87 11.40 35.23
CA GLU B 668 39.64 12.55 36.11
C GLU B 668 39.24 12.11 37.52
N ILE B 669 38.39 11.08 37.61
CA ILE B 669 37.99 10.58 38.92
C ILE B 669 39.19 10.01 39.66
N PHE B 670 40.00 9.22 38.97
CA PHE B 670 41.18 8.63 39.62
C PHE B 670 42.16 9.70 40.08
N LYS B 671 42.39 10.72 39.25
CA LYS B 671 43.28 11.80 39.64
C LYS B 671 42.74 12.55 40.85
N ARG B 672 41.43 12.81 40.88
CA ARG B 672 40.83 13.52 42.01
C ARG B 672 40.96 12.71 43.29
N ILE B 673 40.85 11.38 43.17
CA ILE B 673 41.08 10.52 44.33
C ILE B 673 42.51 10.66 44.82
N GLN B 674 43.48 10.64 43.89
CA GLN B 674 44.88 10.77 44.27
C GLN B 674 45.16 12.12 44.91
N ILE B 675 44.57 13.18 44.37
CA ILE B 675 44.70 14.50 44.99
C ILE B 675 44.07 14.49 46.38
N LEU B 676 42.89 13.88 46.51
CA LEU B 676 42.23 13.80 47.81
C LEU B 676 43.06 12.98 48.78
N ARG B 677 43.61 11.85 48.33
CA ARG B 677 44.36 10.98 49.22
C ARG B 677 45.63 11.65 49.72
N ASP B 678 46.28 12.45 48.86
CA ASP B 678 47.53 13.10 49.25
C ASP B 678 47.31 14.09 50.38
N MET B 679 46.07 14.53 50.60
CA MET B 679 45.79 15.45 51.70
C MET B 679 45.95 14.76 53.05
N GLY B 680 45.75 13.45 53.10
CA GLY B 680 45.88 12.72 54.35
C GLY B 680 44.64 11.91 54.68
N VAL B 681 43.51 12.24 54.05
CA VAL B 681 42.27 11.51 54.31
C VAL B 681 42.38 10.10 53.76
N GLY B 682 41.91 9.13 54.55
CA GLY B 682 41.97 7.74 54.14
C GLY B 682 40.93 7.41 53.10
N LEU B 683 41.04 6.19 52.58
CA LEU B 683 40.09 5.67 51.61
C LEU B 683 39.68 4.27 52.01
N SER B 684 38.38 4.01 51.95
CA SER B 684 37.82 2.71 52.33
C SER B 684 36.92 2.23 51.20
N VAL B 685 36.97 0.92 50.94
CA VAL B 685 36.19 0.32 49.86
C VAL B 685 35.32 -0.76 50.47
N ASP B 686 34.01 -0.66 50.22
CA ASP B 686 33.04 -1.63 50.71
C ASP B 686 32.66 -2.60 49.60
N ASP B 687 32.27 -3.80 50.01
CA ASP B 687 31.86 -4.87 49.10
C ASP B 687 32.97 -5.30 48.15
N PHE B 688 34.22 -4.97 48.51
CA PHE B 688 35.42 -5.36 47.76
C PHE B 688 35.30 -4.78 46.34
N GLY B 689 35.51 -5.57 45.29
CA GLY B 689 35.41 -5.08 43.93
C GLY B 689 35.09 -6.22 42.98
N THR B 690 35.06 -5.88 41.69
CA THR B 690 34.85 -6.91 40.67
C THR B 690 35.97 -7.93 40.69
N GLY B 691 37.22 -7.46 40.85
CA GLY B 691 38.35 -8.35 40.92
C GLY B 691 39.43 -7.80 41.83
N PHE B 692 40.20 -8.73 42.39
CA PHE B 692 41.33 -8.33 43.23
C PHE B 692 42.39 -7.61 42.42
N SER B 693 42.45 -7.88 41.11
CA SER B 693 43.36 -7.15 40.24
C SER B 693 43.00 -5.66 40.21
N GLY B 694 41.71 -5.36 40.24
CA GLY B 694 41.30 -3.96 40.32
C GLY B 694 41.78 -3.29 41.59
N LEU B 695 41.74 -4.02 42.71
CA LEU B 695 42.32 -3.50 43.94
C LEU B 695 43.82 -3.29 43.82
N SER B 696 44.51 -4.17 43.08
CA SER B 696 45.92 -3.96 42.79
C SER B 696 46.12 -2.71 41.96
N ARG B 697 45.25 -2.48 40.98
CA ARG B 697 45.24 -1.19 40.30
C ARG B 697 44.87 -0.08 41.28
N LEU B 698 43.93 -0.35 42.19
CA LEU B 698 43.56 0.61 43.20
C LEU B 698 44.67 0.86 44.21
N VAL B 699 45.70 0.01 44.23
CA VAL B 699 46.86 0.27 45.09
C VAL B 699 47.51 1.59 44.70
N SER B 700 47.55 1.89 43.39
CA SER B 700 48.03 3.20 42.95
C SER B 700 47.14 4.33 43.43
N LEU B 701 45.91 4.03 43.84
CA LEU B 701 45.01 5.00 44.47
C LEU B 701 44.89 4.64 45.94
N PRO B 702 45.85 5.06 46.78
CA PRO B 702 46.03 4.43 48.11
C PRO B 702 44.76 4.28 48.93
N VAL B 703 44.55 3.07 49.43
CA VAL B 703 43.44 2.78 50.32
C VAL B 703 44.00 2.43 51.69
N THR B 704 43.13 2.46 52.70
CA THR B 704 43.57 2.19 54.06
C THR B 704 42.71 1.11 54.71
N GLU B 705 41.46 1.00 54.28
CA GLU B 705 40.53 0.06 54.89
C GLU B 705 39.80 -0.73 53.81
N ILE B 706 39.42 -1.95 54.15
CA ILE B 706 38.56 -2.78 53.31
C ILE B 706 37.45 -3.32 54.20
N LYS B 707 36.20 -3.18 53.75
CA LYS B 707 35.04 -3.56 54.54
C LYS B 707 34.39 -4.80 53.94
N ILE B 708 34.08 -5.76 54.78
CA ILE B 708 33.37 -6.96 54.37
C ILE B 708 31.87 -6.72 54.49
N ASP B 709 31.11 -7.15 53.48
CA ASP B 709 29.68 -6.93 53.46
C ASP B 709 28.98 -7.79 54.50
N LYS B 710 27.81 -7.31 54.94
CA LYS B 710 27.05 -8.04 55.94
C LYS B 710 26.56 -9.38 55.40
N SER B 711 26.17 -9.41 54.12
CA SER B 711 25.66 -10.64 53.54
C SER B 711 26.71 -11.76 53.58
N PHE B 712 27.97 -11.41 53.30
CA PHE B 712 29.04 -12.40 53.39
C PHE B 712 29.20 -12.92 54.82
N VAL B 713 29.15 -12.02 55.80
CA VAL B 713 29.32 -12.44 57.19
C VAL B 713 28.14 -13.30 57.64
N ASP B 714 26.92 -12.91 57.25
CA ASP B 714 25.73 -13.65 57.64
C ASP B 714 25.68 -15.06 57.07
N ARG B 715 26.42 -15.33 55.99
CA ARG B 715 26.49 -16.67 55.41
C ARG B 715 27.82 -17.36 55.66
N CYS B 716 28.62 -16.87 56.61
CA CYS B 716 29.97 -17.40 56.79
C CYS B 716 29.94 -18.82 57.34
N LEU B 717 29.16 -19.07 58.38
CA LEU B 717 29.19 -20.37 59.04
C LEU B 717 28.50 -21.43 58.19
N THR B 718 27.47 -21.04 57.43
CA THR B 718 26.75 -22.00 56.60
C THR B 718 27.62 -22.49 55.45
N GLU B 719 28.28 -21.56 54.75
CA GLU B 719 29.13 -21.89 53.60
C GLU B 719 30.58 -21.85 54.05
N LYS B 720 31.17 -23.02 54.27
CA LYS B 720 32.56 -23.10 54.72
C LYS B 720 33.54 -22.72 53.62
N ARG B 721 33.08 -22.66 52.37
CA ARG B 721 34.00 -22.34 51.27
C ARG B 721 34.37 -20.86 51.26
N ILE B 722 33.47 -19.99 51.72
CA ILE B 722 33.70 -18.56 51.66
C ILE B 722 34.60 -18.12 52.80
N LEU B 723 34.97 -19.07 53.67
CA LEU B 723 35.94 -18.76 54.71
C LEU B 723 37.28 -18.36 54.12
N ALA B 724 37.65 -18.94 52.97
CA ALA B 724 38.92 -18.61 52.35
C ALA B 724 38.95 -17.16 51.85
N LEU B 725 37.79 -16.63 51.44
CA LEU B 725 37.69 -15.23 51.08
C LEU B 725 38.23 -14.35 52.21
N LEU B 726 37.60 -14.43 53.38
CA LEU B 726 38.06 -13.65 54.52
C LEU B 726 39.51 -13.99 54.87
N GLU B 727 39.87 -15.27 54.79
CA GLU B 727 41.26 -15.66 55.02
C GLU B 727 42.19 -15.00 54.01
N ALA B 728 41.81 -15.01 52.74
CA ALA B 728 42.63 -14.34 51.73
C ALA B 728 42.57 -12.83 51.88
N ILE B 729 41.38 -12.29 52.15
CA ILE B 729 41.21 -10.85 52.26
C ILE B 729 42.03 -10.31 53.44
N THR B 730 41.98 -11.01 54.57
CA THR B 730 42.83 -10.64 55.70
C THR B 730 44.31 -10.80 55.35
N SER B 731 44.65 -11.86 54.62
CA SER B 731 46.04 -12.11 54.25
C SER B 731 46.61 -10.93 53.46
N ILE B 732 45.79 -10.31 52.62
CA ILE B 732 46.22 -9.09 51.92
C ILE B 732 46.38 -7.96 52.93
N GLY B 733 45.66 -8.04 54.06
CA GLY B 733 45.72 -6.96 55.03
C GLY B 733 47.12 -6.74 55.58
N GLN B 734 47.79 -7.81 55.99
CA GLN B 734 49.17 -7.69 56.42
C GLN B 734 50.16 -7.80 55.27
N SER B 735 49.70 -8.16 54.08
CA SER B 735 50.58 -8.20 52.92
C SER B 735 51.05 -6.81 52.52
N LEU B 736 50.14 -5.82 52.54
CA LEU B 736 50.47 -4.47 52.15
C LEU B 736 49.89 -3.44 53.12
N ASN B 737 49.81 -3.80 54.40
CA ASN B 737 49.45 -2.86 55.48
C ASN B 737 48.06 -2.27 55.28
N LEU B 738 47.05 -3.14 55.35
CA LEU B 738 45.66 -2.75 55.26
C LEU B 738 44.88 -3.28 56.46
N THR B 739 43.83 -2.56 56.83
CA THR B 739 42.93 -2.94 57.90
C THR B 739 41.63 -3.44 57.30
N VAL B 740 41.21 -4.65 57.68
CA VAL B 740 39.97 -5.24 57.21
C VAL B 740 38.88 -5.00 58.25
N VAL B 741 37.71 -4.57 57.78
CA VAL B 741 36.59 -4.22 58.65
C VAL B 741 35.48 -5.22 58.36
N ALA B 742 34.94 -5.83 59.42
CA ALA B 742 33.84 -6.78 59.29
C ALA B 742 32.56 -6.08 59.72
N GLU B 743 31.64 -5.90 58.78
CA GLU B 743 30.39 -5.21 59.02
C GLU B 743 29.25 -6.22 59.19
N GLY B 744 28.45 -6.02 60.22
CA GLY B 744 27.26 -6.84 60.43
C GLY B 744 27.46 -8.12 61.22
N VAL B 745 27.96 -8.01 62.45
CA VAL B 745 28.01 -9.15 63.35
C VAL B 745 26.93 -8.97 64.41
N GLU B 746 26.37 -10.08 64.86
CA GLU B 746 25.25 -10.05 65.79
C GLU B 746 25.40 -10.96 67.00
N THR B 747 26.25 -11.99 66.94
CA THR B 747 26.34 -12.98 68.00
C THR B 747 27.79 -13.25 68.33
N LYS B 748 28.01 -13.80 69.53
CA LYS B 748 29.36 -14.10 69.99
C LYS B 748 30.03 -15.16 69.14
N GLU B 749 29.29 -16.18 68.70
CA GLU B 749 29.89 -17.26 67.92
C GLU B 749 30.45 -16.73 66.61
N GLN B 750 29.76 -15.77 65.99
CA GLN B 750 30.28 -15.17 64.77
C GLN B 750 31.57 -14.41 65.04
N PHE B 751 31.64 -13.71 66.18
CA PHE B 751 32.82 -12.93 66.51
C PHE B 751 34.04 -13.82 66.72
N GLU B 752 33.87 -14.94 67.43
CA GLU B 752 35.00 -15.82 67.70
C GLU B 752 35.43 -16.57 66.46
N MET B 753 34.50 -16.88 65.55
CA MET B 753 34.87 -17.58 64.32
C MET B 753 35.63 -16.67 63.37
N LEU B 754 35.50 -15.36 63.53
CA LEU B 754 36.31 -14.41 62.77
C LEU B 754 37.61 -14.05 63.49
N ARG B 755 37.81 -14.54 64.72
CA ARG B 755 39.00 -14.20 65.46
C ARG B 755 40.21 -14.97 64.95
N LYS B 756 40.01 -16.23 64.56
CA LYS B 756 41.13 -17.04 64.07
C LYS B 756 41.70 -16.47 62.77
N ILE B 757 40.82 -16.01 61.88
CA ILE B 757 41.27 -15.34 60.66
C ILE B 757 41.94 -14.01 60.96
N HIS B 758 41.82 -13.52 62.20
CA HIS B 758 42.48 -12.30 62.66
C HIS B 758 41.96 -11.07 61.90
N CYS B 759 40.64 -10.89 61.92
CA CYS B 759 40.06 -9.66 61.42
C CYS B 759 40.52 -8.50 62.29
N ARG B 760 40.95 -7.41 61.64
CA ARG B 760 41.55 -6.31 62.38
C ARG B 760 40.52 -5.64 63.30
N VAL B 761 39.36 -5.29 62.77
CA VAL B 761 38.33 -4.58 63.52
C VAL B 761 36.97 -5.16 63.20
N ILE B 762 36.02 -4.93 64.11
CA ILE B 762 34.66 -5.44 64.01
C ILE B 762 33.67 -4.31 64.24
N GLN B 763 32.64 -4.23 63.41
CA GLN B 763 31.58 -3.24 63.52
C GLN B 763 30.24 -3.94 63.38
N GLY B 764 29.43 -3.91 64.43
CA GLY B 764 28.15 -4.58 64.39
C GLY B 764 27.40 -4.40 65.69
N TYR B 765 26.19 -4.98 65.72
CA TYR B 765 25.32 -4.88 66.89
C TYR B 765 25.88 -5.59 68.11
N PHE B 766 26.80 -6.54 67.92
CA PHE B 766 27.33 -7.30 69.05
C PHE B 766 28.06 -6.38 70.04
N PHE B 767 28.57 -5.25 69.57
CA PHE B 767 29.27 -4.31 70.43
C PHE B 767 28.44 -3.07 70.74
N SER B 768 27.88 -2.41 69.73
CA SER B 768 27.07 -1.22 69.96
C SER B 768 26.16 -0.97 68.77
N ARG B 769 24.95 -0.53 69.05
CA ARG B 769 24.02 -0.06 68.04
C ARG B 769 24.42 1.32 67.55
N PRO B 770 23.94 1.74 66.39
CA PRO B 770 24.18 3.13 65.95
C PRO B 770 23.65 4.11 66.99
N LEU B 771 24.56 4.85 67.59
CA LEU B 771 24.22 5.68 68.74
C LEU B 771 23.92 7.10 68.32
N PRO B 772 22.83 7.68 68.82
CA PRO B 772 22.63 9.13 68.64
C PRO B 772 23.78 9.91 69.24
N ALA B 773 24.06 11.07 68.63
CA ALA B 773 25.27 11.81 68.93
C ALA B 773 25.34 12.32 70.36
N GLU B 774 24.20 12.41 71.06
CA GLU B 774 24.20 13.03 72.38
C GLU B 774 24.85 12.18 73.46
N GLU B 775 24.92 10.86 73.29
CA GLU B 775 25.49 9.98 74.30
C GLU B 775 26.77 9.30 73.82
N ILE B 776 27.33 9.74 72.70
CA ILE B 776 28.67 9.28 72.31
C ILE B 776 29.71 9.54 73.39
N PRO B 777 29.81 10.75 73.96
CA PRO B 777 30.80 10.94 75.05
C PRO B 777 30.57 10.03 76.24
N GLY B 778 29.31 9.77 76.60
CA GLY B 778 29.05 8.88 77.71
C GLY B 778 29.47 7.45 77.44
N TRP B 779 29.31 7.01 76.19
CA TRP B 779 29.69 5.64 75.83
C TRP B 779 31.19 5.47 75.83
N MET B 780 31.94 6.52 75.48
CA MET B 780 33.39 6.42 75.42
C MET B 780 33.99 6.14 76.80
N SER B 781 33.51 6.85 77.82
CA SER B 781 34.13 6.79 79.13
C SER B 781 33.53 5.73 80.04
N SER B 782 32.49 5.02 79.59
CA SER B 782 31.82 4.06 80.45
C SER B 782 31.98 2.61 80.01
N VAL B 783 32.15 2.35 78.71
CA VAL B 783 32.25 0.99 78.19
C VAL B 783 33.68 0.64 77.81
N LEU B 784 34.36 1.54 77.11
CA LEU B 784 35.71 1.26 76.64
C LEU B 784 36.68 1.13 77.81
N PRO B 785 37.58 0.14 77.79
CA PRO B 785 37.62 -0.94 76.78
C PRO B 785 36.64 -2.06 77.10
N LEU B 786 36.11 -2.72 76.09
CA LEU B 786 35.16 -3.80 76.29
C LEU B 786 35.82 -5.10 76.71
N LYS B 787 37.14 -5.21 76.55
CA LYS B 787 37.89 -6.39 76.99
C LYS B 787 37.32 -7.67 76.39
N ILE B 788 36.83 -7.56 75.14
CA ILE B 788 36.29 -8.70 74.40
C ILE B 788 35.14 -9.36 75.15
CHA HEM C . -53.12 -0.37 -68.35
CHB HEM C . -52.66 4.33 -67.24
CHC HEM C . -57.37 5.04 -68.01
CHD HEM C . -57.66 0.54 -69.68
C1A HEM C . -52.56 0.86 -68.09
C2A HEM C . -51.14 1.20 -68.12
C3A HEM C . -51.04 2.50 -67.81
C4A HEM C . -52.36 3.03 -67.57
CMA HEM C . -49.72 3.29 -67.72
CAA HEM C . -49.95 0.28 -68.44
CBA HEM C . -49.94 -1.01 -67.61
CGA HEM C . -50.26 -0.73 -66.16
O1A HEM C . -49.88 0.34 -65.64
O2A HEM C . -50.88 -1.62 -65.51
C1B HEM C . -53.90 4.92 -67.28
C2B HEM C . -54.23 6.26 -66.84
C3B HEM C . -55.54 6.46 -67.05
C4B HEM C . -56.06 5.24 -67.64
CMB HEM C . -53.20 7.23 -66.23
CAB HEM C . -56.42 7.69 -66.77
CBB HEM C . -55.96 8.86 -66.27
C1C HEM C . -57.89 3.83 -68.41
C2C HEM C . -59.29 3.45 -68.39
C3C HEM C . -59.37 2.21 -68.85
C4C HEM C . -58.03 1.76 -69.18
CMC HEM C . -60.49 4.31 -67.94
CAC HEM C . -60.70 1.44 -68.99
CBC HEM C . -60.75 0.17 -69.41
C1D HEM C . -56.49 -0.12 -69.42
C2D HEM C . -56.24 -1.53 -69.64
C3D HEM C . -54.99 -1.79 -69.27
C4D HEM C . -54.39 -0.55 -68.81
CMD HEM C . -57.27 -2.53 -70.19
CAD HEM C . -54.34 -3.19 -69.35
CBD HEM C . -53.71 -3.62 -68.03
CGD HEM C . -52.95 -4.91 -68.23
O1D HEM C . -52.28 -5.38 -67.27
O2D HEM C . -53.02 -5.48 -69.36
NA HEM C . -53.27 2.01 -67.75
NB HEM C . -55.05 4.33 -67.77
NC HEM C . -57.15 2.78 -68.88
ND HEM C . -55.34 0.45 -68.91
FE HEM C . -55.19 2.42 -68.37
O1 OXY D . -56.48 1.83 -65.08
O2 OXY D . -57.37 2.51 -65.53
P1 C2E E . 49.35 -21.14 26.67
O2P C2E E . 48.30 -22.10 27.17
O1P C2E E . 49.83 -20.09 27.63
O5' C2E E . 50.61 -22.00 26.15
C5' C2E E . 51.88 -21.81 26.81
C4' C2E E . 52.76 -20.96 25.94
O4' C2E E . 53.78 -20.32 26.77
C3' C2E E . 53.52 -21.70 24.84
O3' C2E E . 53.54 -20.93 23.65
C2' C2E E . 54.91 -21.86 25.44
O2' C2E E . 55.93 -22.00 24.47
C1' C2E E . 55.05 -20.54 26.20
N9 C2E E . 56.03 -20.57 27.28
C8 C2E E . 56.13 -21.50 28.27
N7 C2E E . 57.12 -21.25 29.11
C5 C2E E . 57.70 -20.08 28.62
C6 C2E E . 58.80 -19.35 29.11
O6 C2E E . 59.50 -19.59 30.10
N1 C2E E . 59.05 -18.23 28.32
C2 C2E E . 58.34 -17.87 27.21
N2 C2E E . 58.74 -16.76 26.57
N3 C2E E . 57.31 -18.56 26.74
C4 C2E E . 57.04 -19.65 27.49
P11 C2E E . 52.90 -21.73 22.42
O21 C2E E . 53.32 -23.17 22.50
O11 C2E E . 53.17 -20.98 21.15
O5A C2E E . 51.32 -21.66 22.74
C5A C2E E . 50.67 -20.38 22.68
C4A C2E E . 49.20 -20.56 22.92
O4A C2E E . 48.65 -21.41 21.89
C3A C2E E . 48.82 -21.29 24.20
O3A C2E E . 48.86 -20.41 25.33
C2A C2E E . 47.39 -21.69 23.87
O2A C2E E . 46.48 -20.63 24.11
C1A C2E E . 47.47 -21.99 22.37
N91 C2E E . 47.49 -23.42 22.10
C81 C2E E . 48.60 -24.21 21.91
N71 C2E E . 48.30 -25.46 21.69
C51 C2E E . 46.91 -25.50 21.74
C61 C2E E . 46.02 -26.59 21.57
O61 C2E E . 46.30 -27.78 21.35
N11 C2E E . 44.69 -26.19 21.70
C21 C2E E . 44.27 -24.90 21.95
N21 C2E E . 42.96 -24.71 22.03
N31 C2E E . 45.11 -23.87 22.11
C41 C2E E . 46.40 -24.25 21.99
MG MG F . 47.15 -23.02 28.37
MG MG G . 47.71 -17.92 29.43
CHA HEM H . -71.27 4.01 -38.27
CHB HEM H . -67.99 0.52 -37.71
CHC HEM H . -70.62 -2.31 -40.59
CHD HEM H . -73.41 1.44 -41.80
C1A HEM H . -70.18 3.32 -37.83
C2A HEM H . -69.19 3.79 -36.88
C3A HEM H . -68.28 2.82 -36.73
C4A HEM H . -68.67 1.71 -37.58
CMA HEM H . -67.06 2.88 -35.80
CAA HEM H . -69.16 5.14 -36.15
CBA HEM H . -69.12 6.31 -37.13
CGA HEM H . -67.89 6.27 -37.99
O1A HEM H . -66.91 5.57 -37.63
O2A HEM H . -67.88 6.94 -39.06
C1B HEM H . -68.40 -0.53 -38.49
C2B HEM H . -67.63 -1.73 -38.75
C3B HEM H . -68.36 -2.51 -39.55
C4B HEM H . -69.61 -1.83 -39.81
CMB HEM H . -66.22 -1.96 -38.16
CAB HEM H . -68.03 -3.91 -40.13
CBB HEM H . -66.95 -4.64 -39.83
C1C HEM H . -71.54 -1.53 -41.25
C2C HEM H . -72.31 -1.92 -42.40
C3C HEM H . -73.09 -0.89 -42.75
C4C HEM H . -72.83 0.20 -41.82
CMC HEM H . -72.25 -3.29 -43.11
CAC HEM H . -74.07 -0.94 -43.95
CBC HEM H . -74.76 0.13 -44.34
C1D HEM H . -73.06 2.47 -40.96
C2D HEM H . -73.58 3.82 -41.00
C3D HEM H . -72.99 4.53 -40.04
C4D HEM H . -72.07 3.66 -39.34
CMD HEM H . -74.63 4.34 -41.99
CAD HEM H . -73.28 6.02 -39.73
CBD HEM H . -72.01 6.86 -39.84
CGD HEM H . -72.22 8.21 -39.21
O1D HEM H . -71.22 8.95 -39.03
O2D HEM H . -73.38 8.55 -38.89
NA HEM H . -69.82 2.05 -38.24
NB HEM H . -69.60 -0.62 -39.15
NC HEM H . -71.88 -0.24 -40.92
ND HEM H . -72.14 2.41 -39.93
FE HEM H . -70.87 0.89 -39.55
O1 OXY I . -68.77 1.87 -41.88
O2 OXY I . -69.02 0.72 -42.15
P1 C2E J . 26.51 1.22 54.97
O2P C2E J . 27.58 2.13 54.48
O1P C2E J . 26.86 -0.23 55.15
O5' C2E J . 25.96 1.78 56.37
C5' C2E J . 25.99 0.90 57.53
C4' C2E J . 24.67 0.20 57.64
O4' C2E J . 24.86 -1.09 58.26
C3' C2E J . 23.62 0.93 58.49
O3' C2E J . 22.35 0.80 57.86
C2' C2E J . 23.66 0.16 59.82
O2' C2E J . 22.45 0.24 60.53
C1' C2E J . 23.93 -1.25 59.30
N9 C2E J . 24.49 -2.17 60.29
C8 C2E J . 25.77 -2.16 60.79
N7 C2E J . 25.99 -3.12 61.66
C5 C2E J . 24.79 -3.81 61.71
C6 C2E J . 24.43 -4.94 62.47
O6 C2E J . 25.12 -5.59 63.26
N1 C2E J . 23.11 -5.32 62.23
C2 C2E J . 22.25 -4.68 61.37
N2 C2E J . 21.01 -5.19 61.27
N3 C2E J . 22.58 -3.61 60.66
C4 C2E J . 23.86 -3.24 60.88
P11 C2E J . 21.68 2.24 57.60
O21 C2E J . 22.67 3.33 57.91
O11 C2E J . 20.34 2.29 58.29
O5A C2E J . 21.43 2.25 56.02
C5A C2E J . 22.30 1.43 55.20
C4A C2E J . 22.96 2.26 54.13
O4A C2E J . 22.46 3.62 54.11
C3A C2E J . 24.45 2.48 54.29
O3A C2E J . 25.21 1.31 54.02
C2A C2E J . 24.64 3.54 53.20
O2A C2E J . 24.69 2.98 51.91
C1A C2E J . 23.38 4.39 53.37
N91 C2E J . 23.65 5.65 54.05
C81 C2E J . 23.47 5.95 55.38
N71 C2E J . 23.86 7.16 55.69
C51 C2E J . 24.32 7.69 54.50
C61 C2E J . 24.85 8.97 54.20
O61 C2E J . 25.03 9.92 54.98
N11 C2E J . 25.20 9.09 52.86
C21 C2E J . 25.06 8.11 51.92
N21 C2E J . 25.45 8.41 50.67
N31 C2E J . 24.55 6.90 52.18
C41 C2E J . 24.21 6.77 53.48
MG MG K . 29.39 2.39 55.11
MG MG L . 28.86 -1.69 54.27
#